data_1OWZ
# 
_entry.id   1OWZ 
# 
_audit_conform.dict_name       mmcif_pdbx.dic 
_audit_conform.dict_version    5.376 
_audit_conform.dict_location   http://mmcif.pdb.org/dictionaries/ascii/mmcif_pdbx.dic 
# 
loop_
_database_2.database_id 
_database_2.database_code 
_database_2.pdbx_database_accession 
_database_2.pdbx_DOI 
PDB   1OWZ         pdb_00001owz 10.2210/pdb1owz/pdb 
RCSB  RCSB018756   ?            ?                   
WWPDB D_1000018756 ?            ?                   
# 
loop_
_pdbx_database_related.db_name 
_pdbx_database_related.db_id 
_pdbx_database_related.details 
_pdbx_database_related.content_type 
PDB 1LGU 'T4 Lysozyme Mutant L99A/M102Q'                                             unspecified 
PDB 1LGW 'T4 Lysozyme Mutant L99A/M102Q Bound By 2-Fluoroaniline'                    unspecified 
PDB 1LGX 'T4 Lysozyme Mutant L99A/M102Q Bound By 3,5-Difluoroaniline'                unspecified 
PDB 1LI2 'T4 Lysozyme Mutant L99A/M102Q Bound By Phenol'                             unspecified 
PDB 1LI3 'T4 Lysozyme Mutant L99A/M102Q Bound By 3-Chlorophenol'                     unspecified 
PDB 1LI6 'T4 Lysozyme Mutant L99A/M102Q Bound By 5-Methylpyrrole'                    unspecified 
PDB 1OV5 'T4 Lysozyme Cavity Mutant L99a/M102Q Bound With 2-Allylphenol'             unspecified 
PDB 1OV7 'T4 Lysozyme Cavity Mutant L99A/M102Q Bound with 2-Allyl-6-Methyl-Phenol'   unspecified 
PDB 1OVH 'T4 Lysozyme Cavity Mutant L99A/M102Q Bound With 2-Chloro-6-Methyl-Aniline' unspecified 
PDB 1OVJ 'T4 Lysozyme Cavity Mutant L99A/M102Q Bound with 3-Fluoro-2-Methyl_Aniline' unspecified 
PDB 1OVK 'T4 Lysozyme Cavity Mutant L99A/M102Q Bound with N-Allyl-Aniline'           unspecified 
PDB 1OWY 'T4 Lysozyme Cavity Mutant L99A/M102Q Bound With 2-Propyl-Aniline'          unspecified 
# 
_pdbx_database_status.status_code                     REL 
_pdbx_database_status.entry_id                        1OWZ 
_pdbx_database_status.recvd_initial_deposition_date   2003-03-31 
_pdbx_database_status.deposit_site                    RCSB 
_pdbx_database_status.process_site                    RCSB 
_pdbx_database_status.status_code_sf                  REL 
_pdbx_database_status.SG_entry                        . 
_pdbx_database_status.pdb_format_compatible           Y 
_pdbx_database_status.status_code_mr                  ? 
_pdbx_database_status.status_code_cs                  ? 
_pdbx_database_status.status_code_nmr_data            ? 
_pdbx_database_status.methods_development_category    ? 
# 
loop_
_audit_author.name 
_audit_author.pdbx_ordinal 
'Wei, B.Q.'      1 
'Baase, W.A.'    2 
'Weaver, L.H.'   3 
'Matthews, B.W.' 4 
'Shoichet, B.K.' 5 
# 
loop_
_citation.id 
_citation.title 
_citation.journal_abbrev 
_citation.journal_volume 
_citation.page_first 
_citation.page_last 
_citation.year 
_citation.journal_id_ASTM 
_citation.country 
_citation.journal_id_ISSN 
_citation.journal_id_CSD 
_citation.book_publisher 
_citation.pdbx_database_id_PubMed 
_citation.pdbx_database_id_DOI 
primary 'Testing a Flexible-receptor Docking Algorithm in a Model Binding Site'   J.Mol.Biol. 337 1161 1182 2004 JMOBAK UK 
0022-2836 0070 ? 15046985 10.1016/j.jmb.2004.02.015       
1       'A Model Binding Site for Testing Scoring Functions in Molecular Docking' J.Mol.Biol. 322 339  355  2002 JMOBAK UK 
0022-2836 0070 ? ?        '10.1016/S0022-2836(02)00777-5' 
# 
loop_
_citation_author.citation_id 
_citation_author.name 
_citation_author.ordinal 
_citation_author.identifier_ORCID 
primary 'Wei, B.Q.'      1  ? 
primary 'Weaver, L.H.'   2  ? 
primary 'Ferrari, A.M.'  3  ? 
primary 'Matthews, B.W.' 4  ? 
primary 'Shoichet, B.K.' 5  ? 
1       'Wei, B.Q.'      6  ? 
1       'Baase, W.A.'    7  ? 
1       'Weaver, L.H.'   8  ? 
1       'Matthews, B.W.' 9  ? 
1       'Shoichet, B.K.' 10 ? 
# 
_cell.entry_id           1OWZ 
_cell.length_a           60.800 
_cell.length_b           60.800 
_cell.length_c           97.200 
_cell.angle_alpha        90.00 
_cell.angle_beta         90.00 
_cell.angle_gamma        120.00 
_cell.Z_PDB              6 
_cell.pdbx_unique_axis   ? 
# 
_symmetry.entry_id                         1OWZ 
_symmetry.space_group_name_H-M             'P 32 2 1' 
_symmetry.pdbx_full_space_group_name_H-M   ? 
_symmetry.Int_Tables_number                154 
_symmetry.cell_setting                     ? 
# 
loop_
_entity.id 
_entity.type 
_entity.src_method 
_entity.pdbx_description 
_entity.formula_weight 
_entity.pdbx_number_of_molecules 
_entity.pdbx_ec 
_entity.pdbx_mutation 
_entity.pdbx_fragment 
_entity.details 
1 polymer     man Lysozyme                    18617.320 1  3.2.1.17 'L99A, M102Q' ? ? 
2 non-polymer syn 'CHLORIDE ION'              35.453    2  ?        ?             ? ? 
3 non-polymer syn BETA-MERCAPTOETHANOL        78.133    3  ?        ?             ? ? 
4 non-polymer syn '4-FLUOROPHENETHYL ALCOHOL' 140.155   1  ?        ?             ? ? 
5 water       nat water                       18.015    61 ?        ?             ? ? 
# 
_entity_name_com.entity_id   1 
_entity_name_com.name        'Lysis protein, Muramidase, Endolysin' 
# 
_entity_poly.entity_id                      1 
_entity_poly.type                           'polypeptide(L)' 
_entity_poly.nstd_linkage                   no 
_entity_poly.nstd_monomer                   no 
_entity_poly.pdbx_seq_one_letter_code       
;MNIFEMLRIDEGLRLKIYKDTEGYYTIGIGHLLTKSPSLNAAKSELDKAIGRNCNGVITKDEAEKLFNQDVDAAVRGILR
NAKLKPVYDSLDAVRRCAAINQVFQMGETGVAGFTNSLRMLQQKRWDEAAVNLAKSRWYNQTPNRAKRVITTFRTGTWDA
YKNL
;
_entity_poly.pdbx_seq_one_letter_code_can   
;MNIFEMLRIDEGLRLKIYKDTEGYYTIGIGHLLTKSPSLNAAKSELDKAIGRNCNGVITKDEAEKLFNQDVDAAVRGILR
NAKLKPVYDSLDAVRRCAAINQVFQMGETGVAGFTNSLRMLQQKRWDEAAVNLAKSRWYNQTPNRAKRVITTFRTGTWDA
YKNL
;
_entity_poly.pdbx_strand_id                 A 
_entity_poly.pdbx_target_identifier         ? 
# 
loop_
_entity_poly_seq.entity_id 
_entity_poly_seq.num 
_entity_poly_seq.mon_id 
_entity_poly_seq.hetero 
1 1   MET n 
1 2   ASN n 
1 3   ILE n 
1 4   PHE n 
1 5   GLU n 
1 6   MET n 
1 7   LEU n 
1 8   ARG n 
1 9   ILE n 
1 10  ASP n 
1 11  GLU n 
1 12  GLY n 
1 13  LEU n 
1 14  ARG n 
1 15  LEU n 
1 16  LYS n 
1 17  ILE n 
1 18  TYR n 
1 19  LYS n 
1 20  ASP n 
1 21  THR n 
1 22  GLU n 
1 23  GLY n 
1 24  TYR n 
1 25  TYR n 
1 26  THR n 
1 27  ILE n 
1 28  GLY n 
1 29  ILE n 
1 30  GLY n 
1 31  HIS n 
1 32  LEU n 
1 33  LEU n 
1 34  THR n 
1 35  LYS n 
1 36  SER n 
1 37  PRO n 
1 38  SER n 
1 39  LEU n 
1 40  ASN n 
1 41  ALA n 
1 42  ALA n 
1 43  LYS n 
1 44  SER n 
1 45  GLU n 
1 46  LEU n 
1 47  ASP n 
1 48  LYS n 
1 49  ALA n 
1 50  ILE n 
1 51  GLY n 
1 52  ARG n 
1 53  ASN n 
1 54  CYS n 
1 55  ASN n 
1 56  GLY n 
1 57  VAL n 
1 58  ILE n 
1 59  THR n 
1 60  LYS n 
1 61  ASP n 
1 62  GLU n 
1 63  ALA n 
1 64  GLU n 
1 65  LYS n 
1 66  LEU n 
1 67  PHE n 
1 68  ASN n 
1 69  GLN n 
1 70  ASP n 
1 71  VAL n 
1 72  ASP n 
1 73  ALA n 
1 74  ALA n 
1 75  VAL n 
1 76  ARG n 
1 77  GLY n 
1 78  ILE n 
1 79  LEU n 
1 80  ARG n 
1 81  ASN n 
1 82  ALA n 
1 83  LYS n 
1 84  LEU n 
1 85  LYS n 
1 86  PRO n 
1 87  VAL n 
1 88  TYR n 
1 89  ASP n 
1 90  SER n 
1 91  LEU n 
1 92  ASP n 
1 93  ALA n 
1 94  VAL n 
1 95  ARG n 
1 96  ARG n 
1 97  CYS n 
1 98  ALA n 
1 99  ALA n 
1 100 ILE n 
1 101 ASN n 
1 102 GLN n 
1 103 VAL n 
1 104 PHE n 
1 105 GLN n 
1 106 MET n 
1 107 GLY n 
1 108 GLU n 
1 109 THR n 
1 110 GLY n 
1 111 VAL n 
1 112 ALA n 
1 113 GLY n 
1 114 PHE n 
1 115 THR n 
1 116 ASN n 
1 117 SER n 
1 118 LEU n 
1 119 ARG n 
1 120 MET n 
1 121 LEU n 
1 122 GLN n 
1 123 GLN n 
1 124 LYS n 
1 125 ARG n 
1 126 TRP n 
1 127 ASP n 
1 128 GLU n 
1 129 ALA n 
1 130 ALA n 
1 131 VAL n 
1 132 ASN n 
1 133 LEU n 
1 134 ALA n 
1 135 LYS n 
1 136 SER n 
1 137 ARG n 
1 138 TRP n 
1 139 TYR n 
1 140 ASN n 
1 141 GLN n 
1 142 THR n 
1 143 PRO n 
1 144 ASN n 
1 145 ARG n 
1 146 ALA n 
1 147 LYS n 
1 148 ARG n 
1 149 VAL n 
1 150 ILE n 
1 151 THR n 
1 152 THR n 
1 153 PHE n 
1 154 ARG n 
1 155 THR n 
1 156 GLY n 
1 157 THR n 
1 158 TRP n 
1 159 ASP n 
1 160 ALA n 
1 161 TYR n 
1 162 LYS n 
1 163 ASN n 
1 164 LEU n 
# 
_entity_src_gen.entity_id                          1 
_entity_src_gen.pdbx_src_id                        1 
_entity_src_gen.pdbx_alt_source_flag               sample 
_entity_src_gen.pdbx_seq_type                      ? 
_entity_src_gen.pdbx_beg_seq_num                   ? 
_entity_src_gen.pdbx_end_seq_num                   ? 
_entity_src_gen.gene_src_common_name               ? 
_entity_src_gen.gene_src_genus                     'T4-like viruses' 
_entity_src_gen.pdbx_gene_src_gene                 ? 
_entity_src_gen.gene_src_species                   'Enterobacteria phage T4 sensu lato' 
_entity_src_gen.gene_src_strain                    ? 
_entity_src_gen.gene_src_tissue                    ? 
_entity_src_gen.gene_src_tissue_fraction           ? 
_entity_src_gen.gene_src_details                   ? 
_entity_src_gen.pdbx_gene_src_fragment             ? 
_entity_src_gen.pdbx_gene_src_scientific_name      'Enterobacteria phage T4' 
_entity_src_gen.pdbx_gene_src_ncbi_taxonomy_id     10665 
_entity_src_gen.pdbx_gene_src_variant              ? 
_entity_src_gen.pdbx_gene_src_cell_line            ? 
_entity_src_gen.pdbx_gene_src_atcc                 ? 
_entity_src_gen.pdbx_gene_src_organ                ? 
_entity_src_gen.pdbx_gene_src_organelle            ? 
_entity_src_gen.pdbx_gene_src_cell                 ? 
_entity_src_gen.pdbx_gene_src_cellular_location    ? 
_entity_src_gen.host_org_common_name               ? 
_entity_src_gen.pdbx_host_org_scientific_name      'Escherichia coli' 
_entity_src_gen.pdbx_host_org_ncbi_taxonomy_id     562 
_entity_src_gen.host_org_genus                     Escherichia 
_entity_src_gen.pdbx_host_org_gene                 ? 
_entity_src_gen.pdbx_host_org_organ                ? 
_entity_src_gen.host_org_species                   ? 
_entity_src_gen.pdbx_host_org_tissue               ? 
_entity_src_gen.pdbx_host_org_tissue_fraction      ? 
_entity_src_gen.pdbx_host_org_strain               ? 
_entity_src_gen.pdbx_host_org_variant              ? 
_entity_src_gen.pdbx_host_org_cell_line            ? 
_entity_src_gen.pdbx_host_org_atcc                 ? 
_entity_src_gen.pdbx_host_org_culture_collection   ? 
_entity_src_gen.pdbx_host_org_cell                 ? 
_entity_src_gen.pdbx_host_org_organelle            ? 
_entity_src_gen.pdbx_host_org_cellular_location    ? 
_entity_src_gen.pdbx_host_org_vector_type          ? 
_entity_src_gen.pdbx_host_org_vector               ? 
_entity_src_gen.host_org_details                   ? 
_entity_src_gen.expression_system_id               ? 
_entity_src_gen.plasmid_name                       ? 
_entity_src_gen.plasmid_details                    ? 
_entity_src_gen.pdbx_description                   ? 
# 
_struct_ref.id                         1 
_struct_ref.db_name                    UNP 
_struct_ref.db_code                    LYS_BPT4 
_struct_ref.entity_id                  1 
_struct_ref.pdbx_seq_one_letter_code   
;MNIFEMLRIDEGLRLKIYKDTEGYYTIGIGHLLTKSPSLNAAKSELDKAIGRNCNGVITKDEAEKLFNQDVDAAVRGILR
NAKLKPVYDSLDAVRRCALINMVFQMGETGVAGFTNSLRMLQQKRWDEAAVNLAKSRWYNQTPNRAKRVITTFRTGTWDA
YKNL
;
_struct_ref.pdbx_align_begin           1 
_struct_ref.pdbx_db_accession          P00720 
_struct_ref.pdbx_db_isoform            ? 
# 
_struct_ref_seq.align_id                      1 
_struct_ref_seq.ref_id                        1 
_struct_ref_seq.pdbx_PDB_id_code              1OWZ 
_struct_ref_seq.pdbx_strand_id                A 
_struct_ref_seq.seq_align_beg                 1 
_struct_ref_seq.pdbx_seq_align_beg_ins_code   ? 
_struct_ref_seq.seq_align_end                 164 
_struct_ref_seq.pdbx_seq_align_end_ins_code   ? 
_struct_ref_seq.pdbx_db_accession             P00720 
_struct_ref_seq.db_align_beg                  1 
_struct_ref_seq.pdbx_db_align_beg_ins_code    ? 
_struct_ref_seq.db_align_end                  164 
_struct_ref_seq.pdbx_db_align_end_ins_code    ? 
_struct_ref_seq.pdbx_auth_seq_align_beg       1 
_struct_ref_seq.pdbx_auth_seq_align_end       164 
# 
loop_
_struct_ref_seq_dif.align_id 
_struct_ref_seq_dif.pdbx_pdb_id_code 
_struct_ref_seq_dif.mon_id 
_struct_ref_seq_dif.pdbx_pdb_strand_id 
_struct_ref_seq_dif.seq_num 
_struct_ref_seq_dif.pdbx_pdb_ins_code 
_struct_ref_seq_dif.pdbx_seq_db_name 
_struct_ref_seq_dif.pdbx_seq_db_accession_code 
_struct_ref_seq_dif.db_mon_id 
_struct_ref_seq_dif.pdbx_seq_db_seq_num 
_struct_ref_seq_dif.details 
_struct_ref_seq_dif.pdbx_auth_seq_num 
_struct_ref_seq_dif.pdbx_ordinal 
1 1OWZ ALA A 99  ? UNP P00720 LEU 99  'engineered mutation' 99  1 
1 1OWZ GLN A 102 ? UNP P00720 MET 102 'engineered mutation' 102 2 
# 
loop_
_chem_comp.id 
_chem_comp.type 
_chem_comp.mon_nstd_flag 
_chem_comp.name 
_chem_comp.pdbx_synonyms 
_chem_comp.formula 
_chem_comp.formula_weight 
4FA non-polymer         . '4-FLUOROPHENETHYL ALCOHOL' ? 'C8 H9 F O'      140.155 
ALA 'L-peptide linking' y ALANINE                     ? 'C3 H7 N O2'     89.093  
ARG 'L-peptide linking' y ARGININE                    ? 'C6 H15 N4 O2 1' 175.209 
ASN 'L-peptide linking' y ASPARAGINE                  ? 'C4 H8 N2 O3'    132.118 
ASP 'L-peptide linking' y 'ASPARTIC ACID'             ? 'C4 H7 N O4'     133.103 
BME non-polymer         . BETA-MERCAPTOETHANOL        ? 'C2 H6 O S'      78.133  
CL  non-polymer         . 'CHLORIDE ION'              ? 'Cl -1'          35.453  
CYS 'L-peptide linking' y CYSTEINE                    ? 'C3 H7 N O2 S'   121.158 
GLN 'L-peptide linking' y GLUTAMINE                   ? 'C5 H10 N2 O3'   146.144 
GLU 'L-peptide linking' y 'GLUTAMIC ACID'             ? 'C5 H9 N O4'     147.129 
GLY 'peptide linking'   y GLYCINE                     ? 'C2 H5 N O2'     75.067  
HIS 'L-peptide linking' y HISTIDINE                   ? 'C6 H10 N3 O2 1' 156.162 
HOH non-polymer         . WATER                       ? 'H2 O'           18.015  
ILE 'L-peptide linking' y ISOLEUCINE                  ? 'C6 H13 N O2'    131.173 
LEU 'L-peptide linking' y LEUCINE                     ? 'C6 H13 N O2'    131.173 
LYS 'L-peptide linking' y LYSINE                      ? 'C6 H15 N2 O2 1' 147.195 
MET 'L-peptide linking' y METHIONINE                  ? 'C5 H11 N O2 S'  149.211 
PHE 'L-peptide linking' y PHENYLALANINE               ? 'C9 H11 N O2'    165.189 
PRO 'L-peptide linking' y PROLINE                     ? 'C5 H9 N O2'     115.130 
SER 'L-peptide linking' y SERINE                      ? 'C3 H7 N O3'     105.093 
THR 'L-peptide linking' y THREONINE                   ? 'C4 H9 N O3'     119.119 
TRP 'L-peptide linking' y TRYPTOPHAN                  ? 'C11 H12 N2 O2'  204.225 
TYR 'L-peptide linking' y TYROSINE                    ? 'C9 H11 N O3'    181.189 
VAL 'L-peptide linking' y VALINE                      ? 'C5 H11 N O2'    117.146 
# 
_exptl.entry_id          1OWZ 
_exptl.method            'X-RAY DIFFRACTION' 
_exptl.crystals_number   1 
# 
_exptl_crystal.id                    1 
_exptl_crystal.density_meas          ? 
_exptl_crystal.density_Matthews      2.69 
_exptl_crystal.density_percent_sol   53.92 
_exptl_crystal.description           ? 
# 
_diffrn.id                     1 
_diffrn.ambient_temp           298 
_diffrn.ambient_temp_details   ? 
_diffrn.crystal_id             1 
# 
_diffrn_detector.diffrn_id              1 
_diffrn_detector.detector               'AREA DETECTOR' 
_diffrn_detector.type                   'UCSD MARK II' 
_diffrn_detector.pdbx_collection_date   ? 
_diffrn_detector.details                ? 
# 
_diffrn_radiation.diffrn_id                        1 
_diffrn_radiation.wavelength_id                    1 
_diffrn_radiation.pdbx_monochromatic_or_laue_m_l   M 
_diffrn_radiation.monochromator                    graphite 
_diffrn_radiation.pdbx_diffrn_protocol             'SINGLE WAVELENGTH' 
_diffrn_radiation.pdbx_scattering_type             x-ray 
# 
_diffrn_radiation_wavelength.id           1 
_diffrn_radiation_wavelength.wavelength   1.5418 
_diffrn_radiation_wavelength.wt           1.0 
# 
_diffrn_source.diffrn_id                   1 
_diffrn_source.source                      'ROTATING ANODE' 
_diffrn_source.type                        'RIGAKU RU200' 
_diffrn_source.pdbx_synchrotron_site       ? 
_diffrn_source.pdbx_synchrotron_beamline   ? 
_diffrn_source.pdbx_wavelength             ? 
_diffrn_source.pdbx_wavelength_list        1.5418 
# 
_reflns.entry_id                     1OWZ 
_reflns.observed_criterion_sigma_F   0 
_reflns.observed_criterion_sigma_I   0 
_reflns.d_resolution_high            1.9 
_reflns.d_resolution_low             13. 
_reflns.number_all                   15037 
_reflns.number_obs                   15037 
_reflns.percent_possible_obs         89 
_reflns.pdbx_Rmerge_I_obs            0.074 
_reflns.pdbx_Rsym_value              ? 
_reflns.pdbx_netI_over_sigmaI        11.2 
_reflns.B_iso_Wilson_estimate        ? 
_reflns.pdbx_redundancy              ? 
_reflns.R_free_details               ? 
_reflns.limit_h_max                  ? 
_reflns.limit_h_min                  ? 
_reflns.limit_k_max                  ? 
_reflns.limit_k_min                  ? 
_reflns.limit_l_max                  ? 
_reflns.limit_l_min                  ? 
_reflns.observed_criterion_F_max     ? 
_reflns.observed_criterion_F_min     ? 
_reflns.pdbx_diffrn_id               1 
_reflns.pdbx_ordinal                 1 
# 
_reflns_shell.d_res_high             1.9 
_reflns_shell.d_res_low              2.0 
_reflns_shell.percent_possible_all   66 
_reflns_shell.Rmerge_I_obs           0.146 
_reflns_shell.pdbx_Rsym_value        ? 
_reflns_shell.meanI_over_sigI_obs    2.3 
_reflns_shell.pdbx_redundancy        ? 
_reflns_shell.percent_possible_obs   ? 
_reflns_shell.number_unique_all      2180 
_reflns_shell.pdbx_diffrn_id         ? 
_reflns_shell.pdbx_ordinal           1 
# 
_refine.entry_id                                 1OWZ 
_refine.ls_d_res_high                            1.9 
_refine.ls_d_res_low                             13. 
_refine.pdbx_ls_sigma_F                          0 
_refine.pdbx_ls_sigma_I                          0 
_refine.ls_number_reflns_all                     14983 
_refine.ls_number_reflns_obs                     14983 
_refine.ls_number_reflns_R_free                  ? 
_refine.ls_percent_reflns_obs                    85 
_refine.ls_R_factor_all                          ? 
_refine.ls_R_factor_obs                          0.187 
_refine.ls_R_factor_R_work                       ? 
_refine.ls_R_factor_R_free                       ? 
_refine.ls_redundancy_reflns_obs                 ? 
_refine.pdbx_data_cutoff_high_absF               ? 
_refine.pdbx_data_cutoff_low_absF                ? 
_refine.ls_number_parameters                     ? 
_refine.ls_number_restraints                     ? 
_refine.ls_percent_reflns_R_free                 ? 
_refine.ls_R_factor_R_free_error                 ? 
_refine.ls_R_factor_R_free_error_details         ? 
_refine.pdbx_method_to_determine_struct          'MOLECULAR REPLACEMENT' 
_refine.pdbx_starting_model                      'PDB entry 1LGU' 
_refine.pdbx_ls_cross_valid_method               ? 
_refine.pdbx_R_Free_selection_details            ? 
_refine.pdbx_stereochem_target_val_spec_case     ? 
_refine.pdbx_stereochemistry_target_values       'Engh & Huber' 
_refine.solvent_model_details                    ? 
_refine.solvent_model_param_bsol                 ? 
_refine.solvent_model_param_ksol                 ? 
_refine.occupancy_max                            ? 
_refine.occupancy_min                            ? 
_refine.pdbx_isotropic_thermal_model             isotropic 
_refine.B_iso_mean                               ? 
_refine.aniso_B[1][1]                            ? 
_refine.aniso_B[1][2]                            ? 
_refine.aniso_B[1][3]                            ? 
_refine.aniso_B[2][2]                            ? 
_refine.aniso_B[2][3]                            ? 
_refine.aniso_B[3][3]                            ? 
_refine.details                                  ? 
_refine.B_iso_min                                ? 
_refine.B_iso_max                                ? 
_refine.correlation_coeff_Fo_to_Fc               ? 
_refine.correlation_coeff_Fo_to_Fc_free          ? 
_refine.pdbx_solvent_vdw_probe_radii             ? 
_refine.pdbx_solvent_ion_probe_radii             ? 
_refine.pdbx_solvent_shrinkage_radii             ? 
_refine.overall_SU_R_Cruickshank_DPI             ? 
_refine.overall_SU_R_free                        ? 
_refine.overall_SU_B                             ? 
_refine.overall_SU_ML                            ? 
_refine.pdbx_overall_ESU_R                       ? 
_refine.pdbx_overall_ESU_R_Free                  ? 
_refine.pdbx_data_cutoff_high_rms_absF           ? 
_refine.pdbx_refine_id                           'X-RAY DIFFRACTION' 
_refine.pdbx_diffrn_id                           1 
_refine.pdbx_TLS_residual_ADP_flag               ? 
_refine.pdbx_overall_phase_error                 ? 
_refine.pdbx_overall_SU_R_free_Cruickshank_DPI   ? 
_refine.pdbx_overall_SU_R_Blow_DPI               ? 
_refine.pdbx_overall_SU_R_free_Blow_DPI          ? 
# 
_refine_hist.pdbx_refine_id                   'X-RAY DIFFRACTION' 
_refine_hist.cycle_id                         LAST 
_refine_hist.pdbx_number_atoms_protein        1290 
_refine_hist.pdbx_number_atoms_nucleic_acid   0 
_refine_hist.pdbx_number_atoms_ligand         24 
_refine_hist.number_atoms_solvent             63 
_refine_hist.number_atoms_total               1377 
_refine_hist.d_res_high                       1.9 
_refine_hist.d_res_low                        13. 
# 
loop_
_refine_ls_restr.type 
_refine_ls_restr.dev_ideal 
_refine_ls_restr.dev_ideal_target 
_refine_ls_restr.weight 
_refine_ls_restr.number 
_refine_ls_restr.pdbx_refine_id 
_refine_ls_restr.pdbx_restraint_function 
t_bond_d    0.015 ? ? ? 'X-RAY DIFFRACTION' ? 
t_angle_deg 2.8   ? ? ? 'X-RAY DIFFRACTION' ? 
# 
_struct.entry_id                  1OWZ 
_struct.title                     'T4 Lysozyme Cavity Mutant L99A/M102Q Bound With 4-FluoroPhenEthyl Alcohol' 
_struct.pdbx_model_details        ? 
_struct.pdbx_CASP_flag            ? 
_struct.pdbx_model_type_details   ? 
# 
_struct_keywords.entry_id        1OWZ 
_struct_keywords.pdbx_keywords   HYDROLASE 
_struct_keywords.text            'GLYCOSIDASE, BACTERIOLYTIC ENZYME, HYDROLASE' 
# 
loop_
_struct_asym.id 
_struct_asym.pdbx_blank_PDB_chainid_flag 
_struct_asym.pdbx_modified 
_struct_asym.entity_id 
_struct_asym.details 
A N N 1 ? 
B N N 2 ? 
C N N 2 ? 
D N N 3 ? 
E N N 3 ? 
F N N 3 ? 
G N N 4 ? 
H N N 5 ? 
# 
_struct_biol.id                    1 
_struct_biol.pdbx_parent_biol_id   ? 
_struct_biol.details               ? 
# 
loop_
_struct_conf.conf_type_id 
_struct_conf.id 
_struct_conf.pdbx_PDB_helix_id 
_struct_conf.beg_label_comp_id 
_struct_conf.beg_label_asym_id 
_struct_conf.beg_label_seq_id 
_struct_conf.pdbx_beg_PDB_ins_code 
_struct_conf.end_label_comp_id 
_struct_conf.end_label_asym_id 
_struct_conf.end_label_seq_id 
_struct_conf.pdbx_end_PDB_ins_code 
_struct_conf.beg_auth_comp_id 
_struct_conf.beg_auth_asym_id 
_struct_conf.beg_auth_seq_id 
_struct_conf.end_auth_comp_id 
_struct_conf.end_auth_asym_id 
_struct_conf.end_auth_seq_id 
_struct_conf.pdbx_PDB_helix_class 
_struct_conf.details 
_struct_conf.pdbx_PDB_helix_length 
HELX_P HELX_P1  1  ASN A 2   ? GLY A 12  ? ASN A 2   GLY A 12  1 ? 11 
HELX_P HELX_P2  2  SER A 38  ? GLY A 51  ? SER A 38  GLY A 51  1 ? 14 
HELX_P HELX_P3  3  THR A 59  ? ASN A 81  ? THR A 59  ASN A 81  1 ? 23 
HELX_P HELX_P4  4  LYS A 83  ? LEU A 91  ? LYS A 83  LEU A 91  1 ? 9  
HELX_P HELX_P5  5  ASP A 92  ? GLY A 113 ? ASP A 92  GLY A 113 1 ? 22 
HELX_P HELX_P6  6  PHE A 114 ? GLN A 123 ? PHE A 114 GLN A 123 1 ? 10 
HELX_P HELX_P7  7  ARG A 125 ? LYS A 135 ? ARG A 125 LYS A 135 1 ? 11 
HELX_P HELX_P8  8  SER A 136 ? THR A 142 ? SER A 136 THR A 142 1 ? 7  
HELX_P HELX_P9  9  THR A 142 ? GLY A 156 ? THR A 142 GLY A 156 1 ? 15 
HELX_P HELX_P10 10 TRP A 158 ? LYS A 162 ? TRP A 158 LYS A 162 5 ? 5  
# 
_struct_conf_type.id          HELX_P 
_struct_conf_type.criteria    ? 
_struct_conf_type.reference   ? 
# 
_struct_sheet.id               A 
_struct_sheet.type             ? 
_struct_sheet.number_strands   3 
_struct_sheet.details          ? 
# 
loop_
_struct_sheet_order.sheet_id 
_struct_sheet_order.range_id_1 
_struct_sheet_order.range_id_2 
_struct_sheet_order.offset 
_struct_sheet_order.sense 
A 1 2 ? anti-parallel 
A 2 3 ? anti-parallel 
# 
loop_
_struct_sheet_range.sheet_id 
_struct_sheet_range.id 
_struct_sheet_range.beg_label_comp_id 
_struct_sheet_range.beg_label_asym_id 
_struct_sheet_range.beg_label_seq_id 
_struct_sheet_range.pdbx_beg_PDB_ins_code 
_struct_sheet_range.end_label_comp_id 
_struct_sheet_range.end_label_asym_id 
_struct_sheet_range.end_label_seq_id 
_struct_sheet_range.pdbx_end_PDB_ins_code 
_struct_sheet_range.beg_auth_comp_id 
_struct_sheet_range.beg_auth_asym_id 
_struct_sheet_range.beg_auth_seq_id 
_struct_sheet_range.end_auth_comp_id 
_struct_sheet_range.end_auth_asym_id 
_struct_sheet_range.end_auth_seq_id 
A 1 ARG A 14 ? LYS A 19 ? ARG A 14 LYS A 19 
A 2 TYR A 25 ? GLY A 28 ? TYR A 25 GLY A 28 
A 3 HIS A 31 ? THR A 34 ? HIS A 31 THR A 34 
# 
loop_
_pdbx_struct_sheet_hbond.sheet_id 
_pdbx_struct_sheet_hbond.range_id_1 
_pdbx_struct_sheet_hbond.range_id_2 
_pdbx_struct_sheet_hbond.range_1_label_atom_id 
_pdbx_struct_sheet_hbond.range_1_label_comp_id 
_pdbx_struct_sheet_hbond.range_1_label_asym_id 
_pdbx_struct_sheet_hbond.range_1_label_seq_id 
_pdbx_struct_sheet_hbond.range_1_PDB_ins_code 
_pdbx_struct_sheet_hbond.range_1_auth_atom_id 
_pdbx_struct_sheet_hbond.range_1_auth_comp_id 
_pdbx_struct_sheet_hbond.range_1_auth_asym_id 
_pdbx_struct_sheet_hbond.range_1_auth_seq_id 
_pdbx_struct_sheet_hbond.range_2_label_atom_id 
_pdbx_struct_sheet_hbond.range_2_label_comp_id 
_pdbx_struct_sheet_hbond.range_2_label_asym_id 
_pdbx_struct_sheet_hbond.range_2_label_seq_id 
_pdbx_struct_sheet_hbond.range_2_PDB_ins_code 
_pdbx_struct_sheet_hbond.range_2_auth_atom_id 
_pdbx_struct_sheet_hbond.range_2_auth_comp_id 
_pdbx_struct_sheet_hbond.range_2_auth_asym_id 
_pdbx_struct_sheet_hbond.range_2_auth_seq_id 
A 1 2 N TYR A 18 ? N TYR A 18 O THR A 26 ? O THR A 26 
A 2 3 N TYR A 25 ? N TYR A 25 O LEU A 33 ? O LEU A 33 
# 
loop_
_struct_site.id 
_struct_site.pdbx_evidence_code 
_struct_site.pdbx_auth_asym_id 
_struct_site.pdbx_auth_comp_id 
_struct_site.pdbx_auth_seq_id 
_struct_site.pdbx_auth_ins_code 
_struct_site.pdbx_num_residues 
_struct_site.details 
AC1 Software A CL  173 ? 4 'BINDING SITE FOR RESIDUE CL A 173'  
AC2 Software A CL  178 ? 6 'BINDING SITE FOR RESIDUE CL A 178'  
AC3 Software A BME 168 ? 5 'BINDING SITE FOR RESIDUE BME A 168' 
AC4 Software A BME 169 ? 4 'BINDING SITE FOR RESIDUE BME A 169' 
AC5 Software A BME 170 ? 2 'BINDING SITE FOR RESIDUE BME A 170' 
AC6 Software A 4FA 409 ? 8 'BINDING SITE FOR RESIDUE 4FA A 409' 
# 
loop_
_struct_site_gen.id 
_struct_site_gen.site_id 
_struct_site_gen.pdbx_num_res 
_struct_site_gen.label_comp_id 
_struct_site_gen.label_asym_id 
_struct_site_gen.label_seq_id 
_struct_site_gen.pdbx_auth_ins_code 
_struct_site_gen.auth_comp_id 
_struct_site_gen.auth_asym_id 
_struct_site_gen.auth_seq_id 
_struct_site_gen.label_atom_id 
_struct_site_gen.label_alt_id 
_struct_site_gen.symmetry 
_struct_site_gen.details 
1  AC1 4 THR A 142 ? THR A 142 . ? 1_555 ? 
2  AC1 4 ASN A 144 ? ASN A 144 . ? 1_555 ? 
3  AC1 4 ARG A 145 ? ARG A 145 . ? 1_555 ? 
4  AC1 4 HOH H .   ? HOH A 291 . ? 4_655 ? 
5  AC2 6 ALA A 49  ? ALA A 49  . ? 1_555 ? 
6  AC2 6 GLN A 69  ? GLN A 69  . ? 1_555 ? 
7  AC2 6 SER A 136 ? SER A 136 . ? 3_665 ? 
8  AC2 6 ARG A 137 ? ARG A 137 . ? 3_665 ? 
9  AC2 6 ASN A 140 ? ASN A 140 . ? 3_665 ? 
10 AC2 6 HOH H .   ? HOH A 282 . ? 1_555 ? 
11 AC3 5 ASP A 72  ? ASP A 72  . ? 1_555 ? 
12 AC3 5 VAL A 75  ? VAL A 75  . ? 1_555 ? 
13 AC3 5 ARG A 76  ? ARG A 76  . ? 1_555 ? 
14 AC3 5 LEU A 79  ? LEU A 79  . ? 1_555 ? 
15 AC3 5 TYR A 88  ? TYR A 88  . ? 5_555 ? 
16 AC4 4 GLY A 30  ? GLY A 30  . ? 1_555 ? 
17 AC4 4 PHE A 104 ? PHE A 104 . ? 1_555 ? 
18 AC4 4 HOH H .   ? HOH A 256 . ? 1_555 ? 
19 AC4 4 HOH H .   ? HOH A 274 . ? 1_555 ? 
20 AC5 2 ASP A 72  ? ASP A 72  . ? 5_555 ? 
21 AC5 2 HOH H .   ? HOH A 199 . ? 1_555 ? 
22 AC6 8 ILE A 78  ? ILE A 78  . ? 1_555 ? 
23 AC6 8 LEU A 84  ? LEU A 84  . ? 1_555 ? 
24 AC6 8 TYR A 88  ? TYR A 88  . ? 1_555 ? 
25 AC6 8 ALA A 99  ? ALA A 99  . ? 1_555 ? 
26 AC6 8 GLN A 102 ? GLN A 102 . ? 1_555 ? 
27 AC6 8 VAL A 111 ? VAL A 111 . ? 1_555 ? 
28 AC6 8 LEU A 118 ? LEU A 118 . ? 1_555 ? 
29 AC6 8 LEU A 133 ? LEU A 133 . ? 1_555 ? 
# 
_atom_sites.entry_id                    1OWZ 
_atom_sites.fract_transf_matrix[1][1]   0.00243606 
_atom_sites.fract_transf_matrix[1][2]   -0.00873382 
_atom_sites.fract_transf_matrix[1][3]   -0.01668724 
_atom_sites.fract_transf_matrix[2][1]   0.01415543 
_atom_sites.fract_transf_matrix[2][2]   -0.01246624 
_atom_sites.fract_transf_matrix[2][3]   -0.00221647 
_atom_sites.fract_transf_matrix[3][1]   -0.00621404 
_atom_sites.fract_transf_matrix[3][2]   -0.00760219 
_atom_sites.fract_transf_matrix[3][3]   0.00307171 
_atom_sites.fract_transf_vector[1]      0.681834 
_atom_sites.fract_transf_vector[2]      0.220903 
_atom_sites.fract_transf_vector[3]      0.100780 
# 
loop_
_atom_type.symbol 
C  
CL 
F  
N  
O  
S  
# 
loop_
_atom_site.group_PDB 
_atom_site.id 
_atom_site.type_symbol 
_atom_site.label_atom_id 
_atom_site.label_alt_id 
_atom_site.label_comp_id 
_atom_site.label_asym_id 
_atom_site.label_entity_id 
_atom_site.label_seq_id 
_atom_site.pdbx_PDB_ins_code 
_atom_site.Cartn_x 
_atom_site.Cartn_y 
_atom_site.Cartn_z 
_atom_site.occupancy 
_atom_site.B_iso_or_equiv 
_atom_site.pdbx_formal_charge 
_atom_site.auth_seq_id 
_atom_site.auth_comp_id 
_atom_site.auth_asym_id 
_atom_site.auth_atom_id 
_atom_site.pdbx_PDB_model_num 
ATOM   1    N  N   . MET A 1 1   ? -13.173 8.950   -7.150  1.00 29.64  ? 1   MET A N   1 
ATOM   2    C  CA  . MET A 1 1   ? -12.030 8.161   -6.753  1.00 31.13  ? 1   MET A CA  1 
ATOM   3    C  C   . MET A 1 1   ? -12.026 7.948   -5.252  1.00 17.23  ? 1   MET A C   1 
ATOM   4    O  O   . MET A 1 1   ? -12.346 8.840   -4.507  1.00 19.34  ? 1   MET A O   1 
ATOM   5    C  CB  . MET A 1 1   ? -10.752 8.819   -7.326  1.00 22.10  ? 1   MET A CB  1 
ATOM   6    C  CG  . MET A 1 1   ? -9.449  8.064   -7.064  1.00 35.13  ? 1   MET A CG  1 
ATOM   7    S  SD  . MET A 1 1   ? -9.086  6.660   -8.170  1.00 32.62  ? 1   MET A SD  1 
ATOM   8    C  CE  . MET A 1 1   ? -9.497  7.386   -9.754  1.00 28.00  ? 1   MET A CE  1 
ATOM   9    N  N   . ASN A 1 2   ? -11.570 6.778   -4.817  1.00 12.42  ? 2   ASN A N   1 
ATOM   10   C  CA  . ASN A 1 2   ? -11.472 6.493   -3.414  1.00 14.52  ? 2   ASN A CA  1 
ATOM   11   C  C   . ASN A 1 2   ? -10.283 5.548   -3.262  1.00 15.04  ? 2   ASN A C   1 
ATOM   12   O  O   . ASN A 1 2   ? -9.702  5.105   -4.250  1.00 6.41   ? 2   ASN A O   1 
ATOM   13   C  CB  . ASN A 1 2   ? -12.847 5.940   -2.927  1.00 8.26   ? 2   ASN A CB  1 
ATOM   14   C  CG  . ASN A 1 2   ? -13.155 4.640   -3.577  1.00 10.85  ? 2   ASN A CG  1 
ATOM   15   O  OD1 . ASN A 1 2   ? -12.351 3.698   -3.553  1.00 10.59  ? 2   ASN A OD1 1 
ATOM   16   N  ND2 . ASN A 1 2   ? -14.348 4.594   -4.165  1.00 13.01  ? 2   ASN A ND2 1 
ATOM   17   N  N   . ILE A 1 3   ? -9.944  5.218   -2.032  1.00 6.07   ? 3   ILE A N   1 
ATOM   18   C  CA  . ILE A 1 3   ? -8.799  4.360   -1.687  1.00 11.01  ? 3   ILE A CA  1 
ATOM   19   C  C   . ILE A 1 3   ? -8.794  3.024   -2.431  1.00 11.04  ? 3   ILE A C   1 
ATOM   20   O  O   . ILE A 1 3   ? -7.751  2.562   -2.912  1.00 7.49   ? 3   ILE A O   1 
ATOM   21   C  CB  . ILE A 1 3   ? -8.667  4.241   -0.139  1.00 12.25  ? 3   ILE A CB  1 
ATOM   22   C  CG1 . ILE A 1 3   ? -7.321  3.652   0.267   1.00 7.85   ? 3   ILE A CG1 1 
ATOM   23   C  CG2 . ILE A 1 3   ? -9.793  3.388   0.481   1.00 13.30  ? 3   ILE A CG2 1 
ATOM   24   C  CD1 . ILE A 1 3   ? -6.153  4.191   -0.538  1.00 8.67   ? 3   ILE A CD1 1 
ATOM   25   N  N   . PHE A 1 4   ? -10.003 2.420   -2.511  1.00 8.37   ? 4   PHE A N   1 
ATOM   26   C  CA  . PHE A 1 4   ? -10.107 1.133   -3.148  1.00 16.92  ? 4   PHE A CA  1 
ATOM   27   C  C   . PHE A 1 4   ? -9.775  1.117   -4.614  1.00 15.58  ? 4   PHE A C   1 
ATOM   28   O  O   . PHE A 1 4   ? -9.051  0.275   -5.136  1.00 12.27  ? 4   PHE A O   1 
ATOM   29   C  CB  . PHE A 1 4   ? -11.448 0.480   -2.877  1.00 7.74   ? 4   PHE A CB  1 
ATOM   30   C  CG  . PHE A 1 4   ? -11.587 0.098   -1.408  1.00 12.26  ? 4   PHE A CG  1 
ATOM   31   C  CD1 . PHE A 1 4   ? -12.332 0.894   -0.537  1.00 9.05   ? 4   PHE A CD1 1 
ATOM   32   C  CD2 . PHE A 1 4   ? -11.060 -1.104  -0.917  1.00 9.24   ? 4   PHE A CD2 1 
ATOM   33   C  CE1 . PHE A 1 4   ? -12.531 0.514   0.792   1.00 8.02   ? 4   PHE A CE1 1 
ATOM   34   C  CE2 . PHE A 1 4   ? -11.228 -1.513  0.406   1.00 15.51  ? 4   PHE A CE2 1 
ATOM   35   C  CZ  . PHE A 1 4   ? -11.956 -0.675  1.254   1.00 8.41   ? 4   PHE A CZ  1 
ATOM   36   N  N   . GLU A 1 5   ? -10.369 2.038   -5.328  1.00 8.39   ? 5   GLU A N   1 
ATOM   37   C  CA  . GLU A 1 5   ? -10.126 2.115   -6.751  1.00 9.46   ? 5   GLU A CA  1 
ATOM   38   C  C   . GLU A 1 5   ? -8.707  2.488   -6.969  1.00 12.75  ? 5   GLU A C   1 
ATOM   39   O  O   . GLU A 1 5   ? -8.068  2.040   -7.896  1.00 16.53  ? 5   GLU A O   1 
ATOM   40   C  CB  . GLU A 1 5   ? -10.874 3.361   -7.239  1.00 15.08  ? 5   GLU A CB  1 
ATOM   41   C  CG  . GLU A 1 5   ? -12.386 3.120   -7.288  1.00 21.69  ? 5   GLU A CG  1 
ATOM   42   C  CD  . GLU A 1 5   ? -13.146 4.408   -7.492  1.00 37.86  ? 5   GLU A CD  1 
ATOM   43   O  OE1 . GLU A 1 5   ? -12.712 5.488   -7.130  1.00 49.88  ? 5   GLU A OE1 1 
ATOM   44   O  OE2 . GLU A 1 5   ? -14.278 4.254   -8.134  1.00 100.00 ? 5   GLU A OE2 1 
ATOM   45   N  N   . MET A 1 6   ? -8.220  3.353   -6.094  1.00 5.74   ? 6   MET A N   1 
ATOM   46   C  CA  . MET A 1 6   ? -6.838  3.776   -6.238  1.00 3.12   ? 6   MET A CA  1 
ATOM   47   C  C   . MET A 1 6   ? -5.879  2.625   -6.099  1.00 19.27  ? 6   MET A C   1 
ATOM   48   O  O   . MET A 1 6   ? -4.890  2.474   -6.849  1.00 9.24   ? 6   MET A O   1 
ATOM   49   C  CB  . MET A 1 6   ? -6.470  4.800   -5.158  1.00 6.91   ? 6   MET A CB  1 
ATOM   50   C  CG  . MET A 1 6   ? -5.039  5.371   -5.263  1.00 8.72   ? 6   MET A CG  1 
ATOM   51   S  SD  . MET A 1 6   ? -4.544  6.123   -3.653  1.00 11.12  ? 6   MET A SD  1 
ATOM   52   C  CE  . MET A 1 6   ? -3.327  7.458   -4.064  1.00 10.75  ? 6   MET A CE  1 
ATOM   53   N  N   . LEU A 1 7   ? -6.148  1.853   -5.068  1.00 11.56  ? 7   LEU A N   1 
ATOM   54   C  CA  . LEU A 1 7   ? -5.246  0.738   -4.825  1.00 10.91  ? 7   LEU A CA  1 
ATOM   55   C  C   . LEU A 1 7   ? -5.427  -0.300  -5.885  1.00 9.06   ? 7   LEU A C   1 
ATOM   56   O  O   . LEU A 1 7   ? -4.490  -0.977  -6.279  1.00 8.64   ? 7   LEU A O   1 
ATOM   57   C  CB  . LEU A 1 7   ? -5.471  0.192   -3.396  1.00 9.44   ? 7   LEU A CB  1 
ATOM   58   C  CG  . LEU A 1 7   ? -4.551  0.868   -2.346  1.00 13.35  ? 7   LEU A CG  1 
ATOM   59   C  CD1 . LEU A 1 7   ? -5.018  0.451   -0.964  1.00 12.99  ? 7   LEU A CD1 1 
ATOM   60   C  CD2 . LEU A 1 7   ? -3.046  0.638   -2.526  1.00 17.13  ? 7   LEU A CD2 1 
ATOM   61   N  N   . ARG A 1 8   ? -6.668  -0.418  -6.343  1.00 12.32  ? 8   ARG A N   1 
ATOM   62   C  CA  . ARG A 1 8   ? -6.866  -1.423  -7.360  1.00 13.46  ? 8   ARG A CA  1 
ATOM   63   C  C   . ARG A 1 8   ? -6.097  -1.102  -8.640  1.00 17.91  ? 8   ARG A C   1 
ATOM   64   O  O   . ARG A 1 8   ? -5.626  -1.969  -9.344  1.00 11.47  ? 8   ARG A O   1 
ATOM   65   C  CB  . ARG A 1 8   ? -8.328  -1.767  -7.584  1.00 19.60  ? 8   ARG A CB  1 
ATOM   66   C  CG  . ARG A 1 8   ? -8.590  -2.532  -8.889  1.00 25.71  ? 8   ARG A CG  1 
ATOM   67   C  CD  . ARG A 1 8   ? -9.054  -3.964  -8.651  1.00 21.85  ? 8   ARG A CD  1 
ATOM   68   N  NE  . ARG A 1 8   ? -9.486  -4.692  -9.844  1.00 48.91  ? 8   ARG A NE  1 
ATOM   69   C  CZ  . ARG A 1 8   ? -8.783  -4.724  -10.981 1.00 100.00 ? 8   ARG A CZ  1 
ATOM   70   N  NH1 . ARG A 1 8   ? -7.621  -4.085  -11.123 1.00 28.27  ? 8   ARG A NH1 1 
ATOM   71   N  NH2 . ARG A 1 8   ? -9.238  -5.433  -12.015 1.00 69.03  ? 8   ARG A NH2 1 
ATOM   72   N  N   . ILE A 1 9   ? -5.951  0.162   -8.954  1.00 9.72   ? 9   ILE A N   1 
ATOM   73   C  CA  . ILE A 1 9   ? -5.190  0.612   -10.055 1.00 15.40  ? 9   ILE A CA  1 
ATOM   74   C  C   . ILE A 1 9   ? -3.701  0.315   -9.788  1.00 17.76  ? 9   ILE A C   1 
ATOM   75   O  O   . ILE A 1 9   ? -2.982  -0.189  -10.656 1.00 14.66  ? 9   ILE A O   1 
ATOM   76   C  CB  . ILE A 1 9   ? -5.426  2.113   -10.285 1.00 13.46  ? 9   ILE A CB  1 
ATOM   77   C  CG1 . ILE A 1 9   ? -6.766  2.340   -11.004 1.00 12.27  ? 9   ILE A CG1 1 
ATOM   78   C  CG2 . ILE A 1 9   ? -4.351  2.677   -11.219 1.00 5.01   ? 9   ILE A CG2 1 
ATOM   79   C  CD1 . ILE A 1 9   ? -7.200  3.798   -10.929 1.00 18.53  ? 9   ILE A CD1 1 
ATOM   80   N  N   . ASP A 1 10  ? -3.185  0.616   -8.612  1.00 10.18  ? 10  ASP A N   1 
ATOM   81   C  CA  . ASP A 1 10  ? -1.766  0.382   -8.348  1.00 10.15  ? 10  ASP A CA  1 
ATOM   82   C  C   . ASP A 1 10  ? -1.350  -1.072  -8.175  1.00 17.02  ? 10  ASP A C   1 
ATOM   83   O  O   . ASP A 1 10  ? -0.234  -1.445  -8.513  1.00 14.44  ? 10  ASP A O   1 
ATOM   84   C  CB  . ASP A 1 10  ? -1.309  1.179   -7.113  1.00 6.49   ? 10  ASP A CB  1 
ATOM   85   C  CG  . ASP A 1 10  ? -1.243  2.653   -7.466  1.00 21.96  ? 10  ASP A CG  1 
ATOM   86   O  OD1 . ASP A 1 10  ? -0.988  3.084   -8.616  1.00 7.59   ? 10  ASP A OD1 1 
ATOM   87   O  OD2 . ASP A 1 10  ? -1.590  3.410   -6.456  1.00 8.30   ? 10  ASP A OD2 1 
ATOM   88   N  N   . GLU A 1 11  ? -2.211  -1.911  -7.626  1.00 12.06  ? 11  GLU A N   1 
ATOM   89   C  CA  . GLU A 1 11  ? -1.788  -3.297  -7.385  1.00 4.94   ? 11  GLU A CA  1 
ATOM   90   C  C   . GLU A 1 11  ? -2.242  -4.310  -8.396  1.00 9.47   ? 11  GLU A C   1 
ATOM   91   O  O   . GLU A 1 11  ? -1.707  -5.410  -8.483  1.00 17.77  ? 11  GLU A O   1 
ATOM   92   C  CB  . GLU A 1 11  ? -2.383  -3.718  -6.033  1.00 9.27   ? 11  GLU A CB  1 
ATOM   93   C  CG  . GLU A 1 11  ? -1.834  -2.846  -4.907  1.00 11.25  ? 11  GLU A CG  1 
ATOM   94   C  CD  . GLU A 1 11  ? -0.409  -3.195  -4.577  1.00 16.89  ? 11  GLU A CD  1 
ATOM   95   O  OE1 . GLU A 1 11  ? 0.170   -4.159  -5.040  1.00 18.77  ? 11  GLU A OE1 1 
ATOM   96   O  OE2 . GLU A 1 11  ? 0.124   -2.409  -3.688  1.00 13.60  ? 11  GLU A OE2 1 
ATOM   97   N  N   . GLY A 1 12  ? -3.280  -3.966  -9.117  1.00 14.64  ? 12  GLY A N   1 
ATOM   98   C  CA  . GLY A 1 12  ? -3.895  -4.875  -10.072 1.00 17.25  ? 12  GLY A CA  1 
ATOM   99   C  C   . GLY A 1 12  ? -4.707  -5.952  -9.359  1.00 31.94  ? 12  GLY A C   1 
ATOM   100  O  O   . GLY A 1 12  ? -4.923  -5.885  -8.140  1.00 10.61  ? 12  GLY A O   1 
ATOM   101  N  N   . LEU A 1 13  ? -5.186  -6.943  -10.124 1.00 13.61  ? 13  LEU A N   1 
ATOM   102  C  CA  . LEU A 1 13  ? -5.967  -8.045  -9.534  1.00 21.72  ? 13  LEU A CA  1 
ATOM   103  C  C   . LEU A 1 13  ? -5.616  -9.372  -10.189 1.00 16.12  ? 13  LEU A C   1 
ATOM   104  O  O   . LEU A 1 13  ? -5.760  -9.522  -11.376 1.00 19.57  ? 13  LEU A O   1 
ATOM   105  C  CB  . LEU A 1 13  ? -7.472  -7.820  -9.664  1.00 16.57  ? 13  LEU A CB  1 
ATOM   106  C  CG  . LEU A 1 13  ? -8.205  -9.141  -9.390  1.00 30.84  ? 13  LEU A CG  1 
ATOM   107  C  CD1 . LEU A 1 13  ? -8.017  -9.560  -7.942  1.00 23.99  ? 13  LEU A CD1 1 
ATOM   108  C  CD2 . LEU A 1 13  ? -9.695  -9.060  -9.673  1.00 26.85  ? 13  LEU A CD2 1 
ATOM   109  N  N   . ARG A 1 14  ? -5.135  -10.325 -9.416  1.00 11.24  ? 14  ARG A N   1 
ATOM   110  C  CA  . ARG A 1 14  ? -4.758  -11.651 -9.908  1.00 20.22  ? 14  ARG A CA  1 
ATOM   111  C  C   . ARG A 1 14  ? -5.293  -12.696 -9.001  1.00 26.91  ? 14  ARG A C   1 
ATOM   112  O  O   . ARG A 1 14  ? -5.134  -12.569 -7.797  1.00 12.96  ? 14  ARG A O   1 
ATOM   113  C  CB  . ARG A 1 14  ? -3.267  -11.873 -9.863  1.00 11.65  ? 14  ARG A CB  1 
ATOM   114  C  CG  . ARG A 1 14  ? -2.576  -10.623 -10.404 1.00 30.30  ? 14  ARG A CG  1 
ATOM   115  C  CD  . ARG A 1 14  ? -1.537  -10.854 -11.506 1.00 21.29  ? 14  ARG A CD  1 
ATOM   116  N  NE  . ARG A 1 14  ? -1.305  -12.249 -11.891 1.00 100.00 ? 14  ARG A NE  1 
ATOM   117  C  CZ  . ARG A 1 14  ? -0.117  -12.733 -12.329 1.00 100.00 ? 14  ARG A CZ  1 
ATOM   118  N  NH1 . ARG A 1 14  ? 0.990   -11.954 -12.452 1.00 53.21  ? 14  ARG A NH1 1 
ATOM   119  N  NH2 . ARG A 1 14  ? -0.041  -14.042 -12.659 1.00 100.00 ? 14  ARG A NH2 1 
ATOM   120  N  N   . LEU A 1 15  ? -5.876  -13.716 -9.577  1.00 20.97  ? 15  LEU A N   1 
ATOM   121  C  CA  . LEU A 1 15  ? -6.487  -14.781 -8.800  1.00 17.17  ? 15  LEU A CA  1 
ATOM   122  C  C   . LEU A 1 15  ? -5.628  -16.026 -8.516  1.00 13.70  ? 15  LEU A C   1 
ATOM   123  O  O   . LEU A 1 15  ? -6.103  -17.000 -7.890  1.00 22.07  ? 15  LEU A O   1 
ATOM   124  C  CB  . LEU A 1 15  ? -7.758  -15.177 -9.563  1.00 12.31  ? 15  LEU A CB  1 
ATOM   125  C  CG  . LEU A 1 15  ? -8.761  -14.017 -9.593  1.00 17.30  ? 15  LEU A CG  1 
ATOM   126  C  CD1 . LEU A 1 15  ? -10.137 -14.473 -10.130 1.00 22.22  ? 15  LEU A CD1 1 
ATOM   127  C  CD2 . LEU A 1 15  ? -8.968  -13.439 -8.196  1.00 29.87  ? 15  LEU A CD2 1 
ATOM   128  N  N   . LYS A 1 16  ? -4.376  -16.019 -9.001  1.00 14.67  ? 16  LYS A N   1 
ATOM   129  C  CA  . LYS A 1 16  ? -3.480  -17.148 -8.797  1.00 13.57  ? 16  LYS A CA  1 
ATOM   130  C  C   . LYS A 1 16  ? -2.230  -16.616 -8.114  1.00 26.54  ? 16  LYS A C   1 
ATOM   131  O  O   . LYS A 1 16  ? -1.824  -15.467 -8.402  1.00 30.24  ? 16  LYS A O   1 
ATOM   132  C  CB  . LYS A 1 16  ? -3.001  -17.814 -10.120 1.00 19.57  ? 16  LYS A CB  1 
ATOM   133  C  CG  . LYS A 1 16  ? -1.470  -17.721 -10.286 1.00 100.00 ? 16  LYS A CG  1 
ATOM   134  C  CD  . LYS A 1 16  ? -0.688  -19.056 -10.359 1.00 100.00 ? 16  LYS A CD  1 
ATOM   135  C  CE  . LYS A 1 16  ? -0.331  -19.754 -9.018  1.00 100.00 ? 16  LYS A CE  1 
ATOM   136  N  NZ  . LYS A 1 16  ? 1.109   -20.015 -8.733  1.00 57.53  ? 16  LYS A NZ  1 
ATOM   137  N  N   . ILE A 1 17  ? -1.595  -17.465 -7.274  1.00 14.22  ? 17  ILE A N   1 
ATOM   138  C  CA  . ILE A 1 17  ? -0.384  -16.970 -6.617  1.00 6.81   ? 17  ILE A CA  1 
ATOM   139  C  C   . ILE A 1 17  ? 0.620   -16.330 -7.577  1.00 30.67  ? 17  ILE A C   1 
ATOM   140  O  O   . ILE A 1 17  ? 0.904   -16.868 -8.663  1.00 23.73  ? 17  ILE A O   1 
ATOM   141  C  CB  . ILE A 1 17  ? 0.272   -18.079 -5.810  1.00 8.24   ? 17  ILE A CB  1 
ATOM   142  C  CG1 . ILE A 1 17  ? -0.652  -18.368 -4.631  1.00 14.77  ? 17  ILE A CG1 1 
ATOM   143  C  CG2 . ILE A 1 17  ? 1.700   -17.676 -5.389  1.00 14.40  ? 17  ILE A CG2 1 
ATOM   144  C  CD1 . ILE A 1 17  ? -0.044  -19.476 -3.750  1.00 12.94  ? 17  ILE A CD1 1 
ATOM   145  N  N   . TYR A 1 18  ? 1.155   -15.168 -7.211  1.00 14.32  ? 18  TYR A N   1 
ATOM   146  C  CA  . TYR A 1 18  ? 2.127   -14.601 -8.096  1.00 12.08  ? 18  TYR A CA  1 
ATOM   147  C  C   . TYR A 1 18  ? 3.304   -14.025 -7.317  1.00 14.81  ? 18  TYR A C   1 
ATOM   148  O  O   . TYR A 1 18  ? 3.252   -13.984 -6.066  1.00 20.76  ? 18  TYR A O   1 
ATOM   149  C  CB  . TYR A 1 18  ? 1.461   -13.612 -9.068  1.00 16.98  ? 18  TYR A CB  1 
ATOM   150  C  CG  . TYR A 1 18  ? 0.934   -12.336 -8.411  1.00 33.83  ? 18  TYR A CG  1 
ATOM   151  C  CD1 . TYR A 1 18  ? 1.714   -11.175 -8.397  1.00 31.16  ? 18  TYR A CD1 1 
ATOM   152  C  CD2 . TYR A 1 18  ? -0.336  -12.292 -7.823  1.00 20.60  ? 18  TYR A CD2 1 
ATOM   153  C  CE1 . TYR A 1 18  ? 1.249   -9.981  -7.834  1.00 13.20  ? 18  TYR A CE1 1 
ATOM   154  C  CE2 . TYR A 1 18  ? -0.833  -11.120 -7.258  1.00 18.51  ? 18  TYR A CE2 1 
ATOM   155  C  CZ  . TYR A 1 18  ? -0.004  -9.992  -7.214  1.00 26.00  ? 18  TYR A CZ  1 
ATOM   156  O  OH  . TYR A 1 18  ? -0.507  -8.845  -6.663  1.00 43.45  ? 18  TYR A OH  1 
ATOM   157  N  N   . LYS A 1 19  ? 4.347   -13.592 -8.063  1.00 9.21   ? 19  LYS A N   1 
ATOM   158  C  CA  . LYS A 1 19  ? 5.486   -12.964 -7.415  1.00 8.50   ? 19  LYS A CA  1 
ATOM   159  C  C   . LYS A 1 19  ? 5.368   -11.445 -7.541  1.00 25.62  ? 19  LYS A C   1 
ATOM   160  O  O   . LYS A 1 19  ? 5.123   -10.964 -8.636  1.00 19.67  ? 19  LYS A O   1 
ATOM   161  C  CB  . LYS A 1 19  ? 6.895   -13.434 -7.742  1.00 19.90  ? 19  LYS A CB  1 
ATOM   162  C  CG  . LYS A 1 19  ? 7.249   -14.853 -7.254  1.00 18.42  ? 19  LYS A CG  1 
ATOM   163  C  CD  . LYS A 1 19  ? 8.751   -15.098 -7.052  1.00 46.35  ? 19  LYS A CD  1 
ATOM   164  C  CE  . LYS A 1 19  ? 9.314   -16.361 -7.697  1.00 27.28  ? 19  LYS A CE  1 
ATOM   165  N  NZ  . LYS A 1 19  ? 10.664  -16.721 -7.214  1.00 36.94  ? 19  LYS A NZ  1 
ATOM   166  N  N   . ASP A 1 20  ? 5.531   -10.688 -6.431  1.00 18.42  ? 20  ASP A N   1 
ATOM   167  C  CA  . ASP A 1 20  ? 5.398   -9.262  -6.543  1.00 16.08  ? 20  ASP A CA  1 
ATOM   168  C  C   . ASP A 1 20  ? 6.651   -8.670  -7.155  1.00 12.13  ? 20  ASP A C   1 
ATOM   169  O  O   . ASP A 1 20  ? 7.560   -9.379  -7.570  1.00 17.17  ? 20  ASP A O   1 
ATOM   170  C  CB  . ASP A 1 20  ? 4.952   -8.618  -5.219  1.00 13.52  ? 20  ASP A CB  1 
ATOM   171  C  CG  . ASP A 1 20  ? 6.065   -8.592  -4.169  1.00 15.08  ? 20  ASP A CG  1 
ATOM   172  O  OD1 . ASP A 1 20  ? 7.119   -9.160  -4.327  1.00 16.50  ? 20  ASP A OD1 1 
ATOM   173  O  OD2 . ASP A 1 20  ? 5.777   -7.984  -3.035  1.00 18.65  ? 20  ASP A OD2 1 
ATOM   174  N  N   . THR A 1 21  ? 6.729   -7.360  -7.167  1.00 10.89  ? 21  THR A N   1 
ATOM   175  C  CA  . THR A 1 21  ? 7.905   -6.714  -7.743  1.00 17.44  ? 21  THR A CA  1 
ATOM   176  C  C   . THR A 1 21  ? 9.178   -7.048  -6.983  1.00 26.76  ? 21  THR A C   1 
ATOM   177  O  O   . THR A 1 21  ? 10.279  -6.898  -7.514  1.00 20.16  ? 21  THR A O   1 
ATOM   178  C  CB  . THR A 1 21  ? 7.645   -5.194  -7.893  1.00 33.97  ? 21  THR A CB  1 
ATOM   179  O  OG1 . THR A 1 21  ? 7.499   -4.670  -6.596  1.00 31.91  ? 21  THR A OG1 1 
ATOM   180  C  CG2 . THR A 1 21  ? 6.257   -4.947  -8.504  1.00 31.33  ? 21  THR A CG2 1 
ATOM   181  N  N   . GLU A 1 22  ? 9.060   -7.502  -5.729  1.00 22.73  ? 22  GLU A N   1 
ATOM   182  C  CA  . GLU A 1 22  ? 10.269  -7.863  -4.925  1.00 19.01  ? 22  GLU A CA  1 
ATOM   183  C  C   . GLU A 1 22  ? 10.569  -9.386  -4.965  1.00 14.56  ? 22  GLU A C   1 
ATOM   184  O  O   . GLU A 1 22  ? 11.553  -9.843  -4.392  1.00 17.92  ? 22  GLU A O   1 
ATOM   185  C  CB  . GLU A 1 22  ? 10.303  -7.439  -3.432  1.00 17.23  ? 22  GLU A CB  1 
ATOM   186  C  CG  . GLU A 1 22  ? 9.936   -5.988  -3.128  1.00 26.59  ? 22  GLU A CG  1 
ATOM   187  C  CD  . GLU A 1 22  ? 11.148  -5.104  -3.178  1.00 41.16  ? 22  GLU A CD  1 
ATOM   188  O  OE1 . GLU A 1 22  ? 12.216  -5.385  -2.644  1.00 51.89  ? 22  GLU A OE1 1 
ATOM   189  O  OE2 . GLU A 1 22  ? 10.925  -4.003  -3.833  1.00 75.05  ? 22  GLU A OE2 1 
ATOM   190  N  N   . GLY A 1 23  ? 9.686   -10.116 -5.683  1.00 12.78  ? 23  GLY A N   1 
ATOM   191  C  CA  . GLY A 1 23  ? 9.768   -11.537 -5.862  1.00 5.11   ? 23  GLY A CA  1 
ATOM   192  C  C   . GLY A 1 23  ? 9.029   -12.317 -4.796  1.00 21.18  ? 23  GLY A C   1 
ATOM   193  O  O   . GLY A 1 23  ? 9.237   -13.498 -4.708  1.00 20.51  ? 23  GLY A O   1 
ATOM   194  N  N   . TYR A 1 24  ? 8.135   -11.713 -4.029  1.00 16.89  ? 24  TYR A N   1 
ATOM   195  C  CA  . TYR A 1 24  ? 7.444   -12.466 -2.996  1.00 10.04  ? 24  TYR A CA  1 
ATOM   196  C  C   . TYR A 1 24  ? 6.075   -12.878 -3.366  1.00 15.30  ? 24  TYR A C   1 
ATOM   197  O  O   . TYR A 1 24  ? 5.345   -12.195 -4.088  1.00 10.63  ? 24  TYR A O   1 
ATOM   198  C  CB  . TYR A 1 24  ? 7.136   -11.607 -1.809  1.00 16.58  ? 24  TYR A CB  1 
ATOM   199  C  CG  . TYR A 1 24  ? 8.390   -11.017 -1.212  1.00 14.13  ? 24  TYR A CG  1 
ATOM   200  C  CD1 . TYR A 1 24  ? 8.469   -9.653  -0.933  1.00 24.66  ? 24  TYR A CD1 1 
ATOM   201  C  CD2 . TYR A 1 24  ? 9.466   -11.834 -0.866  1.00 24.96  ? 24  TYR A CD2 1 
ATOM   202  C  CE1 . TYR A 1 24  ? 9.624   -9.074  -0.399  1.00 20.73  ? 24  TYR A CE1 1 
ATOM   203  C  CE2 . TYR A 1 24  ? 10.602  -11.274 -0.277  1.00 46.88  ? 24  TYR A CE2 1 
ATOM   204  C  CZ  . TYR A 1 24  ? 10.690  -9.899  -0.042  1.00 57.67  ? 24  TYR A CZ  1 
ATOM   205  O  OH  . TYR A 1 24  ? 11.803  -9.342  0.540   1.00 34.58  ? 24  TYR A OH  1 
ATOM   206  N  N   . TYR A 1 25  ? 5.745   -14.028 -2.818  1.00 11.80  ? 25  TYR A N   1 
ATOM   207  C  CA  . TYR A 1 25  ? 4.428   -14.577 -3.093  1.00 8.86   ? 25  TYR A CA  1 
ATOM   208  C  C   . TYR A 1 25  ? 3.256   -13.723 -2.580  1.00 10.89  ? 25  TYR A C   1 
ATOM   209  O  O   . TYR A 1 25  ? 3.032   -13.390 -1.387  1.00 14.31  ? 25  TYR A O   1 
ATOM   210  C  CB  . TYR A 1 25  ? 4.363   -15.967 -2.469  1.00 7.95   ? 25  TYR A CB  1 
ATOM   211  C  CG  . TYR A 1 25  ? 5.234   -16.888 -3.232  1.00 24.27  ? 25  TYR A CG  1 
ATOM   212  C  CD1 . TYR A 1 25  ? 6.093   -17.747 -2.551  1.00 31.27  ? 25  TYR A CD1 1 
ATOM   213  C  CD2 . TYR A 1 25  ? 5.193   -16.899 -4.627  1.00 22.88  ? 25  TYR A CD2 1 
ATOM   214  C  CE1 . TYR A 1 25  ? 6.917   -18.618 -3.257  1.00 16.76  ? 25  TYR A CE1 1 
ATOM   215  C  CE2 . TYR A 1 25  ? 6.007   -17.777 -5.341  1.00 33.80  ? 25  TYR A CE2 1 
ATOM   216  C  CZ  . TYR A 1 25  ? 6.853   -18.651 -4.649  1.00 41.54  ? 25  TYR A CZ  1 
ATOM   217  O  OH  . TYR A 1 25  ? 7.641   -19.552 -5.320  1.00 32.62  ? 25  TYR A OH  1 
ATOM   218  N  N   . THR A 1 26  ? 2.410   -13.495 -3.525  1.00 7.64   ? 26  THR A N   1 
ATOM   219  C  CA  . THR A 1 26  ? 1.306   -12.633 -3.295  1.00 10.32  ? 26  THR A CA  1 
ATOM   220  C  C   . THR A 1 26  ? 0.109   -13.137 -4.057  1.00 15.44  ? 26  THR A C   1 
ATOM   221  O  O   . THR A 1 26  ? 0.264   -14.001 -4.923  1.00 11.44  ? 26  THR A O   1 
ATOM   222  C  CB  . THR A 1 26  ? 1.815   -11.285 -3.946  1.00 8.72   ? 26  THR A CB  1 
ATOM   223  O  OG1 . THR A 1 26  ? 3.068   -10.874 -3.399  1.00 10.37  ? 26  THR A OG1 1 
ATOM   224  C  CG2 . THR A 1 26  ? 0.871   -10.082 -3.961  1.00 5.24   ? 26  THR A CG2 1 
ATOM   225  N  N   . ILE A 1 27  ? -1.052  -12.563 -3.750  1.00 15.81  ? 27  ILE A N   1 
ATOM   226  C  CA  . ILE A 1 27  ? -2.284  -12.895 -4.448  1.00 19.55  ? 27  ILE A CA  1 
ATOM   227  C  C   . ILE A 1 27  ? -3.311  -11.783 -4.396  1.00 5.66   ? 27  ILE A C   1 
ATOM   228  O  O   . ILE A 1 27  ? -3.262  -10.917 -3.547  1.00 11.79  ? 27  ILE A O   1 
ATOM   229  C  CB  . ILE A 1 27  ? -2.963  -14.181 -3.912  1.00 20.22  ? 27  ILE A CB  1 
ATOM   230  C  CG1 . ILE A 1 27  ? -4.032  -14.694 -4.858  1.00 15.90  ? 27  ILE A CG1 1 
ATOM   231  C  CG2 . ILE A 1 27  ? -3.653  -13.985 -2.552  1.00 19.52  ? 27  ILE A CG2 1 
ATOM   232  C  CD1 . ILE A 1 27  ? -4.275  -16.178 -4.691  1.00 23.35  ? 27  ILE A CD1 1 
ATOM   233  N  N   . GLY A 1 28  ? -4.340  -11.916 -5.246  1.00 9.23   ? 28  GLY A N   1 
ATOM   234  C  CA  . GLY A 1 28  ? -5.462  -10.971 -5.184  1.00 6.63   ? 28  GLY A CA  1 
ATOM   235  C  C   . GLY A 1 28  ? -5.069  -9.585  -5.580  1.00 19.17  ? 28  GLY A C   1 
ATOM   236  O  O   . GLY A 1 28  ? -4.418  -9.370  -6.657  1.00 9.64   ? 28  GLY A O   1 
ATOM   237  N  N   . ILE A 1 29  ? -5.480  -8.668  -4.693  1.00 9.44   ? 29  ILE A N   1 
ATOM   238  C  CA  . ILE A 1 29  ? -5.152  -7.257  -4.840  1.00 6.88   ? 29  ILE A CA  1 
ATOM   239  C  C   . ILE A 1 29  ? -3.950  -6.831  -3.961  1.00 9.26   ? 29  ILE A C   1 
ATOM   240  O  O   . ILE A 1 29  ? -4.093  -6.123  -2.953  1.00 16.33  ? 29  ILE A O   1 
ATOM   241  C  CB  . ILE A 1 29  ? -6.318  -6.266  -4.668  1.00 13.46  ? 29  ILE A CB  1 
ATOM   242  C  CG1 . ILE A 1 29  ? -7.366  -6.516  -5.730  1.00 19.03  ? 29  ILE A CG1 1 
ATOM   243  C  CG2 . ILE A 1 29  ? -5.740  -4.829  -4.803  1.00 9.97   ? 29  ILE A CG2 1 
ATOM   244  C  CD1 . ILE A 1 29  ? -8.726  -6.881  -5.165  1.00 16.56  ? 29  ILE A CD1 1 
ATOM   245  N  N   . GLY A 1 30  ? -2.762  -7.265  -4.356  1.00 10.54  ? 30  GLY A N   1 
ATOM   246  C  CA  . GLY A 1 30  ? -1.559  -6.956  -3.614  1.00 7.66   ? 30  GLY A CA  1 
ATOM   247  C  C   . GLY A 1 30  ? -1.526  -7.629  -2.230  1.00 7.09   ? 30  GLY A C   1 
ATOM   248  O  O   . GLY A 1 30  ? -0.863  -7.194  -1.352  1.00 12.23  ? 30  GLY A O   1 
ATOM   249  N  N   . HIS A 1 31  ? -2.157  -8.760  -1.992  1.00 6.51   ? 31  HIS A N   1 
ATOM   250  C  CA  . HIS A 1 31  ? -2.068  -9.301  -0.656  1.00 1.27   ? 31  HIS A CA  1 
ATOM   251  C  C   . HIS A 1 31  ? -0.871  -10.223 -0.494  1.00 4.48   ? 31  HIS A C   1 
ATOM   252  O  O   . HIS A 1 31  ? -0.842  -11.338 -1.029  1.00 8.44   ? 31  HIS A O   1 
ATOM   253  C  CB  . HIS A 1 31  ? -3.368  -10.109 -0.413  1.00 7.12   ? 31  HIS A CB  1 
ATOM   254  C  CG  . HIS A 1 31  ? -3.323  -10.751 0.923   1.00 10.94  ? 31  HIS A CG  1 
ATOM   255  N  ND1 . HIS A 1 31  ? -3.810  -10.079 2.051   1.00 10.72  ? 31  HIS A ND1 1 
ATOM   256  C  CD2 . HIS A 1 31  ? -2.884  -11.968 1.305   1.00 11.20  ? 31  HIS A CD2 1 
ATOM   257  C  CE1 . HIS A 1 31  ? -3.640  -10.859 3.100   1.00 6.81   ? 31  HIS A CE1 1 
ATOM   258  N  NE2 . HIS A 1 31  ? -3.050  -11.990 2.697   1.00 12.54  ? 31  HIS A NE2 1 
ATOM   259  N  N   . LEU A 1 32  ? 0.140   -9.745  0.240   1.00 7.34   ? 32  LEU A N   1 
ATOM   260  C  CA  . LEU A 1 32  ? 1.348   -10.509 0.386   1.00 18.39  ? 32  LEU A CA  1 
ATOM   261  C  C   . LEU A 1 32  ? 1.140   -11.776 1.173   1.00 10.61  ? 32  LEU A C   1 
ATOM   262  O  O   . LEU A 1 32  ? 0.474   -11.771 2.212   1.00 11.92  ? 32  LEU A O   1 
ATOM   263  C  CB  . LEU A 1 32  ? 2.446   -9.642  0.980   1.00 25.78  ? 32  LEU A CB  1 
ATOM   264  C  CG  . LEU A 1 32  ? 3.620   -10.505 1.412   1.00 34.67  ? 32  LEU A CG  1 
ATOM   265  C  CD1 . LEU A 1 32  ? 4.563   -10.721 0.220   1.00 28.99  ? 32  LEU A CD1 1 
ATOM   266  C  CD2 . LEU A 1 32  ? 4.332   -9.809  2.568   1.00 31.43  ? 32  LEU A CD2 1 
ATOM   267  N  N   . LEU A 1 33  ? 1.715   -12.868 0.712   1.00 3.20   ? 33  LEU A N   1 
ATOM   268  C  CA  . LEU A 1 33  ? 1.406   -14.033 1.470   1.00 6.86   ? 33  LEU A CA  1 
ATOM   269  C  C   . LEU A 1 33  ? 2.509   -14.420 2.422   1.00 26.32  ? 33  LEU A C   1 
ATOM   270  O  O   . LEU A 1 33  ? 2.274   -14.852 3.563   1.00 13.64  ? 33  LEU A O   1 
ATOM   271  C  CB  . LEU A 1 33  ? 1.197   -15.170 0.477   1.00 16.66  ? 33  LEU A CB  1 
ATOM   272  C  CG  . LEU A 1 33  ? -0.183  -15.143 -0.161  1.00 16.56  ? 33  LEU A CG  1 
ATOM   273  C  CD1 . LEU A 1 33  ? -0.111  -15.993 -1.411  1.00 11.81  ? 33  LEU A CD1 1 
ATOM   274  C  CD2 . LEU A 1 33  ? -1.208  -15.735 0.812   1.00 7.17   ? 33  LEU A CD2 1 
ATOM   275  N  N   . THR A 1 34  ? 3.726   -14.331 1.898   1.00 13.50  ? 34  THR A N   1 
ATOM   276  C  CA  . THR A 1 34  ? 4.937   -14.674 2.655   1.00 25.87  ? 34  THR A CA  1 
ATOM   277  C  C   . THR A 1 34  ? 6.195   -14.179 2.003   1.00 31.06  ? 34  THR A C   1 
ATOM   278  O  O   . THR A 1 34  ? 6.259   -14.049 0.769   1.00 32.21  ? 34  THR A O   1 
ATOM   279  C  CB  . THR A 1 34  ? 5.209   -16.210 2.829   1.00 39.86  ? 34  THR A CB  1 
ATOM   280  O  OG1 . THR A 1 34  ? 6.417   -16.414 3.577   1.00 22.51  ? 34  THR A OG1 1 
ATOM   281  C  CG2 . THR A 1 34  ? 5.303   -17.016 1.517   1.00 26.04  ? 34  THR A CG2 1 
ATOM   282  N  N   . LYS A 1 35  ? 7.215   -13.997 2.830   1.00 18.14  ? 35  LYS A N   1 
ATOM   283  C  CA  . LYS A 1 35  ? 8.468   -13.561 2.231   1.00 24.74  ? 35  LYS A CA  1 
ATOM   284  C  C   . LYS A 1 35  ? 9.367   -14.740 1.866   1.00 24.98  ? 35  LYS A C   1 
ATOM   285  O  O   . LYS A 1 35  ? 10.309  -14.681 1.084   1.00 31.89  ? 35  LYS A O   1 
ATOM   286  C  CB  . LYS A 1 35  ? 9.201   -12.509 3.018   1.00 30.04  ? 35  LYS A CB  1 
ATOM   287  C  CG  . LYS A 1 35  ? 8.459   -11.167 3.115   1.00 27.44  ? 35  LYS A CG  1 
ATOM   288  C  CD  . LYS A 1 35  ? 9.347   -9.977  3.488   1.00 38.95  ? 35  LYS A CD  1 
ATOM   289  C  CE  . LYS A 1 35  ? 8.802   -9.100  4.626   1.00 100.00 ? 35  LYS A CE  1 
ATOM   290  N  NZ  . LYS A 1 35  ? 9.863   -8.410  5.447   1.00 100.00 ? 35  LYS A NZ  1 
ATOM   291  N  N   . SER A 1 36  ? 9.033   -15.868 2.414   1.00 21.71  ? 36  SER A N   1 
ATOM   292  C  CA  . SER A 1 36  ? 9.769   -17.082 2.115   1.00 14.57  ? 36  SER A CA  1 
ATOM   293  C  C   . SER A 1 36  ? 9.609   -17.464 0.647   1.00 35.55  ? 36  SER A C   1 
ATOM   294  O  O   . SER A 1 36  ? 8.622   -17.224 -0.032  1.00 23.16  ? 36  SER A O   1 
ATOM   295  C  CB  . SER A 1 36  ? 9.380   -18.251 3.054   1.00 43.75  ? 36  SER A CB  1 
ATOM   296  O  OG  . SER A 1 36  ? 9.303   -19.546 2.437   1.00 54.16  ? 36  SER A OG  1 
ATOM   297  N  N   . PRO A 1 37  ? 10.607  -18.153 0.157   1.00 44.91  ? 37  PRO A N   1 
ATOM   298  C  CA  . PRO A 1 37  ? 10.620  -18.582 -1.216  1.00 30.13  ? 37  PRO A CA  1 
ATOM   299  C  C   . PRO A 1 37  ? 10.016  -19.949 -1.447  1.00 38.01  ? 37  PRO A C   1 
ATOM   300  O  O   . PRO A 1 37  ? 10.016  -20.389 -2.599  1.00 44.78  ? 37  PRO A O   1 
ATOM   301  C  CB  . PRO A 1 37  ? 12.066  -18.542 -1.607  1.00 37.23  ? 37  PRO A CB  1 
ATOM   302  C  CG  . PRO A 1 37  ? 12.865  -18.601 -0.323  1.00 28.77  ? 37  PRO A CG  1 
ATOM   303  C  CD  . PRO A 1 37  ? 11.931  -18.211 0.797   1.00 30.57  ? 37  PRO A CD  1 
ATOM   304  N  N   . SER A 1 38  ? 9.446   -20.580 -0.397  1.00 44.37  ? 38  SER A N   1 
ATOM   305  C  CA  . SER A 1 38  ? 8.759   -21.866 -0.566  1.00 52.75  ? 38  SER A CA  1 
ATOM   306  C  C   . SER A 1 38  ? 7.301   -21.647 -1.029  1.00 24.02  ? 38  SER A C   1 
ATOM   307  O  O   . SER A 1 38  ? 6.434   -21.154 -0.290  1.00 27.30  ? 38  SER A O   1 
ATOM   308  C  CB  . SER A 1 38  ? 8.888   -22.910 0.585   1.00 53.66  ? 38  SER A CB  1 
ATOM   309  O  OG  . SER A 1 38  ? 8.313   -24.193 0.236   1.00 28.86  ? 38  SER A OG  1 
ATOM   310  N  N   . LEU A 1 39  ? 7.000   -22.045 -2.260  1.00 19.90  ? 39  LEU A N   1 
ATOM   311  C  CA  . LEU A 1 39  ? 5.660   -21.924 -2.780  1.00 28.14  ? 39  LEU A CA  1 
ATOM   312  C  C   . LEU A 1 39  ? 4.657   -22.666 -1.892  1.00 25.47  ? 39  LEU A C   1 
ATOM   313  O  O   . LEU A 1 39  ? 3.448   -22.421 -1.824  1.00 24.62  ? 39  LEU A O   1 
ATOM   314  C  CB  . LEU A 1 39  ? 5.593   -22.425 -4.258  1.00 18.58  ? 39  LEU A CB  1 
ATOM   315  C  CG  . LEU A 1 39  ? 4.184   -22.375 -4.853  1.00 32.07  ? 39  LEU A CG  1 
ATOM   316  C  CD1 . LEU A 1 39  ? 3.672   -20.947 -4.828  1.00 40.50  ? 39  LEU A CD1 1 
ATOM   317  C  CD2 . LEU A 1 39  ? 4.131   -22.848 -6.299  1.00 31.02  ? 39  LEU A CD2 1 
ATOM   318  N  N   . ASN A 1 40  ? 5.143   -23.688 -1.261  1.00 25.30  ? 40  ASN A N   1 
ATOM   319  C  CA  . ASN A 1 40  ? 4.226   -24.443 -0.450  1.00 27.21  ? 40  ASN A CA  1 
ATOM   320  C  C   . ASN A 1 40  ? 3.912   -23.665 0.811   1.00 28.91  ? 40  ASN A C   1 
ATOM   321  O  O   . ASN A 1 40  ? 2.818   -23.714 1.337   1.00 26.02  ? 40  ASN A O   1 
ATOM   322  C  CB  . ASN A 1 40  ? 4.740   -25.889 -0.267  1.00 39.33  ? 40  ASN A CB  1 
ATOM   323  C  CG  . ASN A 1 40  ? 4.534   -26.687 -1.551  1.00 43.53  ? 40  ASN A CG  1 
ATOM   324  O  OD1 . ASN A 1 40  ? 3.404   -27.044 -1.928  1.00 100.00 ? 40  ASN A OD1 1 
ATOM   325  N  ND2 . ASN A 1 40  ? 5.616   -26.871 -2.307  1.00 100.00 ? 40  ASN A ND2 1 
ATOM   326  N  N   . ALA A 1 41  ? 4.896   -22.929 1.281   1.00 21.18  ? 41  ALA A N   1 
ATOM   327  C  CA  . ALA A 1 41  ? 4.692   -22.104 2.430   1.00 16.33  ? 41  ALA A CA  1 
ATOM   328  C  C   . ALA A 1 41  ? 3.595   -21.141 2.021   1.00 14.29  ? 41  ALA A C   1 
ATOM   329  O  O   . ALA A 1 41  ? 2.642   -20.873 2.713   1.00 20.30  ? 41  ALA A O   1 
ATOM   330  C  CB  . ALA A 1 41  ? 5.956   -21.282 2.637   1.00 12.14  ? 41  ALA A CB  1 
ATOM   331  N  N   . ALA A 1 42  ? 3.736   -20.610 0.841   1.00 24.62  ? 42  ALA A N   1 
ATOM   332  C  CA  . ALA A 1 42  ? 2.755   -19.659 0.324   1.00 18.14  ? 42  ALA A CA  1 
ATOM   333  C  C   . ALA A 1 42  ? 1.309   -20.196 0.221   1.00 7.94   ? 42  ALA A C   1 
ATOM   334  O  O   . ALA A 1 42  ? 0.277   -19.567 0.570   1.00 19.43  ? 42  ALA A O   1 
ATOM   335  C  CB  . ALA A 1 42  ? 3.291   -19.180 -1.004  1.00 13.43  ? 42  ALA A CB  1 
ATOM   336  N  N   . LYS A 1 43  ? 1.215   -21.419 -0.259  1.00 18.32  ? 43  LYS A N   1 
ATOM   337  C  CA  . LYS A 1 43  ? -0.093  -22.028 -0.444  1.00 20.50  ? 43  LYS A CA  1 
ATOM   338  C  C   . LYS A 1 43  ? -0.719  -22.268 0.892   1.00 16.58  ? 43  LYS A C   1 
ATOM   339  O  O   . LYS A 1 43  ? -1.923  -22.129 1.067   1.00 15.97  ? 43  LYS A O   1 
ATOM   340  C  CB  . LYS A 1 43  ? 0.075   -23.388 -1.061  1.00 22.42  ? 43  LYS A CB  1 
ATOM   341  C  CG  . LYS A 1 43  ? -0.115  -23.333 -2.550  1.00 26.62  ? 43  LYS A CG  1 
ATOM   342  C  CD  . LYS A 1 43  ? 0.976   -24.070 -3.301  1.00 24.11  ? 43  LYS A CD  1 
ATOM   343  C  CE  . LYS A 1 43  ? 0.409   -24.597 -4.612  1.00 44.68  ? 43  LYS A CE  1 
ATOM   344  N  NZ  . LYS A 1 43  ? -0.550  -25.704 -4.416  1.00 100.00 ? 43  LYS A NZ  1 
ATOM   345  N  N   . SER A 1 44  ? 0.149   -22.574 1.837   1.00 14.49  ? 44  SER A N   1 
ATOM   346  C  CA  . SER A 1 44  ? -0.312  -22.817 3.201   1.00 19.26  ? 44  SER A CA  1 
ATOM   347  C  C   . SER A 1 44  ? -0.912  -21.565 3.810   1.00 8.79   ? 44  SER A C   1 
ATOM   348  O  O   . SER A 1 44  ? -2.004  -21.534 4.316   1.00 15.90  ? 44  SER A O   1 
ATOM   349  C  CB  . SER A 1 44  ? 0.709   -23.525 4.092   1.00 18.14  ? 44  SER A CB  1 
ATOM   350  O  OG  . SER A 1 44  ? 0.446   -23.203 5.441   1.00 90.49  ? 44  SER A OG  1 
ATOM   351  N  N   . GLU A 1 45  ? -0.181  -20.504 3.668   1.00 13.76  ? 45  GLU A N   1 
ATOM   352  C  CA  . GLU A 1 45  ? -0.632  -19.200 4.124   1.00 17.32  ? 45  GLU A CA  1 
ATOM   353  C  C   . GLU A 1 45  ? -1.923  -18.846 3.462   1.00 7.74   ? 45  GLU A C   1 
ATOM   354  O  O   . GLU A 1 45  ? -2.800  -18.333 4.136   1.00 21.59  ? 45  GLU A O   1 
ATOM   355  C  CB  . GLU A 1 45  ? 0.333   -18.122 3.672   1.00 12.31  ? 45  GLU A CB  1 
ATOM   356  C  CG  . GLU A 1 45  ? 1.580   -18.041 4.602   1.00 7.65   ? 45  GLU A CG  1 
ATOM   357  C  CD  . GLU A 1 45  ? 1.179   -17.914 6.062   1.00 18.69  ? 45  GLU A CD  1 
ATOM   358  O  OE1 . GLU A 1 45  ? 0.403   -17.092 6.522   1.00 21.84  ? 45  GLU A OE1 1 
ATOM   359  O  OE2 . GLU A 1 45  ? 1.887   -18.689 6.830   1.00 24.28  ? 45  GLU A OE2 1 
ATOM   360  N  N   . LEU A 1 46  ? -2.003  -19.099 2.145   1.00 13.35  ? 46  LEU A N   1 
ATOM   361  C  CA  . LEU A 1 46  ? -3.231  -18.832 1.402   1.00 5.91   ? 46  LEU A CA  1 
ATOM   362  C  C   . LEU A 1 46  ? -4.474  -19.529 1.970   1.00 15.63  ? 46  LEU A C   1 
ATOM   363  O  O   . LEU A 1 46  ? -5.519  -18.947 2.198   1.00 16.99  ? 46  LEU A O   1 
ATOM   364  C  CB  . LEU A 1 46  ? -3.088  -19.174 -0.079  1.00 7.63   ? 46  LEU A CB  1 
ATOM   365  C  CG  . LEU A 1 46  ? -4.388  -18.917 -0.810  1.00 11.63  ? 46  LEU A CG  1 
ATOM   366  C  CD1 . LEU A 1 46  ? -4.706  -17.428 -0.734  1.00 10.91  ? 46  LEU A CD1 1 
ATOM   367  C  CD2 . LEU A 1 46  ? -4.125  -19.193 -2.280  1.00 16.30  ? 46  LEU A CD2 1 
ATOM   368  N  N   . ASP A 1 47  ? -4.374  -20.838 2.181   1.00 13.63  ? 47  ASP A N   1 
ATOM   369  C  CA  . ASP A 1 47  ? -5.467  -21.622 2.721   1.00 25.67  ? 47  ASP A CA  1 
ATOM   370  C  C   . ASP A 1 47  ? -5.881  -21.118 4.093   1.00 11.67  ? 47  ASP A C   1 
ATOM   371  O  O   . ASP A 1 47  ? -7.070  -20.999 4.431   1.00 22.46  ? 47  ASP A O   1 
ATOM   372  C  CB  . ASP A 1 47  ? -5.069  -23.113 2.781   1.00 21.15  ? 47  ASP A CB  1 
ATOM   373  C  CG  . ASP A 1 47  ? -4.917  -23.685 1.379   1.00 22.32  ? 47  ASP A CG  1 
ATOM   374  O  OD1 . ASP A 1 47  ? -5.379  -23.216 0.348   1.00 21.49  ? 47  ASP A OD1 1 
ATOM   375  O  OD2 . ASP A 1 47  ? -4.239  -24.773 1.361   1.00 28.80  ? 47  ASP A OD2 1 
ATOM   376  N  N   . LYS A 1 48  ? -4.845  -20.784 4.869   1.00 16.79  ? 48  LYS A N   1 
ATOM   377  C  CA  . LYS A 1 48  ? -5.064  -20.233 6.186   1.00 9.15   ? 48  LYS A CA  1 
ATOM   378  C  C   . LYS A 1 48  ? -5.855  -18.894 6.083   1.00 9.85   ? 48  LYS A C   1 
ATOM   379  O  O   . LYS A 1 48  ? -6.776  -18.591 6.816   1.00 16.83  ? 48  LYS A O   1 
ATOM   380  C  CB  . LYS A 1 48  ? -3.718  -19.984 6.911   1.00 8.84   ? 48  LYS A CB  1 
ATOM   381  C  CG  . LYS A 1 48  ? -3.870  -19.404 8.300   1.00 16.38  ? 48  LYS A CG  1 
ATOM   382  C  CD  . LYS A 1 48  ? -2.646  -19.536 9.181   1.00 21.86  ? 48  LYS A CD  1 
ATOM   383  C  CE  . LYS A 1 48  ? -1.372  -18.976 8.574   1.00 12.24  ? 48  LYS A CE  1 
ATOM   384  N  NZ  . LYS A 1 48  ? -1.267  -17.524 8.840   1.00 8.03   ? 48  LYS A NZ  1 
ATOM   385  N  N   . ALA A 1 49  ? -5.481  -18.034 5.191   1.00 7.99   ? 49  ALA A N   1 
ATOM   386  C  CA  . ALA A 1 49  ? -6.190  -16.772 5.130   1.00 19.20  ? 49  ALA A CA  1 
ATOM   387  C  C   . ALA A 1 49  ? -7.593  -16.896 4.597   1.00 16.81  ? 49  ALA A C   1 
ATOM   388  O  O   . ALA A 1 49  ? -8.501  -16.144 4.944   1.00 6.67   ? 49  ALA A O   1 
ATOM   389  C  CB  . ALA A 1 49  ? -5.412  -15.894 4.168   1.00 12.44  ? 49  ALA A CB  1 
ATOM   390  N  N   . ILE A 1 50  ? -7.774  -17.850 3.725   1.00 15.91  ? 50  ILE A N   1 
ATOM   391  C  CA  . ILE A 1 50  ? -9.062  -17.996 3.078   1.00 10.73  ? 50  ILE A CA  1 
ATOM   392  C  C   . ILE A 1 50  ? -9.940  -18.967 3.781   1.00 21.67  ? 50  ILE A C   1 
ATOM   393  O  O   . ILE A 1 50  ? -11.149 -18.900 3.700   1.00 17.24  ? 50  ILE A O   1 
ATOM   394  C  CB  . ILE A 1 50  ? -8.877  -18.475 1.623   1.00 29.34  ? 50  ILE A CB  1 
ATOM   395  C  CG1 . ILE A 1 50  ? -8.100  -17.452 0.772   1.00 15.81  ? 50  ILE A CG1 1 
ATOM   396  C  CG2 . ILE A 1 50  ? -10.244 -18.669 0.989   1.00 8.71   ? 50  ILE A CG2 1 
ATOM   397  C  CD1 . ILE A 1 50  ? -8.776  -16.068 0.778   1.00 7.76   ? 50  ILE A CD1 1 
ATOM   398  N  N   . GLY A 1 51  ? -9.326  -19.878 4.501   1.00 15.87  ? 51  GLY A N   1 
ATOM   399  C  CA  . GLY A 1 51  ? -10.183 -20.784 5.223   1.00 13.43  ? 51  GLY A CA  1 
ATOM   400  C  C   . GLY A 1 51  ? -10.611 -21.985 4.408   1.00 26.57  ? 51  GLY A C   1 
ATOM   401  O  O   . GLY A 1 51  ? -11.638 -22.597 4.602   1.00 22.93  ? 51  GLY A O   1 
ATOM   402  N  N   . ARG A 1 52  ? -9.799  -22.368 3.477   1.00 27.43  ? 52  ARG A N   1 
ATOM   403  C  CA  . ARG A 1 52  ? -10.160 -23.498 2.661   1.00 25.56  ? 52  ARG A CA  1 
ATOM   404  C  C   . ARG A 1 52  ? -8.953  -23.862 1.854   1.00 14.72  ? 52  ARG A C   1 
ATOM   405  O  O   . ARG A 1 52  ? -7.970  -23.087 1.809   1.00 20.48  ? 52  ARG A O   1 
ATOM   406  C  CB  . ARG A 1 52  ? -11.403 -23.213 1.794   1.00 20.01  ? 52  ARG A CB  1 
ATOM   407  C  CG  . ARG A 1 52  ? -11.175 -22.707 0.361   1.00 20.07  ? 52  ARG A CG  1 
ATOM   408  C  CD  . ARG A 1 52  ? -12.470 -22.328 -0.376  1.00 18.03  ? 52  ARG A CD  1 
ATOM   409  N  NE  . ARG A 1 52  ? -12.217 -21.388 -1.474  1.00 24.79  ? 52  ARG A NE  1 
ATOM   410  C  CZ  . ARG A 1 52  ? -11.472 -21.693 -2.531  1.00 30.50  ? 52  ARG A CZ  1 
ATOM   411  N  NH1 . ARG A 1 52  ? -10.978 -22.910 -2.688  1.00 31.29  ? 52  ARG A NH1 1 
ATOM   412  N  NH2 . ARG A 1 52  ? -11.241 -20.794 -3.479  1.00 25.52  ? 52  ARG A NH2 1 
ATOM   413  N  N   . ASN A 1 53  ? -9.019  -25.065 1.287   1.00 19.62  ? 53  ASN A N   1 
ATOM   414  C  CA  . ASN A 1 53  ? -7.913  -25.568 0.482   1.00 25.20  ? 53  ASN A CA  1 
ATOM   415  C  C   . ASN A 1 53  ? -8.059  -24.954 -0.902  1.00 23.51  ? 53  ASN A C   1 
ATOM   416  O  O   . ASN A 1 53  ? -8.953  -25.320 -1.704  1.00 17.41  ? 53  ASN A O   1 
ATOM   417  C  CB  . ASN A 1 53  ? -7.892  -27.119 0.429   1.00 60.83  ? 53  ASN A CB  1 
ATOM   418  C  CG  . ASN A 1 53  ? -7.003  -27.747 1.478   1.00 64.38  ? 53  ASN A CG  1 
ATOM   419  O  OD1 . ASN A 1 53  ? -7.298  -27.692 2.690   1.00 100.00 ? 53  ASN A OD1 1 
ATOM   420  N  ND2 . ASN A 1 53  ? -5.894  -28.332 1.010   1.00 60.33  ? 53  ASN A ND2 1 
ATOM   421  N  N   . CYS A 1 54  ? -7.183  -23.974 -1.157  1.00 21.87  ? 54  CYS A N   1 
ATOM   422  C  CA  . CYS A 1 54  ? -7.243  -23.231 -2.391  1.00 20.50  ? 54  CYS A CA  1 
ATOM   423  C  C   . CYS A 1 54  ? -6.438  -23.832 -3.499  1.00 17.91  ? 54  CYS A C   1 
ATOM   424  O  O   . CYS A 1 54  ? -6.766  -23.678 -4.670  1.00 30.18  ? 54  CYS A O   1 
ATOM   425  C  CB  . CYS A 1 54  ? -6.830  -21.764 -2.141  1.00 9.61   ? 54  CYS A CB  1 
ATOM   426  S  SG  . CYS A 1 54  ? -8.138  -21.023 -1.102  1.00 23.59  ? 54  CYS A SG  1 
ATOM   427  N  N   . ASN A 1 55  ? -5.329  -24.421 -3.123  1.00 17.27  ? 55  ASN A N   1 
ATOM   428  C  CA  . ASN A 1 55  ? -4.519  -24.883 -4.198  1.00 34.83  ? 55  ASN A CA  1 
ATOM   429  C  C   . ASN A 1 55  ? -4.051  -23.662 -5.041  1.00 34.59  ? 55  ASN A C   1 
ATOM   430  O  O   . ASN A 1 55  ? -4.094  -23.638 -6.265  1.00 33.72  ? 55  ASN A O   1 
ATOM   431  C  CB  . ASN A 1 55  ? -5.215  -26.027 -4.993  1.00 32.88  ? 55  ASN A CB  1 
ATOM   432  C  CG  . ASN A 1 55  ? -4.266  -26.908 -5.828  1.00 100.00 ? 55  ASN A CG  1 
ATOM   433  O  OD1 . ASN A 1 55  ? -3.093  -27.237 -5.465  1.00 29.72  ? 55  ASN A OD1 1 
ATOM   434  N  ND2 . ASN A 1 55  ? -4.781  -27.285 -7.004  1.00 42.40  ? 55  ASN A ND2 1 
ATOM   435  N  N   . GLY A 1 56  ? -3.625  -22.584 -4.403  1.00 17.04  ? 56  GLY A N   1 
ATOM   436  C  CA  . GLY A 1 56  ? -3.061  -21.441 -5.126  1.00 24.58  ? 56  GLY A CA  1 
ATOM   437  C  C   . GLY A 1 56  ? -3.999  -20.565 -5.936  1.00 21.96  ? 56  GLY A C   1 
ATOM   438  O  O   . GLY A 1 56  ? -3.589  -19.625 -6.596  1.00 17.90  ? 56  GLY A O   1 
ATOM   439  N  N   . VAL A 1 57  ? -5.277  -20.856 -5.894  1.00 11.98  ? 57  VAL A N   1 
ATOM   440  C  CA  . VAL A 1 57  ? -6.209  -20.035 -6.643  1.00 10.08  ? 57  VAL A CA  1 
ATOM   441  C  C   . VAL A 1 57  ? -7.388  -19.551 -5.811  1.00 21.60  ? 57  VAL A C   1 
ATOM   442  O  O   . VAL A 1 57  ? -7.936  -20.283 -4.974  1.00 20.16  ? 57  VAL A O   1 
ATOM   443  C  CB  . VAL A 1 57  ? -6.689  -20.843 -7.823  1.00 17.05  ? 57  VAL A CB  1 
ATOM   444  C  CG1 . VAL A 1 57  ? -7.677  -20.056 -8.653  1.00 15.97  ? 57  VAL A CG1 1 
ATOM   445  C  CG2 . VAL A 1 57  ? -5.467  -21.135 -8.648  1.00 34.19  ? 57  VAL A CG2 1 
ATOM   446  N  N   . ILE A 1 58  ? -7.853  -18.321 -6.057  1.00 13.83  ? 58  ILE A N   1 
ATOM   447  C  CA  . ILE A 1 58  ? -9.000  -17.891 -5.271  1.00 10.03  ? 58  ILE A CA  1 
ATOM   448  C  C   . ILE A 1 58  ? -9.996  -17.271 -6.205  1.00 18.14  ? 58  ILE A C   1 
ATOM   449  O  O   . ILE A 1 58  ? -9.699  -17.117 -7.369  1.00 14.58  ? 58  ILE A O   1 
ATOM   450  C  CB  . ILE A 1 58  ? -8.679  -16.865 -4.176  1.00 17.42  ? 58  ILE A CB  1 
ATOM   451  C  CG1 . ILE A 1 58  ? -8.021  -15.648 -4.847  1.00 11.94  ? 58  ILE A CG1 1 
ATOM   452  C  CG2 . ILE A 1 58  ? -7.755  -17.480 -3.126  1.00 9.43   ? 58  ILE A CG2 1 
ATOM   453  C  CD1 . ILE A 1 58  ? -7.626  -14.525 -3.895  1.00 10.19  ? 58  ILE A CD1 1 
ATOM   454  N  N   . THR A 1 59  ? -11.130 -16.891 -5.663  1.00 13.31  ? 59  THR A N   1 
ATOM   455  C  CA  . THR A 1 59  ? -12.138 -16.214 -6.440  1.00 14.46  ? 59  THR A CA  1 
ATOM   456  C  C   . THR A 1 59  ? -12.057 -14.709 -6.258  1.00 23.00  ? 59  THR A C   1 
ATOM   457  O  O   . THR A 1 59  ? -11.418 -14.194 -5.368  1.00 15.56  ? 59  THR A O   1 
ATOM   458  C  CB  . THR A 1 59  ? -13.538 -16.725 -6.051  1.00 27.78  ? 59  THR A CB  1 
ATOM   459  O  OG1 . THR A 1 59  ? -14.001 -16.013 -4.934  1.00 15.14  ? 59  THR A OG1 1 
ATOM   460  C  CG2 . THR A 1 59  ? -13.480 -18.227 -5.765  1.00 31.72  ? 59  THR A CG2 1 
ATOM   461  N  N   . LYS A 1 60  ? -12.797 -14.009 -7.068  1.00 14.43  ? 60  LYS A N   1 
ATOM   462  C  CA  . LYS A 1 60  ? -12.817 -12.560 -7.068  1.00 14.44  ? 60  LYS A CA  1 
ATOM   463  C  C   . LYS A 1 60  ? -13.344 -11.962 -5.772  1.00 14.09  ? 60  LYS A C   1 
ATOM   464  O  O   . LYS A 1 60  ? -12.832 -10.986 -5.203  1.00 12.74  ? 60  LYS A O   1 
ATOM   465  C  CB  . LYS A 1 60  ? -13.516 -12.093 -8.363  1.00 9.19   ? 60  LYS A CB  1 
ATOM   466  C  CG  . LYS A 1 60  ? -13.359 -10.569 -8.540  1.00 37.53  ? 60  LYS A CG  1 
ATOM   467  C  CD  . LYS A 1 60  ? -14.359 -9.991  -9.536  1.00 100.00 ? 60  LYS A CD  1 
ATOM   468  C  CE  . LYS A 1 60  ? -14.099 -8.548  -9.951  1.00 98.38  ? 60  LYS A CE  1 
ATOM   469  N  NZ  . LYS A 1 60  ? -14.907 -8.136  -11.115 1.00 100.00 ? 60  LYS A NZ  1 
ATOM   470  N  N   . ASP A 1 61  ? -14.402 -12.595 -5.297  1.00 16.40  ? 61  ASP A N   1 
ATOM   471  C  CA  . ASP A 1 61  ? -15.034 -12.215 -4.056  1.00 9.78   ? 61  ASP A CA  1 
ATOM   472  C  C   . ASP A 1 61  ? -14.075 -12.454 -2.916  1.00 8.03   ? 61  ASP A C   1 
ATOM   473  O  O   . ASP A 1 61  ? -14.046 -11.705 -1.963  1.00 16.70  ? 61  ASP A O   1 
ATOM   474  C  CB  . ASP A 1 61  ? -16.316 -13.033 -3.819  1.00 12.59  ? 61  ASP A CB  1 
ATOM   475  C  CG  . ASP A 1 61  ? -17.340 -12.515 -4.808  1.00 100.00 ? 61  ASP A CG  1 
ATOM   476  O  OD1 . ASP A 1 61  ? -17.902 -11.439 -4.678  1.00 100.00 ? 61  ASP A OD1 1 
ATOM   477  O  OD2 . ASP A 1 61  ? -17.469 -13.257 -5.887  1.00 100.00 ? 61  ASP A OD2 1 
ATOM   478  N  N   . GLU A 1 62  ? -13.335 -13.552 -2.999  1.00 16.82  ? 62  GLU A N   1 
ATOM   479  C  CA  . GLU A 1 62  ? -12.389 -13.877 -1.980  1.00 7.82   ? 62  GLU A CA  1 
ATOM   480  C  C   . GLU A 1 62  ? -11.279 -12.828 -2.073  1.00 17.69  ? 62  GLU A C   1 
ATOM   481  O  O   . GLU A 1 62  ? -10.811 -12.336 -1.090  1.00 14.43  ? 62  GLU A O   1 
ATOM   482  C  CB  . GLU A 1 62  ? -11.725 -15.228 -2.253  1.00 11.06  ? 62  GLU A CB  1 
ATOM   483  C  CG  . GLU A 1 62  ? -12.735 -16.352 -2.014  1.00 16.49  ? 62  GLU A CG  1 
ATOM   484  C  CD  . GLU A 1 62  ? -12.248 -17.742 -2.259  1.00 16.37  ? 62  GLU A CD  1 
ATOM   485  O  OE1 . GLU A 1 62  ? -11.405 -18.061 -3.099  1.00 19.66  ? 62  GLU A OE1 1 
ATOM   486  O  OE2 . GLU A 1 62  ? -12.922 -18.566 -1.501  1.00 17.37  ? 62  GLU A OE2 1 
ATOM   487  N  N   . ALA A 1 63  ? -10.807 -12.488 -3.279  1.00 7.81   ? 63  ALA A N   1 
ATOM   488  C  CA  . ALA A 1 63  ? -9.766  -11.505 -3.371  1.00 8.01   ? 63  ALA A CA  1 
ATOM   489  C  C   . ALA A 1 63  ? -10.253 -10.196 -2.780  1.00 14.12  ? 63  ALA A C   1 
ATOM   490  O  O   . ALA A 1 63  ? -9.515  -9.487  -2.075  1.00 14.53  ? 63  ALA A O   1 
ATOM   491  C  CB  . ALA A 1 63  ? -9.405  -11.278 -4.848  1.00 11.64  ? 63  ALA A CB  1 
ATOM   492  N  N   . GLU A 1 64  ? -11.518 -9.871  -3.084  1.00 12.84  ? 64  GLU A N   1 
ATOM   493  C  CA  . GLU A 1 64  ? -12.023 -8.608  -2.556  1.00 16.02  ? 64  GLU A CA  1 
ATOM   494  C  C   . GLU A 1 64  ? -12.244 -8.597  -1.064  1.00 25.31  ? 64  GLU A C   1 
ATOM   495  O  O   . GLU A 1 64  ? -12.211 -7.569  -0.396  1.00 9.77   ? 64  GLU A O   1 
ATOM   496  C  CB  . GLU A 1 64  ? -13.309 -8.189  -3.215  1.00 13.11  ? 64  GLU A CB  1 
ATOM   497  C  CG  . GLU A 1 64  ? -12.969 -7.721  -4.618  1.00 29.48  ? 64  GLU A CG  1 
ATOM   498  C  CD  . GLU A 1 64  ? -14.179 -7.722  -5.476  1.00 49.63  ? 64  GLU A CD  1 
ATOM   499  O  OE1 . GLU A 1 64  ? -15.203 -8.340  -5.212  1.00 39.01  ? 64  GLU A OE1 1 
ATOM   500  O  OE2 . GLU A 1 64  ? -13.972 -7.011  -6.540  1.00 42.88  ? 64  GLU A OE2 1 
ATOM   501  N  N   . LYS A 1 65  ? -12.507 -9.747  -0.521  1.00 7.04   ? 65  LYS A N   1 
ATOM   502  C  CA  . LYS A 1 65  ? -12.636 -9.827  0.907   1.00 12.25  ? 65  LYS A CA  1 
ATOM   503  C  C   . LYS A 1 65  ? -11.246 -9.573  1.496   1.00 18.97  ? 65  LYS A C   1 
ATOM   504  O  O   . LYS A 1 65  ? -11.111 -8.830  2.482   1.00 15.54  ? 65  LYS A O   1 
ATOM   505  C  CB  . LYS A 1 65  ? -13.132 -11.183 1.379   1.00 13.70  ? 65  LYS A CB  1 
ATOM   506  C  CG  . LYS A 1 65  ? -13.131 -11.315 2.898   1.00 28.01  ? 65  LYS A CG  1 
ATOM   507  C  CD  . LYS A 1 65  ? -14.051 -12.448 3.343   1.00 60.12  ? 65  LYS A CD  1 
ATOM   508  C  CE  . LYS A 1 65  ? -14.746 -12.249 4.678   1.00 42.10  ? 65  LYS A CE  1 
ATOM   509  N  NZ  . LYS A 1 65  ? -15.188 -13.538 5.254   1.00 36.09  ? 65  LYS A NZ  1 
ATOM   510  N  N   . LEU A 1 66  ? -10.196 -10.154 0.896   1.00 12.17  ? 66  LEU A N   1 
ATOM   511  C  CA  . LEU A 1 66  ? -8.880  -9.887  1.459   1.00 4.77   ? 66  LEU A CA  1 
ATOM   512  C  C   . LEU A 1 66  ? -8.566  -8.433  1.358   1.00 10.59  ? 66  LEU A C   1 
ATOM   513  O  O   . LEU A 1 66  ? -7.994  -7.878  2.284   1.00 9.26   ? 66  LEU A O   1 
ATOM   514  C  CB  . LEU A 1 66  ? -7.647  -10.544 0.720   1.00 11.69  ? 66  LEU A CB  1 
ATOM   515  C  CG  . LEU A 1 66  ? -7.752  -12.060 0.834   1.00 16.65  ? 66  LEU A CG  1 
ATOM   516  C  CD1 . LEU A 1 66  ? -6.730  -12.700 -0.061  1.00 11.72  ? 66  LEU A CD1 1 
ATOM   517  C  CD2 . LEU A 1 66  ? -7.585  -12.460 2.299   1.00 14.15  ? 66  LEU A CD2 1 
ATOM   518  N  N   . PHE A 1 67  ? -8.908  -7.855  0.226   1.00 7.80   ? 67  PHE A N   1 
ATOM   519  C  CA  . PHE A 1 67  ? -8.604  -6.469  0.038   1.00 5.98   ? 67  PHE A CA  1 
ATOM   520  C  C   . PHE A 1 67  ? -9.190  -5.577  1.113   1.00 13.99  ? 67  PHE A C   1 
ATOM   521  O  O   . PHE A 1 67  ? -8.557  -4.648  1.665   1.00 12.18  ? 67  PHE A O   1 
ATOM   522  C  CB  . PHE A 1 67  ? -9.129  -6.122  -1.349  1.00 10.59  ? 67  PHE A CB  1 
ATOM   523  C  CG  . PHE A 1 67  ? -8.679  -4.741  -1.887  1.00 16.40  ? 67  PHE A CG  1 
ATOM   524  C  CD1 . PHE A 1 67  ? -7.457  -4.166  -1.541  1.00 19.33  ? 67  PHE A CD1 1 
ATOM   525  C  CD2 . PHE A 1 67  ? -9.485  -4.015  -2.764  1.00 7.53   ? 67  PHE A CD2 1 
ATOM   526  C  CE1 . PHE A 1 67  ? -7.080  -2.934  -2.082  1.00 14.14  ? 67  PHE A CE1 1 
ATOM   527  C  CE2 . PHE A 1 67  ? -9.138  -2.799  -3.353  1.00 6.89   ? 67  PHE A CE2 1 
ATOM   528  C  CZ  . PHE A 1 67  ? -7.918  -2.247  -2.966  1.00 10.87  ? 67  PHE A CZ  1 
ATOM   529  N  N   . ASN A 1 68  ? -10.442 -5.857  1.437   1.00 13.75  ? 68  ASN A N   1 
ATOM   530  C  CA  . ASN A 1 68  ? -11.136 -5.083  2.495   1.00 22.37  ? 68  ASN A CA  1 
ATOM   531  C  C   . ASN A 1 68  ? -10.465 -5.171  3.864   1.00 7.59   ? 68  ASN A C   1 
ATOM   532  O  O   . ASN A 1 68  ? -10.277 -4.211  4.622   1.00 11.50  ? 68  ASN A O   1 
ATOM   533  C  CB  . ASN A 1 68  ? -12.622 -5.533  2.631   1.00 19.78  ? 68  ASN A CB  1 
ATOM   534  C  CG  . ASN A 1 68  ? -13.529 -4.960  1.525   1.00 19.80  ? 68  ASN A CG  1 
ATOM   535  O  OD1 . ASN A 1 68  ? -13.480 -3.763  1.202   1.00 28.94  ? 68  ASN A OD1 1 
ATOM   536  N  ND2 . ASN A 1 68  ? -14.398 -5.782  0.954   1.00 22.56  ? 68  ASN A ND2 1 
ATOM   537  N  N   . GLN A 1 69  ? -10.119 -6.390  4.218   1.00 5.65   ? 69  GLN A N   1 
ATOM   538  C  CA  . GLN A 1 69  ? -9.467  -6.502  5.471   1.00 3.59   ? 69  GLN A CA  1 
ATOM   539  C  C   . GLN A 1 69  ? -8.132  -5.805  5.426   1.00 4.20   ? 69  GLN A C   1 
ATOM   540  O  O   . GLN A 1 69  ? -7.586  -5.345  6.419   1.00 8.24   ? 69  GLN A O   1 
ATOM   541  C  CB  . GLN A 1 69  ? -9.184  -8.003  5.751   1.00 9.37   ? 69  GLN A CB  1 
ATOM   542  C  CG  . GLN A 1 69  ? -10.457 -8.845  5.825   1.00 6.00   ? 69  GLN A CG  1 
ATOM   543  C  CD  . GLN A 1 69  ? -10.230 -10.363 5.869   1.00 29.50  ? 69  GLN A CD  1 
ATOM   544  O  OE1 . GLN A 1 69  ? -11.138 -11.145 6.060   1.00 15.37  ? 69  GLN A OE1 1 
ATOM   545  N  NE2 . GLN A 1 69  ? -9.002  -10.829 5.734   1.00 10.46  ? 69  GLN A NE2 1 
ATOM   546  N  N   . ASP A 1 70  ? -7.469  -5.847  4.262   1.00 6.14   ? 70  ASP A N   1 
ATOM   547  C  CA  . ASP A 1 70  ? -6.130  -5.288  4.204   1.00 6.60   ? 70  ASP A CA  1 
ATOM   548  C  C   . ASP A 1 70  ? -6.170  -3.752  4.255   1.00 20.24  ? 70  ASP A C   1 
ATOM   549  O  O   . ASP A 1 70  ? -5.237  -3.173  4.812   1.00 6.96   ? 70  ASP A O   1 
ATOM   550  C  CB  . ASP A 1 70  ? -5.331  -5.705  2.945   1.00 5.33   ? 70  ASP A CB  1 
ATOM   551  C  CG  . ASP A 1 70  ? -4.855  -7.123  2.985   1.00 22.89  ? 70  ASP A CG  1 
ATOM   552  O  OD1 . ASP A 1 70  ? -4.771  -7.728  4.017   1.00 18.94  ? 70  ASP A OD1 1 
ATOM   553  O  OD2 . ASP A 1 70  ? -4.622  -7.634  1.797   1.00 12.37  ? 70  ASP A OD2 1 
ATOM   554  N  N   . VAL A 1 71  ? -7.218  -3.128  3.661   1.00 10.41  ? 71  VAL A N   1 
ATOM   555  C  CA  . VAL A 1 71  ? -7.322  -1.689  3.682   1.00 19.77  ? 71  VAL A CA  1 
ATOM   556  C  C   . VAL A 1 71  ? -7.579  -1.289  5.120   1.00 4.90   ? 71  VAL A C   1 
ATOM   557  O  O   . VAL A 1 71  ? -6.970  -0.413  5.757   1.00 12.15  ? 71  VAL A O   1 
ATOM   558  C  CB  . VAL A 1 71  ? -8.397  -1.156  2.720   1.00 15.65  ? 71  VAL A CB  1 
ATOM   559  C  CG1 . VAL A 1 71  ? -8.609  0.359   2.993   1.00 9.67   ? 71  VAL A CG1 1 
ATOM   560  C  CG2 . VAL A 1 71  ? -7.947  -1.351  1.255   1.00 11.56  ? 71  VAL A CG2 1 
ATOM   561  N  N   . ASP A 1 72  ? -8.492  -2.027  5.663   1.00 6.91   ? 72  ASP A N   1 
ATOM   562  C  CA  . ASP A 1 72  ? -8.801  -1.718  7.013   1.00 3.34   ? 72  ASP A CA  1 
ATOM   563  C  C   . ASP A 1 72  ? -7.623  -1.824  7.974   1.00 9.47   ? 72  ASP A C   1 
ATOM   564  O  O   . ASP A 1 72  ? -7.389  -0.956  8.818   1.00 15.70  ? 72  ASP A O   1 
ATOM   565  C  CB  . ASP A 1 72  ? -9.816  -2.751  7.444   1.00 15.12  ? 72  ASP A CB  1 
ATOM   566  C  CG  . ASP A 1 72  ? -10.677 -2.055  8.409   1.00 23.29  ? 72  ASP A CG  1 
ATOM   567  O  OD1 . ASP A 1 72  ? -11.043 -0.914  8.213   1.00 98.26  ? 72  ASP A OD1 1 
ATOM   568  O  OD2 . ASP A 1 72  ? -11.027 -2.807  9.382   1.00 20.84  ? 72  ASP A OD2 1 
ATOM   569  N  N   . ALA A 1 73  ? -6.876  -2.899  7.861   1.00 9.02   ? 73  ALA A N   1 
ATOM   570  C  CA  . ALA A 1 73  ? -5.730  -3.104  8.750   1.00 11.72  ? 73  ALA A CA  1 
ATOM   571  C  C   . ALA A 1 73  ? -4.710  -1.967  8.584   1.00 28.79  ? 73  ALA A C   1 
ATOM   572  O  O   . ALA A 1 73  ? -4.075  -1.474  9.521   1.00 27.57  ? 73  ALA A O   1 
ATOM   573  C  CB  . ALA A 1 73  ? -5.090  -4.491  8.529   1.00 15.81  ? 73  ALA A CB  1 
ATOM   574  N  N   . ALA A 1 74  ? -4.522  -1.513  7.360   1.00 21.24  ? 74  ALA A N   1 
ATOM   575  C  CA  . ALA A 1 74  ? -3.582  -0.419  7.135   1.00 28.13  ? 74  ALA A CA  1 
ATOM   576  C  C   . ALA A 1 74  ? -3.980  0.873   7.846   1.00 12.75  ? 74  ALA A C   1 
ATOM   577  O  O   . ALA A 1 74  ? -3.142  1.511   8.459   1.00 16.53  ? 74  ALA A O   1 
ATOM   578  C  CB  . ALA A 1 74  ? -3.340  -0.107  5.646   1.00 18.10  ? 74  ALA A CB  1 
ATOM   579  N  N   . VAL A 1 75  ? -5.251  1.255   7.718   1.00 12.10  ? 75  VAL A N   1 
ATOM   580  C  CA  . VAL A 1 75  ? -5.654  2.482   8.327   1.00 22.21  ? 75  VAL A CA  1 
ATOM   581  C  C   . VAL A 1 75  ? -5.431  2.376   9.804   1.00 15.53  ? 75  VAL A C   1 
ATOM   582  O  O   . VAL A 1 75  ? -4.896  3.300   10.485  1.00 18.67  ? 75  VAL A O   1 
ATOM   583  C  CB  . VAL A 1 75  ? -7.136  2.771   8.100   1.00 25.35  ? 75  VAL A CB  1 
ATOM   584  C  CG1 . VAL A 1 75  ? -7.409  4.208   8.529   1.00 31.57  ? 75  VAL A CG1 1 
ATOM   585  C  CG2 . VAL A 1 75  ? -7.430  2.703   6.631   1.00 19.60  ? 75  VAL A CG2 1 
ATOM   586  N  N   . ARG A 1 76  ? -5.892  1.220   10.261  1.00 3.63   ? 76  ARG A N   1 
ATOM   587  C  CA  . ARG A 1 76  ? -5.830  1.020   11.693  1.00 11.81  ? 76  ARG A CA  1 
ATOM   588  C  C   . ARG A 1 76  ? -4.366  1.040   12.165  1.00 10.24  ? 76  ARG A C   1 
ATOM   589  O  O   . ARG A 1 76  ? -3.969  1.513   13.246  1.00 21.68  ? 76  ARG A O   1 
ATOM   590  C  CB  . ARG A 1 76  ? -6.659  -0.224  12.104  1.00 14.38  ? 76  ARG A CB  1 
ATOM   591  C  CG  . ARG A 1 76  ? -8.157  0.071   12.298  1.00 43.60  ? 76  ARG A CG  1 
ATOM   592  C  CD  . ARG A 1 76  ? -8.978  -0.986  13.061  1.00 100.00 ? 76  ARG A CD  1 
ATOM   593  N  NE  . ARG A 1 76  ? -9.576  -2.097  12.293  1.00 100.00 ? 76  ARG A NE  1 
ATOM   594  C  CZ  . ARG A 1 76  ? -8.906  -2.945  11.478  1.00 100.00 ? 76  ARG A CZ  1 
ATOM   595  N  NH1 . ARG A 1 76  ? -7.589  -2.855  11.237  1.00 100.00 ? 76  ARG A NH1 1 
ATOM   596  N  NH2 . ARG A 1 76  ? -9.588  -3.909  10.854  1.00 100.00 ? 76  ARG A NH2 1 
ATOM   597  N  N   . GLY A 1 77  ? -3.501  0.529   11.311  1.00 9.94   ? 77  GLY A N   1 
ATOM   598  C  CA  . GLY A 1 77  ? -2.100  0.525   11.666  1.00 12.42  ? 77  GLY A CA  1 
ATOM   599  C  C   . GLY A 1 77  ? -1.623  1.988   11.759  1.00 31.08  ? 77  GLY A C   1 
ATOM   600  O  O   . GLY A 1 77  ? -0.781  2.424   12.538  1.00 25.45  ? 77  GLY A O   1 
ATOM   601  N  N   . ILE A 1 78  ? -2.166  2.794   10.900  1.00 15.83  ? 78  ILE A N   1 
ATOM   602  C  CA  . ILE A 1 78  ? -1.765  4.173   10.910  1.00 15.17  ? 78  ILE A CA  1 
ATOM   603  C  C   . ILE A 1 78  ? -2.218  4.815   12.169  1.00 24.73  ? 78  ILE A C   1 
ATOM   604  O  O   . ILE A 1 78  ? -1.482  5.574   12.827  1.00 18.30  ? 78  ILE A O   1 
ATOM   605  C  CB  . ILE A 1 78  ? -2.453  4.933   9.777   1.00 11.28  ? 78  ILE A CB  1 
ATOM   606  C  CG1 . ILE A 1 78  ? -1.567  4.758   8.537   1.00 4.93   ? 78  ILE A CG1 1 
ATOM   607  C  CG2 . ILE A 1 78  ? -2.513  6.442   10.106  1.00 10.80  ? 78  ILE A CG2 1 
ATOM   608  C  CD1 . ILE A 1 78  ? -2.311  4.970   7.206   1.00 15.17  ? 78  ILE A CD1 1 
ATOM   609  N  N   . LEU A 1 79  ? -3.485  4.513   12.465  1.00 14.17  ? 79  LEU A N   1 
ATOM   610  C  CA  . LEU A 1 79  ? -4.023  5.223   13.624  1.00 11.43  ? 79  LEU A CA  1 
ATOM   611  C  C   . LEU A 1 79  ? -3.365  4.860   14.930  1.00 20.10  ? 79  LEU A C   1 
ATOM   612  O  O   . LEU A 1 79  ? -3.322  5.630   15.877  1.00 23.80  ? 79  LEU A O   1 
ATOM   613  C  CB  . LEU A 1 79  ? -5.560  5.176   13.690  1.00 17.26  ? 79  LEU A CB  1 
ATOM   614  C  CG  . LEU A 1 79  ? -6.267  5.753   12.467  1.00 16.81  ? 79  LEU A CG  1 
ATOM   615  C  CD1 . LEU A 1 79  ? -7.707  5.260   12.531  1.00 18.57  ? 79  LEU A CD1 1 
ATOM   616  C  CD2 . LEU A 1 79  ? -6.260  7.297   12.440  1.00 26.32  ? 79  LEU A CD2 1 
ATOM   617  N  N   . ARG A 1 80  ? -2.840  3.647   14.991  1.00 21.25  ? 80  ARG A N   1 
ATOM   618  C  CA  . ARG A 1 80  ? -2.213  3.170   16.199  1.00 28.93  ? 80  ARG A CA  1 
ATOM   619  C  C   . ARG A 1 80  ? -0.772  3.599   16.321  1.00 28.75  ? 80  ARG A C   1 
ATOM   620  O  O   . ARG A 1 80  ? -0.158  3.425   17.345  1.00 29.17  ? 80  ARG A O   1 
ATOM   621  C  CB  . ARG A 1 80  ? -2.300  1.649   16.262  1.00 35.42  ? 80  ARG A CB  1 
ATOM   622  C  CG  . ARG A 1 80  ? -3.725  1.154   16.505  1.00 69.93  ? 80  ARG A CG  1 
ATOM   623  C  CD  . ARG A 1 80  ? -3.784  -0.296  17.018  1.00 100.00 ? 80  ARG A CD  1 
ATOM   624  N  NE  . ARG A 1 80  ? -4.094  -1.332  16.011  1.00 100.00 ? 80  ARG A NE  1 
ATOM   625  C  CZ  . ARG A 1 80  ? -3.224  -1.877  15.132  1.00 100.00 ? 80  ARG A CZ  1 
ATOM   626  N  NH1 . ARG A 1 80  ? -1.918  -1.539  15.066  1.00 100.00 ? 80  ARG A NH1 1 
ATOM   627  N  NH2 . ARG A 1 80  ? -3.695  -2.801  14.286  1.00 100.00 ? 80  ARG A NH2 1 
ATOM   628  N  N   . ASN A 1 81  ? -0.225  4.133   15.258  1.00 14.13  ? 81  ASN A N   1 
ATOM   629  C  CA  . ASN A 1 81  ? 1.148   4.559   15.281  1.00 8.43   ? 81  ASN A CA  1 
ATOM   630  C  C   . ASN A 1 81  ? 1.262   5.990   15.804  1.00 44.72  ? 81  ASN A C   1 
ATOM   631  O  O   . ASN A 1 81  ? 0.613   6.934   15.344  1.00 34.29  ? 81  ASN A O   1 
ATOM   632  C  CB  . ASN A 1 81  ? 1.779   4.408   13.879  1.00 15.79  ? 81  ASN A CB  1 
ATOM   633  C  CG  . ASN A 1 81  ? 3.278   4.436   13.994  1.00 20.85  ? 81  ASN A CG  1 
ATOM   634  O  OD1 . ASN A 1 81  ? 3.874   5.400   14.469  1.00 24.08  ? 81  ASN A OD1 1 
ATOM   635  N  ND2 . ASN A 1 81  ? 3.867   3.310   13.639  1.00 30.83  ? 81  ASN A ND2 1 
ATOM   636  N  N   . ALA A 1 82  ? 2.101   6.179   16.810  1.00 29.15  ? 82  ALA A N   1 
ATOM   637  C  CA  . ALA A 1 82  ? 2.218   7.537   17.353  1.00 34.31  ? 82  ALA A CA  1 
ATOM   638  C  C   . ALA A 1 82  ? 2.881   8.559   16.422  1.00 28.41  ? 82  ALA A C   1 
ATOM   639  O  O   . ALA A 1 82  ? 2.549   9.732   16.419  1.00 34.04  ? 82  ALA A O   1 
ATOM   640  C  CB  . ALA A 1 82  ? 2.791   7.546   18.772  1.00 32.42  ? 82  ALA A CB  1 
ATOM   641  N  N   . LYS A 1 83  ? 3.847   8.115   15.636  1.00 23.70  ? 83  LYS A N   1 
ATOM   642  C  CA  . LYS A 1 83  ? 4.487   9.008   14.689  1.00 37.33  ? 83  LYS A CA  1 
ATOM   643  C  C   . LYS A 1 83  ? 3.560   9.273   13.477  1.00 32.02  ? 83  LYS A C   1 
ATOM   644  O  O   . LYS A 1 83  ? 3.468   10.353  12.916  1.00 24.26  ? 83  LYS A O   1 
ATOM   645  C  CB  . LYS A 1 83  ? 5.826   8.393   14.292  1.00 59.95  ? 83  LYS A CB  1 
ATOM   646  C  CG  . LYS A 1 83  ? 7.041   9.181   14.778  1.00 100.00 ? 83  LYS A CG  1 
ATOM   647  C  CD  . LYS A 1 83  ? 7.369   9.046   16.268  1.00 100.00 ? 83  LYS A CD  1 
ATOM   648  C  CE  . LYS A 1 83  ? 7.614   10.371  17.011  1.00 100.00 ? 83  LYS A CE  1 
ATOM   649  N  NZ  . LYS A 1 83  ? 8.233   11.453  16.211  1.00 100.00 ? 83  LYS A NZ  1 
ATOM   650  N  N   . LEU A 1 84  ? 2.792   8.270   13.095  1.00 19.79  ? 84  LEU A N   1 
ATOM   651  C  CA  . LEU A 1 84  ? 1.899   8.391   11.955  1.00 17.19  ? 84  LEU A CA  1 
ATOM   652  C  C   . LEU A 1 84  ? 0.626   9.188   12.163  1.00 19.70  ? 84  LEU A C   1 
ATOM   653  O  O   . LEU A 1 84  ? 0.314   10.083  11.403  1.00 15.77  ? 84  LEU A O   1 
ATOM   654  C  CB  . LEU A 1 84  ? 1.569   6.989   11.445  1.00 14.77  ? 84  LEU A CB  1 
ATOM   655  C  CG  . LEU A 1 84  ? 2.834   6.316   10.964  1.00 26.51  ? 84  LEU A CG  1 
ATOM   656  C  CD1 . LEU A 1 84  ? 2.465   5.006   10.286  1.00 19.80  ? 84  LEU A CD1 1 
ATOM   657  C  CD2 . LEU A 1 84  ? 3.678   7.231   10.058  1.00 25.80  ? 84  LEU A CD2 1 
ATOM   658  N  N   . LYS A 1 85  ? -0.108  8.844   13.209  1.00 15.08  ? 85  LYS A N   1 
ATOM   659  C  CA  . LYS A 1 85  ? -1.411  9.409   13.587  1.00 10.21  ? 85  LYS A CA  1 
ATOM   660  C  C   . LYS A 1 85  ? -1.578  10.880  13.433  1.00 6.59   ? 85  LYS A C   1 
ATOM   661  O  O   . LYS A 1 85  ? -2.437  11.404  12.752  1.00 13.85  ? 85  LYS A O   1 
ATOM   662  C  CB  . LYS A 1 85  ? -1.937  8.911   14.916  1.00 18.39  ? 85  LYS A CB  1 
ATOM   663  C  CG  . LYS A 1 85  ? -3.433  8.970   14.926  1.00 20.63  ? 85  LYS A CG  1 
ATOM   664  C  CD  . LYS A 1 85  ? -4.036  9.215   16.300  1.00 20.86  ? 85  LYS A CD  1 
ATOM   665  C  CE  . LYS A 1 85  ? -5.561  9.418   16.193  1.00 33.13  ? 85  LYS A CE  1 
ATOM   666  N  NZ  . LYS A 1 85  ? -6.141  10.525  16.974  1.00 73.77  ? 85  LYS A NZ  1 
ATOM   667  N  N   . PRO A 1 86  ? -0.691  11.572  14.048  1.00 13.72  ? 86  PRO A N   1 
ATOM   668  C  CA  . PRO A 1 86  ? -0.725  13.017  13.973  1.00 37.67  ? 86  PRO A CA  1 
ATOM   669  C  C   . PRO A 1 86  ? -0.546  13.574  12.557  1.00 13.65  ? 86  PRO A C   1 
ATOM   670  O  O   . PRO A 1 86  ? -1.142  14.571  12.182  1.00 17.41  ? 86  PRO A O   1 
ATOM   671  C  CB  . PRO A 1 86  ? 0.334   13.536  14.957  1.00 22.55  ? 86  PRO A CB  1 
ATOM   672  C  CG  . PRO A 1 86  ? 1.066   12.292  15.454  1.00 34.54  ? 86  PRO A CG  1 
ATOM   673  C  CD  . PRO A 1 86  ? 0.477   11.068  14.780  1.00 21.72  ? 86  PRO A CD  1 
ATOM   674  N  N   . VAL A 1 87  ? 0.264   12.935  11.729  1.00 13.09  ? 87  VAL A N   1 
ATOM   675  C  CA  . VAL A 1 87  ? 0.392   13.456  10.413  1.00 9.13   ? 87  VAL A CA  1 
ATOM   676  C  C   . VAL A 1 87  ? -0.868  13.172  9.645   1.00 8.58   ? 87  VAL A C   1 
ATOM   677  O  O   . VAL A 1 87  ? -1.377  14.014  8.938   1.00 7.61   ? 87  VAL A O   1 
ATOM   678  C  CB  . VAL A 1 87  ? 1.625   12.878  9.714   1.00 11.11  ? 87  VAL A CB  1 
ATOM   679  C  CG1 . VAL A 1 87  ? 1.827   13.649  8.396   1.00 7.63   ? 87  VAL A CG1 1 
ATOM   680  C  CG2 . VAL A 1 87  ? 2.854   13.065  10.644  1.00 11.71  ? 87  VAL A CG2 1 
ATOM   681  N  N   . TYR A 1 88  ? -1.268  11.931  9.729   1.00 7.90   ? 88  TYR A N   1 
ATOM   682  C  CA  . TYR A 1 88  ? -2.454  11.523  9.038   1.00 7.74   ? 88  TYR A CA  1 
ATOM   683  C  C   . TYR A 1 88  ? -3.631  12.433  9.328   1.00 11.15  ? 88  TYR A C   1 
ATOM   684  O  O   . TYR A 1 88  ? -4.393  12.863  8.475   1.00 9.46   ? 88  TYR A O   1 
ATOM   685  C  CB  . TYR A 1 88  ? -2.748  10.110  9.529   1.00 8.30   ? 88  TYR A CB  1 
ATOM   686  C  CG  . TYR A 1 88  ? -3.877  9.504   8.763   1.00 12.25  ? 88  TYR A CG  1 
ATOM   687  C  CD1 . TYR A 1 88  ? -3.728  8.967   7.488   1.00 10.11  ? 88  TYR A CD1 1 
ATOM   688  C  CD2 . TYR A 1 88  ? -5.139  9.554   9.333   1.00 10.33  ? 88  TYR A CD2 1 
ATOM   689  C  CE1 . TYR A 1 88  ? -4.850  8.443   6.838   1.00 15.12  ? 88  TYR A CE1 1 
ATOM   690  C  CE2 . TYR A 1 88  ? -6.268  9.007   8.727   1.00 12.82  ? 88  TYR A CE2 1 
ATOM   691  C  CZ  . TYR A 1 88  ? -6.098  8.453   7.460   1.00 21.79  ? 88  TYR A CZ  1 
ATOM   692  O  OH  . TYR A 1 88  ? -7.185  7.967   6.825   1.00 22.89  ? 88  TYR A OH  1 
ATOM   693  N  N   . ASP A 1 89  ? -3.853  12.686  10.585  1.00 8.35   ? 89  ASP A N   1 
ATOM   694  C  CA  . ASP A 1 89  ? -5.011  13.517  10.887  1.00 2.77   ? 89  ASP A CA  1 
ATOM   695  C  C   . ASP A 1 89  ? -4.821  14.925  10.436  1.00 19.91  ? 89  ASP A C   1 
ATOM   696  O  O   . ASP A 1 89  ? -5.789  15.637  10.357  1.00 11.35  ? 89  ASP A O   1 
ATOM   697  C  CB  . ASP A 1 89  ? -5.174  13.637  12.392  1.00 5.53   ? 89  ASP A CB  1 
ATOM   698  C  CG  . ASP A 1 89  ? -5.839  12.425  12.952  1.00 19.37  ? 89  ASP A CG  1 
ATOM   699  O  OD1 . ASP A 1 89  ? -6.306  11.571  12.243  1.00 26.15  ? 89  ASP A OD1 1 
ATOM   700  O  OD2 . ASP A 1 89  ? -5.729  12.379  14.244  1.00 17.43  ? 89  ASP A OD2 1 
ATOM   701  N  N   . SER A 1 90  ? -3.620  15.388  10.169  1.00 7.85   ? 90  SER A N   1 
ATOM   702  C  CA  . SER A 1 90  ? -3.569  16.748  9.735   1.00 9.38   ? 90  SER A CA  1 
ATOM   703  C  C   . SER A 1 90  ? -3.856  16.882  8.261   1.00 4.58   ? 90  SER A C   1 
ATOM   704  O  O   . SER A 1 90  ? -3.960  17.979  7.723   1.00 9.25   ? 90  SER A O   1 
ATOM   705  C  CB  . SER A 1 90  ? -2.179  17.317  9.863   1.00 16.99  ? 90  SER A CB  1 
ATOM   706  O  OG  . SER A 1 90  ? -1.295  16.552  9.095   1.00 8.07   ? 90  SER A OG  1 
ATOM   707  N  N   . LEU A 1 91  ? -3.936  15.812  7.564   1.00 2.40   ? 91  LEU A N   1 
ATOM   708  C  CA  . LEU A 1 91  ? -4.159  15.969  6.110   1.00 10.46  ? 91  LEU A CA  1 
ATOM   709  C  C   . LEU A 1 91  ? -5.604  15.946  5.643   1.00 9.44   ? 91  LEU A C   1 
ATOM   710  O  O   . LEU A 1 91  ? -6.491  15.458  6.384   1.00 14.85  ? 91  LEU A O   1 
ATOM   711  C  CB  . LEU A 1 91  ? -3.606  14.749  5.351   1.00 8.98   ? 91  LEU A CB  1 
ATOM   712  C  CG  . LEU A 1 91  ? -2.151  14.427  5.696   1.00 21.17  ? 91  LEU A CG  1 
ATOM   713  C  CD1 . LEU A 1 91  ? -1.925  12.913  5.612   1.00 15.59  ? 91  LEU A CD1 1 
ATOM   714  C  CD2 . LEU A 1 91  ? -1.287  15.189  4.706   1.00 6.21   ? 91  LEU A CD2 1 
ATOM   715  N  N   . ASP A 1 92  ? -5.818  16.446  4.405   1.00 8.01   ? 92  ASP A N   1 
ATOM   716  C  CA  . ASP A 1 92  ? -7.145  16.453  3.781   1.00 2.73   ? 92  ASP A CA  1 
ATOM   717  C  C   . ASP A 1 92  ? -7.481  15.067  3.299   1.00 4.46   ? 92  ASP A C   1 
ATOM   718  O  O   . ASP A 1 92  ? -6.696  14.135  3.357   1.00 11.72  ? 92  ASP A O   1 
ATOM   719  C  CB  . ASP A 1 92  ? -7.175  17.397  2.595   1.00 6.14   ? 92  ASP A CB  1 
ATOM   720  C  CG  . ASP A 1 92  ? -6.091  16.996  1.644   1.00 15.17  ? 92  ASP A CG  1 
ATOM   721  O  OD1 . ASP A 1 92  ? -6.276  16.275  0.683   1.00 11.34  ? 92  ASP A OD1 1 
ATOM   722  O  OD2 . ASP A 1 92  ? -4.903  17.441  1.998   1.00 11.53  ? 92  ASP A OD2 1 
ATOM   723  N  N   . ALA A 1 93  ? -8.683  14.857  2.779   1.00 11.14  ? 93  ALA A N   1 
ATOM   724  C  CA  . ALA A 1 93  ? -9.063  13.509  2.425   1.00 9.43   ? 93  ALA A CA  1 
ATOM   725  C  C   . ALA A 1 93  ? -8.314  12.839  1.268   1.00 11.43  ? 93  ALA A C   1 
ATOM   726  O  O   . ALA A 1 93  ? -8.057  11.615  1.318   1.00 15.40  ? 93  ALA A O   1 
ATOM   727  C  CB  . ALA A 1 93  ? -10.582 13.337  2.356   1.00 16.16  ? 93  ALA A CB  1 
ATOM   728  N  N   . VAL A 1 94  ? -7.912  13.629  0.261   1.00 3.89   ? 94  VAL A N   1 
ATOM   729  C  CA  . VAL A 1 94  ? -7.188  12.974  -0.815  1.00 9.74   ? 94  VAL A CA  1 
ATOM   730  C  C   . VAL A 1 94  ? -5.818  12.505  -0.346  1.00 7.23   ? 94  VAL A C   1 
ATOM   731  O  O   . VAL A 1 94  ? -5.415  11.343  -0.518  1.00 12.23  ? 94  VAL A O   1 
ATOM   732  C  CB  . VAL A 1 94  ? -7.147  13.904  -2.015  1.00 13.84  ? 94  VAL A CB  1 
ATOM   733  C  CG1 . VAL A 1 94  ? -6.558  13.198  -3.238  1.00 10.56  ? 94  VAL A CG1 1 
ATOM   734  C  CG2 . VAL A 1 94  ? -8.571  14.232  -2.385  1.00 15.30  ? 94  VAL A CG2 1 
ATOM   735  N  N   . ARG A 1 95  ? -5.107  13.433  0.276   1.00 5.85   ? 95  ARG A N   1 
ATOM   736  C  CA  . ARG A 1 95  ? -3.779  13.104  0.733   1.00 13.97  ? 95  ARG A CA  1 
ATOM   737  C  C   . ARG A 1 95  ? -3.742  11.924  1.688   1.00 11.80  ? 95  ARG A C   1 
ATOM   738  O  O   . ARG A 1 95  ? -2.765  11.146  1.751   1.00 13.74  ? 95  ARG A O   1 
ATOM   739  C  CB  . ARG A 1 95  ? -3.089  14.350  1.270   1.00 8.17   ? 95  ARG A CB  1 
ATOM   740  C  CG  . ARG A 1 95  ? -2.769  15.361  0.180   1.00 2.74   ? 95  ARG A CG  1 
ATOM   741  C  CD  . ARG A 1 95  ? -1.887  16.447  0.781   1.00 12.84  ? 95  ARG A CD  1 
ATOM   742  N  NE  . ARG A 1 95  ? -1.496  17.477  -0.183  1.00 10.04  ? 95  ARG A NE  1 
ATOM   743  C  CZ  . ARG A 1 95  ? -2.222  18.528  -0.512  1.00 17.59  ? 95  ARG A CZ  1 
ATOM   744  N  NH1 . ARG A 1 95  ? -3.452  18.707  -0.008  1.00 11.36  ? 95  ARG A NH1 1 
ATOM   745  N  NH2 . ARG A 1 95  ? -1.725  19.401  -1.414  1.00 6.87   ? 95  ARG A NH2 1 
ATOM   746  N  N   . ARG A 1 96  ? -4.807  11.777  2.460   1.00 10.14  ? 96  ARG A N   1 
ATOM   747  C  CA  . ARG A 1 96  ? -4.895  10.660  3.388   1.00 8.16   ? 96  ARG A CA  1 
ATOM   748  C  C   . ARG A 1 96  ? -4.935  9.369   2.575   1.00 6.36   ? 96  ARG A C   1 
ATOM   749  O  O   . ARG A 1 96  ? -4.431  8.353   3.023   1.00 8.57   ? 96  ARG A O   1 
ATOM   750  C  CB  . ARG A 1 96  ? -6.181  10.715  4.184   1.00 8.41   ? 96  ARG A CB  1 
ATOM   751  C  CG  . ARG A 1 96  ? -6.053  11.545  5.470   1.00 7.03   ? 96  ARG A CG  1 
ATOM   752  C  CD  . ARG A 1 96  ? -7.366  11.768  6.174   1.00 11.54  ? 96  ARG A CD  1 
ATOM   753  N  NE  . ARG A 1 96  ? -7.174  12.836  7.133   1.00 18.92  ? 96  ARG A NE  1 
ATOM   754  C  CZ  . ARG A 1 96  ? -8.081  13.008  8.029   1.00 24.92  ? 96  ARG A CZ  1 
ATOM   755  N  NH1 . ARG A 1 96  ? -9.160  12.239  8.029   1.00 23.97  ? 96  ARG A NH1 1 
ATOM   756  N  NH2 . ARG A 1 96  ? -7.939  13.968  8.925   1.00 15.23  ? 96  ARG A NH2 1 
ATOM   757  N  N   . CYS A 1 97  ? -5.447  9.444   1.360   1.00 5.90   ? 97  CYS A N   1 
ATOM   758  C  CA  . CYS A 1 97  ? -5.457  8.231   0.547   1.00 4.86   ? 97  CYS A CA  1 
ATOM   759  C  C   . CYS A 1 97  ? -4.044  7.883   0.127   1.00 6.81   ? 97  CYS A C   1 
ATOM   760  O  O   . CYS A 1 97  ? -3.648  6.712   0.085   1.00 6.59   ? 97  CYS A O   1 
ATOM   761  C  CB  . CYS A 1 97  ? -6.293  8.447   -0.705  1.00 9.58   ? 97  CYS A CB  1 
ATOM   762  S  SG  . CYS A 1 97  ? -8.049  8.290   -0.274  1.00 16.77  ? 97  CYS A SG  1 
ATOM   763  N  N   . ALA A 1 98  ? -3.294  8.907   -0.245  1.00 9.69   ? 98  ALA A N   1 
ATOM   764  C  CA  . ALA A 1 98  ? -1.872  8.716   -0.590  1.00 10.72  ? 98  ALA A CA  1 
ATOM   765  C  C   . ALA A 1 98  ? -1.136  8.061   0.596   1.00 20.82  ? 98  ALA A C   1 
ATOM   766  O  O   . ALA A 1 98  ? -0.273  7.199   0.431   1.00 9.59   ? 98  ALA A O   1 
ATOM   767  C  CB  . ALA A 1 98  ? -1.065  10.027  -0.727  1.00 6.97   ? 98  ALA A CB  1 
ATOM   768  N  N   . ALA A 1 99  ? -1.456  8.453   1.833   1.00 9.72   ? 99  ALA A N   1 
ATOM   769  C  CA  . ALA A 1 99  ? -0.792  7.878   3.031   1.00 11.41  ? 99  ALA A CA  1 
ATOM   770  C  C   . ALA A 1 99  ? -1.163  6.425   3.180   1.00 7.46   ? 99  ALA A C   1 
ATOM   771  O  O   . ALA A 1 99  ? -0.321  5.593   3.436   1.00 12.44  ? 99  ALA A O   1 
ATOM   772  C  CB  . ALA A 1 99  ? -1.126  8.571   4.375   1.00 10.53  ? 99  ALA A CB  1 
ATOM   773  N  N   . ILE A 1 100 ? -2.447  6.108   2.974   1.00 8.97   ? 100 ILE A N   1 
ATOM   774  C  CA  . ILE A 1 100 ? -2.838  4.736   3.100   1.00 10.66  ? 100 ILE A CA  1 
ATOM   775  C  C   . ILE A 1 100 ? -2.161  3.883   2.057   1.00 16.95  ? 100 ILE A C   1 
ATOM   776  O  O   . ILE A 1 100 ? -1.663  2.760   2.321   1.00 13.76  ? 100 ILE A O   1 
ATOM   777  C  CB  . ILE A 1 100 ? -4.366  4.648   3.067   1.00 15.44  ? 100 ILE A CB  1 
ATOM   778  C  CG1 . ILE A 1 100 ? -4.915  5.368   4.272   1.00 8.45   ? 100 ILE A CG1 1 
ATOM   779  C  CG2 . ILE A 1 100 ? -4.845  3.201   3.153   1.00 10.47  ? 100 ILE A CG2 1 
ATOM   780  C  CD1 . ILE A 1 100 ? -6.384  5.685   4.196   1.00 4.18   ? 100 ILE A CD1 1 
ATOM   781  N  N   . ASN A 1 101 ? -2.075  4.437   0.842   1.00 8.19   ? 101 ASN A N   1 
ATOM   782  C  CA  . ASN A 1 101 ? -1.405  3.667   -0.222  1.00 1.62   ? 101 ASN A CA  1 
ATOM   783  C  C   . ASN A 1 101 ? 0.028   3.261   0.094   1.00 6.02   ? 101 ASN A C   1 
ATOM   784  O  O   . ASN A 1 101 ? 0.429   2.092   -0.073  1.00 8.81   ? 101 ASN A O   1 
ATOM   785  C  CB  . ASN A 1 101 ? -1.362  4.536   -1.530  1.00 10.54  ? 101 ASN A CB  1 
ATOM   786  C  CG  . ASN A 1 101 ? -1.131  3.762   -2.847  1.00 13.39  ? 101 ASN A CG  1 
ATOM   787  O  OD1 . ASN A 1 101 ? -0.221  2.907   -2.877  1.00 13.01  ? 101 ASN A OD1 1 
ATOM   788  N  ND2 . ASN A 1 101 ? -2.008  3.913   -3.903  1.00 4.87   ? 101 ASN A ND2 1 
ATOM   789  N  N   . GLN A 1 102 ? 0.797   4.221   0.534   1.00 3.39   ? 102 GLN A N   1 
ATOM   790  C  CA  . GLN A 1 102 ? 2.174   3.950   0.878   1.00 8.66   ? 102 GLN A CA  1 
ATOM   791  C  C   . GLN A 1 102 ? 2.261   2.910   1.965   1.00 14.53  ? 102 GLN A C   1 
ATOM   792  O  O   . GLN A 1 102 ? 3.073   1.998   1.892   1.00 13.39  ? 102 GLN A O   1 
ATOM   793  C  CB  . GLN A 1 102 ? 2.873   5.250   1.357   1.00 14.63  ? 102 GLN A CB  1 
ATOM   794  C  CG  . GLN A 1 102 ? 4.347   5.392   0.931   1.00 32.58  ? 102 GLN A CG  1 
ATOM   795  C  CD  . GLN A 1 102 ? 5.063   6.669   1.349   1.00 19.32  ? 102 GLN A CD  1 
ATOM   796  O  OE1 . GLN A 1 102 ? 4.473   7.582   1.930   1.00 23.66  ? 102 GLN A OE1 1 
ATOM   797  N  NE2 . GLN A 1 102 ? 6.374   6.716   1.101   1.00 41.47  ? 102 GLN A NE2 1 
ATOM   798  N  N   . VAL A 1 103 ? 1.398   3.033   2.987   1.00 10.42  ? 103 VAL A N   1 
ATOM   799  C  CA  . VAL A 1 103 ? 1.371   2.089   4.060   1.00 6.41   ? 103 VAL A CA  1 
ATOM   800  C  C   . VAL A 1 103 ? 1.008   0.696   3.616   1.00 12.13  ? 103 VAL A C   1 
ATOM   801  O  O   . VAL A 1 103 ? 1.585   -0.264  4.112   1.00 19.55  ? 103 VAL A O   1 
ATOM   802  C  CB  . VAL A 1 103 ? 0.494   2.468   5.279   1.00 10.35  ? 103 VAL A CB  1 
ATOM   803  C  CG1 . VAL A 1 103 ? 0.524   1.360   6.288   1.00 5.52   ? 103 VAL A CG1 1 
ATOM   804  C  CG2 . VAL A 1 103 ? 1.139   3.654   6.006   1.00 12.12  ? 103 VAL A CG2 1 
ATOM   805  N  N   . PHE A 1 104 ? 0.043   0.629   2.712   1.00 8.37   ? 104 PHE A N   1 
ATOM   806  C  CA  . PHE A 1 104 ? -0.423  -0.628  2.193   1.00 9.56   ? 104 PHE A CA  1 
ATOM   807  C  C   . PHE A 1 104 ? 0.679   -1.295  1.485   1.00 18.38  ? 104 PHE A C   1 
ATOM   808  O  O   . PHE A 1 104 ? 0.911   -2.468  1.648   1.00 15.76  ? 104 PHE A O   1 
ATOM   809  C  CB  . PHE A 1 104 ? -1.522  -0.339  1.173   1.00 10.32  ? 104 PHE A CB  1 
ATOM   810  C  CG  . PHE A 1 104 ? -2.166  -1.596  0.671   1.00 9.49   ? 104 PHE A CG  1 
ATOM   811  C  CD1 . PHE A 1 104 ? -3.388  -2.080  1.149   1.00 24.89  ? 104 PHE A CD1 1 
ATOM   812  C  CD2 . PHE A 1 104 ? -1.633  -2.249  -0.426  1.00 3.83   ? 104 PHE A CD2 1 
ATOM   813  C  CE1 . PHE A 1 104 ? -4.034  -3.206  0.622   1.00 14.85  ? 104 PHE A CE1 1 
ATOM   814  C  CE2 . PHE A 1 104 ? -2.261  -3.384  -0.951  1.00 19.26  ? 104 PHE A CE2 1 
ATOM   815  C  CZ  . PHE A 1 104 ? -3.457  -3.894  -0.449  1.00 11.01  ? 104 PHE A CZ  1 
ATOM   816  N  N   . GLN A 1 105 ? 1.388   -0.504  0.721   1.00 12.38  ? 105 GLN A N   1 
ATOM   817  C  CA  . GLN A 1 105 ? 2.475   -1.035  -0.046  1.00 15.81  ? 105 GLN A CA  1 
ATOM   818  C  C   . GLN A 1 105 ? 3.709   -1.399  0.737   1.00 20.57  ? 105 GLN A C   1 
ATOM   819  O  O   . GLN A 1 105 ? 4.351   -2.386  0.425   1.00 17.56  ? 105 GLN A O   1 
ATOM   820  C  CB  . GLN A 1 105 ? 2.889   -0.065  -1.179  1.00 22.68  ? 105 GLN A CB  1 
ATOM   821  C  CG  . GLN A 1 105 ? 4.015   -0.651  -2.028  1.00 8.72   ? 105 GLN A CG  1 
ATOM   822  C  CD  . GLN A 1 105 ? 4.643   0.307   -3.045  1.00 16.83  ? 105 GLN A CD  1 
ATOM   823  O  OE1 . GLN A 1 105 ? 4.212   1.422   -3.262  1.00 14.66  ? 105 GLN A OE1 1 
ATOM   824  N  NE2 . GLN A 1 105 ? 5.627   -0.139  -3.784  1.00 16.23  ? 105 GLN A NE2 1 
ATOM   825  N  N   . MET A 1 106 ? 4.097   -0.556  1.686   1.00 15.13  ? 106 MET A N   1 
ATOM   826  C  CA  . MET A 1 106 ? 5.366   -0.774  2.403   1.00 18.97  ? 106 MET A CA  1 
ATOM   827  C  C   . MET A 1 106 ? 5.317   -1.114  3.880   1.00 24.18  ? 106 MET A C   1 
ATOM   828  O  O   . MET A 1 106 ? 6.358   -1.366  4.468   1.00 31.11  ? 106 MET A O   1 
ATOM   829  C  CB  . MET A 1 106 ? 6.471   0.247   1.965   1.00 13.32  ? 106 MET A CB  1 
ATOM   830  C  CG  . MET A 1 106 ? 6.520   1.623   2.567   1.00 20.14  ? 106 MET A CG  1 
ATOM   831  S  SD  . MET A 1 106 ? 7.428   2.755   1.444   1.00 31.66  ? 106 MET A SD  1 
ATOM   832  C  CE  . MET A 1 106 ? 7.166   4.340   2.270   1.00 57.19  ? 106 MET A CE  1 
ATOM   833  N  N   . GLY A 1 107 ? 4.142   -1.169  4.498   1.00 19.89  ? 107 GLY A N   1 
ATOM   834  C  CA  . GLY A 1 107 ? 4.169   -1.458  5.920   1.00 20.50  ? 107 GLY A CA  1 
ATOM   835  C  C   . GLY A 1 107 ? 4.456   -0.201  6.756   1.00 30.05  ? 107 GLY A C   1 
ATOM   836  O  O   . GLY A 1 107 ? 5.043   0.789   6.282   1.00 24.24  ? 107 GLY A O   1 
ATOM   837  N  N   . GLU A 1 108 ? 3.918   -0.202  7.985   1.00 27.99  ? 108 GLU A N   1 
ATOM   838  C  CA  . GLU A 1 108 ? 3.919   0.902   8.957   1.00 41.29  ? 108 GLU A CA  1 
ATOM   839  C  C   . GLU A 1 108 ? 5.297   1.253   9.424   1.00 54.37  ? 108 GLU A C   1 
ATOM   840  O  O   . GLU A 1 108 ? 5.613   2.354   9.893   1.00 48.44  ? 108 GLU A O   1 
ATOM   841  C  CB  . GLU A 1 108 ? 2.772   0.846   10.019  1.00 34.49  ? 108 GLU A CB  1 
ATOM   842  C  CG  . GLU A 1 108 ? 3.173   0.792   11.501  1.00 59.95  ? 108 GLU A CG  1 
ATOM   843  C  CD  . GLU A 1 108 ? 2.222   -0.073  12.291  1.00 81.15  ? 108 GLU A CD  1 
ATOM   844  O  OE1 . GLU A 1 108 ? 1.716   -1.090  11.848  1.00 100.00 ? 108 GLU A OE1 1 
ATOM   845  O  OE2 . GLU A 1 108 ? 1.985   0.396   13.494  1.00 94.41  ? 108 GLU A OE2 1 
ATOM   846  N  N   . THR A 1 109 ? 6.092   0.231   9.199   1.00 52.59  ? 109 THR A N   1 
ATOM   847  C  CA  . THR A 1 109 ? 7.506   0.189   9.457   1.00 51.58  ? 109 THR A CA  1 
ATOM   848  C  C   . THR A 1 109 ? 8.222   1.097   8.462   1.00 70.87  ? 109 THR A C   1 
ATOM   849  O  O   . THR A 1 109 ? 8.695   2.190   8.798   1.00 78.52  ? 109 THR A O   1 
ATOM   850  C  CB  . THR A 1 109 ? 7.962   -1.274  9.262   1.00 100.00 ? 109 THR A CB  1 
ATOM   851  O  OG1 . THR A 1 109 ? 7.143   -1.969  8.317   1.00 100.00 ? 109 THR A OG1 1 
ATOM   852  C  CG2 . THR A 1 109 ? 7.855   -1.945  10.621  1.00 100.00 ? 109 THR A CG2 1 
ATOM   853  N  N   . GLY A 1 110 ? 8.250   0.601   7.225   1.00 63.18  ? 110 GLY A N   1 
ATOM   854  C  CA  . GLY A 1 110 ? 8.837   1.284   6.112   1.00 51.97  ? 110 GLY A CA  1 
ATOM   855  C  C   . GLY A 1 110 ? 8.479   2.757   6.147   1.00 50.10  ? 110 GLY A C   1 
ATOM   856  O  O   . GLY A 1 110 ? 9.330   3.606   5.979   1.00 57.74  ? 110 GLY A O   1 
ATOM   857  N  N   . VAL A 1 111 ? 7.223   3.059   6.404   1.00 41.64  ? 111 VAL A N   1 
ATOM   858  C  CA  . VAL A 1 111 ? 6.796   4.436   6.375   1.00 37.70  ? 111 VAL A CA  1 
ATOM   859  C  C   . VAL A 1 111 ? 7.255   5.249   7.529   1.00 64.06  ? 111 VAL A C   1 
ATOM   860  O  O   . VAL A 1 111 ? 7.587   6.433   7.354   1.00 46.57  ? 111 VAL A O   1 
ATOM   861  C  CB  . VAL A 1 111 ? 5.321   4.596   6.113   1.00 52.69  ? 111 VAL A CB  1 
ATOM   862  C  CG1 . VAL A 1 111 ? 5.061   6.032   5.676   1.00 59.37  ? 111 VAL A CG1 1 
ATOM   863  C  CG2 . VAL A 1 111 ? 4.960   3.642   4.972   1.00 56.00  ? 111 VAL A CG2 1 
ATOM   864  N  N   . ALA A 1 112 ? 7.272   4.593   8.693   1.00 80.10  ? 112 ALA A N   1 
ATOM   865  C  CA  . ALA A 1 112 ? 7.722   5.260   9.895   1.00 79.88  ? 112 ALA A CA  1 
ATOM   866  C  C   . ALA A 1 112 ? 9.179   5.813   9.821   1.00 79.04  ? 112 ALA A C   1 
ATOM   867  O  O   . ALA A 1 112 ? 9.568   6.691   10.595  1.00 71.44  ? 112 ALA A O   1 
ATOM   868  C  CB  . ALA A 1 112 ? 7.121   4.689   11.208  1.00 61.71  ? 112 ALA A CB  1 
ATOM   869  N  N   . GLY A 1 113 ? 9.978   5.382   8.832   1.00 48.23  ? 113 GLY A N   1 
ATOM   870  C  CA  . GLY A 1 113 ? 11.338  5.913   8.647   1.00 60.73  ? 113 GLY A CA  1 
ATOM   871  C  C   . GLY A 1 113 ? 11.496  7.083   7.624   1.00 84.53  ? 113 GLY A C   1 
ATOM   872  O  O   . GLY A 1 113 ? 12.598  7.484   7.194   1.00 56.76  ? 113 GLY A O   1 
ATOM   873  N  N   . PHE A 1 114 ? 10.347  7.633   7.229   1.00 43.33  ? 114 PHE A N   1 
ATOM   874  C  CA  . PHE A 1 114 ? 10.205  8.713   6.288   1.00 15.40  ? 114 PHE A CA  1 
ATOM   875  C  C   . PHE A 1 114 ? 9.956   9.953   7.099   1.00 19.94  ? 114 PHE A C   1 
ATOM   876  O  O   . PHE A 1 114 ? 9.177   10.838  6.804   1.00 19.11  ? 114 PHE A O   1 
ATOM   877  C  CB  . PHE A 1 114 ? 9.033   8.354   5.354   1.00 20.69  ? 114 PHE A CB  1 
ATOM   878  C  CG  . PHE A 1 114 ? 9.381   7.567   4.090   1.00 34.18  ? 114 PHE A CG  1 
ATOM   879  C  CD1 . PHE A 1 114 ? 9.706   6.212   4.160   1.00 30.68  ? 114 PHE A CD1 1 
ATOM   880  C  CD2 . PHE A 1 114 ? 9.364   8.152   2.815   1.00 23.22  ? 114 PHE A CD2 1 
ATOM   881  C  CE1 . PHE A 1 114 ? 10.010  5.497   2.998   1.00 21.85  ? 114 PHE A CE1 1 
ATOM   882  C  CE2 . PHE A 1 114 ? 9.639   7.454   1.636   1.00 31.69  ? 114 PHE A CE2 1 
ATOM   883  C  CZ  . PHE A 1 114 ? 9.990   6.107   1.746   1.00 28.27  ? 114 PHE A CZ  1 
ATOM   884  N  N   . THR A 1 115 ? 10.686  9.974   8.176   1.00 14.88  ? 115 THR A N   1 
ATOM   885  C  CA  . THR A 1 115 ? 10.629  11.043  9.127   1.00 10.36  ? 115 THR A CA  1 
ATOM   886  C  C   . THR A 1 115 ? 10.674  12.451  8.577   1.00 23.06  ? 115 THR A C   1 
ATOM   887  O  O   . THR A 1 115 ? 9.907   13.315  8.985   1.00 14.22  ? 115 THR A O   1 
ATOM   888  C  CB  . THR A 1 115 ? 11.863  10.800  9.985   1.00 28.21  ? 115 THR A CB  1 
ATOM   889  O  OG1 . THR A 1 115 ? 11.579  9.734   10.864  1.00 36.25  ? 115 THR A OG1 1 
ATOM   890  C  CG2 . THR A 1 115 ? 12.272  12.075  10.684  1.00 51.76  ? 115 THR A CG2 1 
ATOM   891  N  N   . ASN A 1 116 ? 11.598  12.746  7.673   1.00 7.98   ? 116 ASN A N   1 
ATOM   892  C  CA  . ASN A 1 116 ? 11.619  14.096  7.223   1.00 13.49  ? 116 ASN A CA  1 
ATOM   893  C  C   . ASN A 1 116 ? 10.421  14.398  6.362   1.00 15.73  ? 116 ASN A C   1 
ATOM   894  O  O   . ASN A 1 116 ? 9.829   15.496  6.355   1.00 19.81  ? 116 ASN A O   1 
ATOM   895  C  CB  . ASN A 1 116 ? 12.964  14.397  6.504   1.00 15.03  ? 116 ASN A CB  1 
ATOM   896  C  CG  . ASN A 1 116 ? 14.131  14.123  7.433   1.00 30.72  ? 116 ASN A CG  1 
ATOM   897  O  OD1 . ASN A 1 116 ? 14.123  14.634  8.534   1.00 35.38  ? 116 ASN A OD1 1 
ATOM   898  N  ND2 . ASN A 1 116 ? 15.144  13.338  7.054   1.00 14.00  ? 116 ASN A ND2 1 
ATOM   899  N  N   . SER A 1 117 ? 10.030  13.395  5.632   1.00 9.32   ? 117 SER A N   1 
ATOM   900  C  CA  . SER A 1 117 ? 8.874   13.591  4.750   1.00 6.56   ? 117 SER A CA  1 
ATOM   901  C  C   . SER A 1 117 ? 7.666   13.848  5.584   1.00 16.07  ? 117 SER A C   1 
ATOM   902  O  O   . SER A 1 117 ? 6.933   14.774  5.306   1.00 12.03  ? 117 SER A O   1 
ATOM   903  C  CB  . SER A 1 117 ? 8.529   12.375  3.869   1.00 10.76  ? 117 SER A CB  1 
ATOM   904  O  OG  . SER A 1 117 ? 9.665   11.940  3.160   1.00 28.07  ? 117 SER A OG  1 
ATOM   905  N  N   . LEU A 1 118 ? 7.539   13.040  6.632   1.00 10.50  ? 118 LEU A N   1 
ATOM   906  C  CA  . LEU A 1 118 ? 6.419   13.172  7.528   1.00 15.69  ? 118 LEU A CA  1 
ATOM   907  C  C   . LEU A 1 118 ? 6.306   14.573  8.052   1.00 16.49  ? 118 LEU A C   1 
ATOM   908  O  O   . LEU A 1 118 ? 5.260   15.241  8.136   1.00 14.91  ? 118 LEU A O   1 
ATOM   909  C  CB  . LEU A 1 118 ? 6.695   12.275  8.732   1.00 18.94  ? 118 LEU A CB  1 
ATOM   910  C  CG  . LEU A 1 118 ? 6.361   10.826  8.425   1.00 22.95  ? 118 LEU A CG  1 
ATOM   911  C  CD1 . LEU A 1 118 ? 6.742   10.003  9.644   1.00 27.50  ? 118 LEU A CD1 1 
ATOM   912  C  CD2 . LEU A 1 118 ? 4.891   10.577  7.974   1.00 16.78  ? 118 LEU A CD2 1 
ATOM   913  N  N   . ARG A 1 119 ? 7.437   15.032  8.479   1.00 13.38  ? 119 ARG A N   1 
ATOM   914  C  CA  . ARG A 1 119 ? 7.371   16.382  9.032   1.00 22.30  ? 119 ARG A CA  1 
ATOM   915  C  C   . ARG A 1 119 ? 6.981   17.420  8.008   1.00 34.82  ? 119 ARG A C   1 
ATOM   916  O  O   . ARG A 1 119 ? 6.262   18.388  8.313   1.00 19.44  ? 119 ARG A O   1 
ATOM   917  C  CB  . ARG A 1 119 ? 8.644   16.935  9.693   1.00 12.68  ? 119 ARG A CB  1 
ATOM   918  C  CG  . ARG A 1 119 ? 9.765   15.929  9.904   1.00 100.00 ? 119 ARG A CG  1 
ATOM   919  C  CD  . ARG A 1 119 ? 11.039  16.575  10.472  1.00 100.00 ? 119 ARG A CD  1 
ATOM   920  N  NE  . ARG A 1 119 ? 11.147  18.034  10.289  1.00 100.00 ? 119 ARG A NE  1 
ATOM   921  C  CZ  . ARG A 1 119 ? 11.968  18.668  9.427   1.00 100.00 ? 119 ARG A CZ  1 
ATOM   922  N  NH1 . ARG A 1 119 ? 12.802  18.004  8.607   1.00 100.00 ? 119 ARG A NH1 1 
ATOM   923  N  NH2 . ARG A 1 119 ? 11.951  20.012  9.393   1.00 100.00 ? 119 ARG A NH2 1 
ATOM   924  N  N   . MET A 1 120 ? 7.500   17.245  6.806   1.00 15.42  ? 120 MET A N   1 
ATOM   925  C  CA  . MET A 1 120 ? 7.173   18.217  5.783   1.00 19.19  ? 120 MET A CA  1 
ATOM   926  C  C   . MET A 1 120 ? 5.720   18.174  5.398   1.00 17.92  ? 120 MET A C   1 
ATOM   927  O  O   . MET A 1 120 ? 5.073   19.180  5.084   1.00 15.36  ? 120 MET A O   1 
ATOM   928  C  CB  . MET A 1 120 ? 8.015   17.973  4.541   1.00 12.07  ? 120 MET A CB  1 
ATOM   929  C  CG  . MET A 1 120 ? 9.434   18.426  4.797   1.00 23.21  ? 120 MET A CG  1 
ATOM   930  S  SD  . MET A 1 120 ? 10.449  18.195  3.326   1.00 37.08  ? 120 MET A SD  1 
ATOM   931  C  CE  . MET A 1 120 ? 11.763  17.128  3.942   1.00 51.14  ? 120 MET A CE  1 
ATOM   932  N  N   . LEU A 1 121 ? 5.202   16.978  5.439   1.00 10.83  ? 121 LEU A N   1 
ATOM   933  C  CA  . LEU A 1 121 ? 3.815   16.853  5.070   1.00 13.64  ? 121 LEU A CA  1 
ATOM   934  C  C   . LEU A 1 121 ? 2.977   17.493  6.193   1.00 22.88  ? 121 LEU A C   1 
ATOM   935  O  O   . LEU A 1 121 ? 1.937   18.184  6.028   1.00 11.99  ? 121 LEU A O   1 
ATOM   936  C  CB  . LEU A 1 121 ? 3.533   15.360  4.941   1.00 12.82  ? 121 LEU A CB  1 
ATOM   937  C  CG  . LEU A 1 121 ? 3.961   14.741  3.622   1.00 12.47  ? 121 LEU A CG  1 
ATOM   938  C  CD1 . LEU A 1 121 ? 3.626   13.262  3.699   1.00 22.90  ? 121 LEU A CD1 1 
ATOM   939  C  CD2 . LEU A 1 121 ? 3.050   15.207  2.497   1.00 10.28  ? 121 LEU A CD2 1 
ATOM   940  N  N   . GLN A 1 122 ? 3.441   17.291  7.407   1.00 5.88   ? 122 GLN A N   1 
ATOM   941  C  CA  . GLN A 1 122 ? 2.697   17.875  8.456   1.00 24.50  ? 122 GLN A CA  1 
ATOM   942  C  C   . GLN A 1 122 ? 2.700   19.403  8.425   1.00 29.19  ? 122 GLN A C   1 
ATOM   943  O  O   . GLN A 1 122 ? 1.771   20.082  8.804   1.00 18.78  ? 122 GLN A O   1 
ATOM   944  C  CB  . GLN A 1 122 ? 3.084   17.252  9.786   1.00 15.10  ? 122 GLN A CB  1 
ATOM   945  C  CG  . GLN A 1 122 ? 2.537   18.061  10.954  1.00 22.62  ? 122 GLN A CG  1 
ATOM   946  C  CD  . GLN A 1 122 ? 2.954   17.422  12.250  1.00 81.49  ? 122 GLN A CD  1 
ATOM   947  O  OE1 . GLN A 1 122 ? 4.086   16.914  12.340  1.00 84.89  ? 122 GLN A OE1 1 
ATOM   948  N  NE2 . GLN A 1 122 ? 2.040   17.429  13.231  1.00 37.05  ? 122 GLN A NE2 1 
ATOM   949  N  N   . GLN A 1 123 ? 3.764   19.974  7.963   1.00 8.19   ? 123 GLN A N   1 
ATOM   950  C  CA  . GLN A 1 123 ? 3.806   21.401  7.901   1.00 7.61   ? 123 GLN A CA  1 
ATOM   951  C  C   . GLN A 1 123 ? 3.193   21.908  6.656   1.00 17.83  ? 123 GLN A C   1 
ATOM   952  O  O   . GLN A 1 123 ? 3.221   23.128  6.460   1.00 24.51  ? 123 GLN A O   1 
ATOM   953  C  CB  . GLN A 1 123 ? 5.236   21.843  7.680   1.00 13.89  ? 123 GLN A CB  1 
ATOM   954  C  CG  . GLN A 1 123 ? 5.979   21.659  8.988   1.00 20.72  ? 123 GLN A CG  1 
ATOM   955  C  CD  . GLN A 1 123 ? 7.424   22.125  8.889   1.00 32.91  ? 123 GLN A CD  1 
ATOM   956  O  OE1 . GLN A 1 123 ? 7.919   22.794  9.789   1.00 33.44  ? 123 GLN A OE1 1 
ATOM   957  N  NE2 . GLN A 1 123 ? 8.093   21.803  7.782   1.00 79.16  ? 123 GLN A NE2 1 
ATOM   958  N  N   . LYS A 1 124 ? 2.724   20.979  5.802   1.00 13.93  ? 124 LYS A N   1 
ATOM   959  C  CA  . LYS A 1 124 ? 2.091   21.324  4.519   1.00 3.09   ? 124 LYS A CA  1 
ATOM   960  C  C   . LYS A 1 124 ? 3.023   21.926  3.453   1.00 8.62   ? 124 LYS A C   1 
ATOM   961  O  O   . LYS A 1 124 ? 2.620   22.746  2.611   1.00 13.86  ? 124 LYS A O   1 
ATOM   962  C  CB  . LYS A 1 124 ? 0.795   22.133  4.639   1.00 18.43  ? 124 LYS A CB  1 
ATOM   963  C  CG  . LYS A 1 124 ? -0.150  21.659  5.740   1.00 15.53  ? 124 LYS A CG  1 
ATOM   964  C  CD  . LYS A 1 124 ? -1.637  21.928  5.457   1.00 13.30  ? 124 LYS A CD  1 
ATOM   965  C  CE  . LYS A 1 124 ? -2.570  21.165  6.404   1.00 7.51   ? 124 LYS A CE  1 
ATOM   966  N  NZ  . LYS A 1 124 ? -2.748  19.793  5.929   1.00 11.59  ? 124 LYS A NZ  1 
ATOM   967  N  N   . ARG A 1 125 ? 4.292   21.536  3.492   1.00 10.75  ? 125 ARG A N   1 
ATOM   968  C  CA  . ARG A 1 125 ? 5.287   21.980  2.510   1.00 19.91  ? 125 ARG A CA  1 
ATOM   969  C  C   . ARG A 1 125 ? 5.253   20.958  1.379   1.00 17.94  ? 125 ARG A C   1 
ATOM   970  O  O   . ARG A 1 125 ? 6.143   20.137  1.271   1.00 9.39   ? 125 ARG A O   1 
ATOM   971  C  CB  . ARG A 1 125 ? 6.650   22.016  3.196   1.00 14.59  ? 125 ARG A CB  1 
ATOM   972  C  CG  . ARG A 1 125 ? 6.711   22.999  4.399   1.00 16.40  ? 125 ARG A CG  1 
ATOM   973  C  CD  . ARG A 1 125 ? 8.077   22.941  5.132   1.00 18.92  ? 125 ARG A CD  1 
ATOM   974  N  NE  . ARG A 1 125 ? 8.712   24.162  5.622   1.00 80.25  ? 125 ARG A NE  1 
ATOM   975  C  CZ  . ARG A 1 125 ? 8.160   25.077  6.449   1.00 100.00 ? 125 ARG A CZ  1 
ATOM   976  N  NH1 . ARG A 1 125 ? 6.901   25.007  6.923   1.00 100.00 ? 125 ARG A NH1 1 
ATOM   977  N  NH2 . ARG A 1 125 ? 8.899   26.132  6.805   1.00 100.00 ? 125 ARG A NH2 1 
ATOM   978  N  N   . TRP A 1 126 ? 4.205   21.043  0.533   1.00 13.63  ? 126 TRP A N   1 
ATOM   979  C  CA  . TRP A 1 126 ? 3.987   20.070  -0.504  1.00 6.05   ? 126 TRP A CA  1 
ATOM   980  C  C   . TRP A 1 126 ? 5.128   19.786  -1.433  1.00 8.65   ? 126 TRP A C   1 
ATOM   981  O  O   . TRP A 1 126 ? 5.520   18.656  -1.680  1.00 9.21   ? 126 TRP A O   1 
ATOM   982  C  CB  . TRP A 1 126 ? 2.666   20.266  -1.264  1.00 3.07   ? 126 TRP A CB  1 
ATOM   983  C  CG  . TRP A 1 126 ? 1.549   20.607  -0.298  1.00 11.94  ? 126 TRP A CG  1 
ATOM   984  C  CD1 . TRP A 1 126 ? 0.767   21.699  -0.352  1.00 18.67  ? 126 TRP A CD1 1 
ATOM   985  C  CD2 . TRP A 1 126 ? 1.021   19.846  0.768   1.00 7.27   ? 126 TRP A CD2 1 
ATOM   986  N  NE1 . TRP A 1 126 ? -0.222  21.658  0.576   1.00 9.28   ? 126 TRP A NE1 1 
ATOM   987  C  CE2 . TRP A 1 126 ? -0.110  20.534  1.290   1.00 7.39   ? 126 TRP A CE2 1 
ATOM   988  C  CE3 . TRP A 1 126 ? 1.357   18.635  1.330   1.00 11.26  ? 126 TRP A CE3 1 
ATOM   989  C  CZ2 . TRP A 1 126 ? -0.871  20.085  2.354   1.00 13.29  ? 126 TRP A CZ2 1 
ATOM   990  C  CZ3 . TRP A 1 126 ? 0.603   18.177  2.396   1.00 14.30  ? 126 TRP A CZ3 1 
ATOM   991  C  CH2 . TRP A 1 126 ? -0.514  18.868  2.882   1.00 12.26  ? 126 TRP A CH2 1 
ATOM   992  N  N   . ASP A 1 127 ? 5.607   20.829  -2.030  1.00 6.85   ? 127 ASP A N   1 
ATOM   993  C  CA  . ASP A 1 127 ? 6.650   20.619  -2.984  1.00 8.76   ? 127 ASP A CA  1 
ATOM   994  C  C   . ASP A 1 127 ? 7.893   20.085  -2.306  1.00 21.29  ? 127 ASP A C   1 
ATOM   995  O  O   . ASP A 1 127 ? 8.615   19.239  -2.835  1.00 15.42  ? 127 ASP A O   1 
ATOM   996  C  CB  . ASP A 1 127 ? 6.883   21.874  -3.843  1.00 20.55  ? 127 ASP A CB  1 
ATOM   997  C  CG  . ASP A 1 127 ? 5.706   22.249  -4.721  1.00 22.45  ? 127 ASP A CG  1 
ATOM   998  O  OD1 . ASP A 1 127 ? 4.577   21.770  -4.658  1.00 36.92  ? 127 ASP A OD1 1 
ATOM   999  O  OD2 . ASP A 1 127 ? 6.072   23.155  -5.576  1.00 29.52  ? 127 ASP A OD2 1 
ATOM   1000 N  N   . GLU A 1 128 ? 8.114   20.509  -1.086  1.00 13.95  ? 128 GLU A N   1 
ATOM   1001 C  CA  . GLU A 1 128 ? 9.296   20.006  -0.472  1.00 13.78  ? 128 GLU A CA  1 
ATOM   1002 C  C   . GLU A 1 128 ? 9.233   18.566  -0.122  1.00 19.45  ? 128 GLU A C   1 
ATOM   1003 O  O   . GLU A 1 128 ? 10.189  17.828  -0.303  1.00 18.32  ? 128 GLU A O   1 
ATOM   1004 C  CB  . GLU A 1 128 ? 9.614   20.789  0.786   1.00 24.07  ? 128 GLU A CB  1 
ATOM   1005 C  CG  . GLU A 1 128 ? 10.270  22.119  0.407   1.00 33.34  ? 128 GLU A CG  1 
ATOM   1006 C  CD  . GLU A 1 128 ? 10.076  23.162  1.483   1.00 100.00 ? 128 GLU A CD  1 
ATOM   1007 O  OE1 . GLU A 1 128 ? 10.827  23.282  2.454   1.00 100.00 ? 128 GLU A OE1 1 
ATOM   1008 O  OE2 . GLU A 1 128 ? 8.979   23.884  1.284   1.00 33.60  ? 128 GLU A OE2 1 
ATOM   1009 N  N   . ALA A 1 129 ? 8.101   18.177  0.382   1.00 14.08  ? 129 ALA A N   1 
ATOM   1010 C  CA  . ALA A 1 129 ? 7.895   16.779  0.742   1.00 11.80  ? 129 ALA A CA  1 
ATOM   1011 C  C   . ALA A 1 129 ? 7.953   15.878  -0.497  1.00 7.23   ? 129 ALA A C   1 
ATOM   1012 O  O   . ALA A 1 129 ? 8.490   14.771  -0.463  1.00 13.52  ? 129 ALA A O   1 
ATOM   1013 C  CB  . ALA A 1 129 ? 6.563   16.710  1.486   1.00 5.56   ? 129 ALA A CB  1 
ATOM   1014 N  N   . ALA A 1 130 ? 7.475   16.384  -1.638  1.00 11.30  ? 130 ALA A N   1 
ATOM   1015 C  CA  . ALA A 1 130 ? 7.503   15.601  -2.868  1.00 12.83  ? 130 ALA A CA  1 
ATOM   1016 C  C   . ALA A 1 130 ? 8.925   15.306  -3.290  1.00 24.71  ? 130 ALA A C   1 
ATOM   1017 O  O   . ALA A 1 130 ? 9.246   14.171  -3.617  1.00 15.47  ? 130 ALA A O   1 
ATOM   1018 C  CB  . ALA A 1 130 ? 6.758   16.303  -3.985  1.00 6.20   ? 130 ALA A CB  1 
ATOM   1019 N  N   . VAL A 1 131 ? 9.787   16.335  -3.282  1.00 10.35  ? 131 VAL A N   1 
ATOM   1020 C  CA  . VAL A 1 131 ? 11.200  16.112  -3.591  1.00 7.09   ? 131 VAL A CA  1 
ATOM   1021 C  C   . VAL A 1 131 ? 11.814  15.126  -2.594  1.00 12.82  ? 131 VAL A C   1 
ATOM   1022 O  O   . VAL A 1 131 ? 12.416  14.121  -2.940  1.00 16.38  ? 131 VAL A O   1 
ATOM   1023 C  CB  . VAL A 1 131 ? 12.033  17.415  -3.595  1.00 17.11  ? 131 VAL A CB  1 
ATOM   1024 C  CG1 . VAL A 1 131 ? 13.517  17.107  -3.528  1.00 16.49  ? 131 VAL A CG1 1 
ATOM   1025 C  CG2 . VAL A 1 131 ? 11.742  18.303  -4.789  1.00 17.77  ? 131 VAL A CG2 1 
ATOM   1026 N  N   . ASN A 1 132 ? 11.598  15.357  -1.314  1.00 14.96  ? 132 ASN A N   1 
ATOM   1027 C  CA  . ASN A 1 132 ? 12.127  14.449  -0.316  1.00 5.93   ? 132 ASN A CA  1 
ATOM   1028 C  C   . ASN A 1 132 ? 11.615  13.038  -0.521  1.00 14.53  ? 132 ASN A C   1 
ATOM   1029 O  O   . ASN A 1 132 ? 12.341  12.030  -0.521  1.00 8.75   ? 132 ASN A O   1 
ATOM   1030 C  CB  . ASN A 1 132 ? 11.712  14.962  1.073   1.00 5.39   ? 132 ASN A CB  1 
ATOM   1031 C  CG  . ASN A 1 132 ? 12.365  14.170  2.175   1.00 7.68   ? 132 ASN A CG  1 
ATOM   1032 O  OD1 . ASN A 1 132 ? 11.854  13.209  2.776   1.00 12.31  ? 132 ASN A OD1 1 
ATOM   1033 N  ND2 . ASN A 1 132 ? 13.623  14.436  2.361   1.00 14.26  ? 132 ASN A ND2 1 
ATOM   1034 N  N   . LEU A 1 133 ? 10.336  12.912  -0.781  1.00 13.03  ? 133 LEU A N   1 
ATOM   1035 C  CA  . LEU A 1 133 ? 9.867   11.544  -0.937  1.00 13.92  ? 133 LEU A CA  1 
ATOM   1036 C  C   . LEU A 1 133 ? 10.562  10.788  -2.095  1.00 14.53  ? 133 LEU A C   1 
ATOM   1037 O  O   . LEU A 1 133 ? 10.707  9.550   -2.116  1.00 15.14  ? 133 LEU A O   1 
ATOM   1038 C  CB  . LEU A 1 133 ? 8.288   11.505  -1.143  1.00 16.73  ? 133 LEU A CB  1 
ATOM   1039 C  CG  . LEU A 1 133 ? 7.354   11.685  0.098   1.00 13.47  ? 133 LEU A CG  1 
ATOM   1040 C  CD1 . LEU A 1 133 ? 5.944   12.127  -0.312  1.00 13.18  ? 133 LEU A CD1 1 
ATOM   1041 C  CD2 . LEU A 1 133 ? 7.172   10.342  0.828   1.00 16.23  ? 133 LEU A CD2 1 
ATOM   1042 N  N   . ALA A 1 134 ? 10.985  11.551  -3.089  1.00 9.80   ? 134 ALA A N   1 
ATOM   1043 C  CA  . ALA A 1 134 ? 11.610  10.944  -4.272  1.00 9.30   ? 134 ALA A CA  1 
ATOM   1044 C  C   . ALA A 1 134 ? 12.972  10.367  -4.051  1.00 12.02  ? 134 ALA A C   1 
ATOM   1045 O  O   . ALA A 1 134 ? 13.401  9.528   -4.831  1.00 17.73  ? 134 ALA A O   1 
ATOM   1046 C  CB  . ALA A 1 134 ? 11.590  11.902  -5.442  1.00 21.09  ? 134 ALA A CB  1 
ATOM   1047 N  N   . LYS A 1 135 ? 13.622  10.866  -3.011  1.00 10.54  ? 135 LYS A N   1 
ATOM   1048 C  CA  . LYS A 1 135 ? 14.934  10.412  -2.652  1.00 9.42   ? 135 LYS A CA  1 
ATOM   1049 C  C   . LYS A 1 135 ? 14.810  9.158   -1.786  1.00 6.13   ? 135 LYS A C   1 
ATOM   1050 O  O   . LYS A 1 135 ? 15.094  9.118   -0.590  1.00 14.06  ? 135 LYS A O   1 
ATOM   1051 C  CB  . LYS A 1 135 ? 15.783  11.517  -2.022  1.00 10.06  ? 135 LYS A CB  1 
ATOM   1052 C  CG  . LYS A 1 135 ? 15.678  12.857  -2.779  1.00 19.10  ? 135 LYS A CG  1 
ATOM   1053 C  CD  . LYS A 1 135 ? 16.673  13.984  -2.398  1.00 20.65  ? 135 LYS A CD  1 
ATOM   1054 C  CE  . LYS A 1 135 ? 16.357  14.776  -1.121  1.00 100.00 ? 135 LYS A CE  1 
ATOM   1055 N  NZ  . LYS A 1 135 ? 17.303  15.865  -0.778  1.00 71.55  ? 135 LYS A NZ  1 
ATOM   1056 N  N   . SER A 1 136 ? 14.372  8.082   -2.425  1.00 5.24   ? 136 SER A N   1 
ATOM   1057 C  CA  . SER A 1 136 ? 14.161  6.868   -1.665  1.00 11.41  ? 136 SER A CA  1 
ATOM   1058 C  C   . SER A 1 136 ? 14.240  5.637   -2.528  1.00 17.83  ? 136 SER A C   1 
ATOM   1059 O  O   . SER A 1 136 ? 14.076  5.649   -3.760  1.00 8.51   ? 136 SER A O   1 
ATOM   1060 C  CB  . SER A 1 136 ? 12.748  6.909   -1.079  1.00 12.17  ? 136 SER A CB  1 
ATOM   1061 O  OG  . SER A 1 136 ? 11.825  6.989   -2.177  1.00 11.12  ? 136 SER A OG  1 
ATOM   1062 N  N   . ARG A 1 137 ? 14.509  4.544   -1.852  1.00 11.14  ? 137 ARG A N   1 
ATOM   1063 C  CA  . ARG A 1 137 ? 14.557  3.288   -2.567  1.00 1.87   ? 137 ARG A CA  1 
ATOM   1064 C  C   . ARG A 1 137 ? 13.205  3.051   -3.203  1.00 12.16  ? 137 ARG A C   1 
ATOM   1065 O  O   . ARG A 1 137 ? 13.074  2.567   -4.345  1.00 7.92   ? 137 ARG A O   1 
ATOM   1066 C  CB  . ARG A 1 137 ? 14.775  2.140   -1.584  1.00 9.15   ? 137 ARG A CB  1 
ATOM   1067 C  CG  . ARG A 1 137 ? 14.919  0.868   -2.406  1.00 15.48  ? 137 ARG A CG  1 
ATOM   1068 C  CD  . ARG A 1 137 ? 14.954  -0.376  -1.552  1.00 19.01  ? 137 ARG A CD  1 
ATOM   1069 N  NE  . ARG A 1 137 ? 15.337  -1.610  -2.253  1.00 49.16  ? 137 ARG A NE  1 
ATOM   1070 C  CZ  . ARG A 1 137 ? 14.485  -2.570  -2.650  1.00 37.40  ? 137 ARG A CZ  1 
ATOM   1071 N  NH1 . ARG A 1 137 ? 13.174  -2.463  -2.477  1.00 18.97  ? 137 ARG A NH1 1 
ATOM   1072 N  NH2 . ARG A 1 137 ? 14.952  -3.658  -3.271  1.00 71.35  ? 137 ARG A NH2 1 
ATOM   1073 N  N   . TRP A 1 138 ? 12.163  3.395   -2.413  1.00 13.38  ? 138 TRP A N   1 
ATOM   1074 C  CA  . TRP A 1 138 ? 10.777  3.227   -2.867  1.00 11.99  ? 138 TRP A CA  1 
ATOM   1075 C  C   . TRP A 1 138 ? 10.559  3.857   -4.230  1.00 12.50  ? 138 TRP A C   1 
ATOM   1076 O  O   . TRP A 1 138 ? 10.047  3.216   -5.147  1.00 12.70  ? 138 TRP A O   1 
ATOM   1077 C  CB  . TRP A 1 138 ? 9.849   3.927   -1.890  1.00 12.88  ? 138 TRP A CB  1 
ATOM   1078 C  CG  . TRP A 1 138 ? 8.430   4.023   -2.349  1.00 13.96  ? 138 TRP A CG  1 
ATOM   1079 C  CD1 . TRP A 1 138 ? 7.562   2.985   -2.620  1.00 10.23  ? 138 TRP A CD1 1 
ATOM   1080 C  CD2 . TRP A 1 138 ? 7.675   5.228   -2.338  1.00 6.02   ? 138 TRP A CD2 1 
ATOM   1081 N  NE1 . TRP A 1 138 ? 6.310   3.531   -2.914  1.00 5.00   ? 138 TRP A NE1 1 
ATOM   1082 C  CE2 . TRP A 1 138 ? 6.354   4.902   -2.727  1.00 3.21   ? 138 TRP A CE2 1 
ATOM   1083 C  CE3 . TRP A 1 138 ? 8.016   6.558   -2.110  1.00 7.21   ? 138 TRP A CE3 1 
ATOM   1084 C  CZ2 . TRP A 1 138 ? 5.344   5.880   -2.813  1.00 6.18   ? 138 TRP A CZ2 1 
ATOM   1085 C  CZ3 . TRP A 1 138 ? 7.031   7.524   -2.269  1.00 21.77  ? 138 TRP A CZ3 1 
ATOM   1086 C  CH2 . TRP A 1 138 ? 5.711   7.194   -2.616  1.00 22.47  ? 138 TRP A CH2 1 
ATOM   1087 N  N   . TYR A 1 139 ? 10.992  5.115   -4.414  1.00 13.79  ? 139 TYR A N   1 
ATOM   1088 C  CA  . TYR A 1 139 ? 10.789  5.719   -5.735  1.00 8.72   ? 139 TYR A CA  1 
ATOM   1089 C  C   . TYR A 1 139 ? 11.604  5.045   -6.860  1.00 17.72  ? 139 TYR A C   1 
ATOM   1090 O  O   . TYR A 1 139 ? 11.134  4.779   -7.975  1.00 15.03  ? 139 TYR A O   1 
ATOM   1091 C  CB  . TYR A 1 139 ? 11.224  7.179   -5.595  1.00 13.71  ? 139 TYR A CB  1 
ATOM   1092 C  CG  . TYR A 1 139 ? 11.244  7.922   -6.888  1.00 14.54  ? 139 TYR A CG  1 
ATOM   1093 C  CD1 . TYR A 1 139 ? 10.069  8.504   -7.349  1.00 21.21  ? 139 TYR A CD1 1 
ATOM   1094 C  CD2 . TYR A 1 139 ? 12.430  8.200   -7.561  1.00 10.89  ? 139 TYR A CD2 1 
ATOM   1095 C  CE1 . TYR A 1 139 ? 10.030  9.280   -8.502  1.00 24.90  ? 139 TYR A CE1 1 
ATOM   1096 C  CE2 . TYR A 1 139 ? 12.404  8.971   -8.723  1.00 19.06  ? 139 TYR A CE2 1 
ATOM   1097 C  CZ  . TYR A 1 139 ? 11.215  9.518   -9.198  1.00 48.91  ? 139 TYR A CZ  1 
ATOM   1098 O  OH  . TYR A 1 139 ? 11.230  10.284  -10.335 1.00 99.19  ? 139 TYR A OH  1 
ATOM   1099 N  N   . ASN A 1 140 ? 12.882  4.754   -6.525  1.00 15.78  ? 140 ASN A N   1 
ATOM   1100 C  CA  . ASN A 1 140 ? 13.816  4.093   -7.416  1.00 7.80   ? 140 ASN A CA  1 
ATOM   1101 C  C   . ASN A 1 140 ? 13.366  2.707   -7.872  1.00 20.41  ? 140 ASN A C   1 
ATOM   1102 O  O   . ASN A 1 140 ? 13.524  2.338   -9.014  1.00 16.02  ? 140 ASN A O   1 
ATOM   1103 C  CB  . ASN A 1 140 ? 15.259  4.171   -6.916  1.00 19.11  ? 140 ASN A CB  1 
ATOM   1104 C  CG  . ASN A 1 140 ? 15.726  5.602   -7.133  1.00 24.92  ? 140 ASN A CG  1 
ATOM   1105 O  OD1 . ASN A 1 140 ? 15.729  6.419   -6.210  1.00 25.90  ? 140 ASN A OD1 1 
ATOM   1106 N  ND2 . ASN A 1 140 ? 16.027  5.960   -8.380  1.00 26.97  ? 140 ASN A ND2 1 
ATOM   1107 N  N   . GLN A 1 141 ? 12.768  1.916   -7.027  1.00 9.99   ? 141 GLN A N   1 
ATOM   1108 C  CA  . GLN A 1 141 ? 12.344  0.613   -7.492  1.00 11.23  ? 141 GLN A CA  1 
ATOM   1109 C  C   . GLN A 1 141 ? 10.989  0.594   -8.154  1.00 19.18  ? 141 GLN A C   1 
ATOM   1110 O  O   . GLN A 1 141 ? 10.749  -0.260  -8.999  1.00 16.61  ? 141 GLN A O   1 
ATOM   1111 C  CB  . GLN A 1 141 ? 12.256  -0.422  -6.365  1.00 11.99  ? 141 GLN A CB  1 
ATOM   1112 C  CG  . GLN A 1 141 ? 13.614  -0.697  -5.720  1.00 38.17  ? 141 GLN A CG  1 
ATOM   1113 C  CD  . GLN A 1 141 ? 14.740  -1.210  -6.592  1.00 41.15  ? 141 GLN A CD  1 
ATOM   1114 O  OE1 . GLN A 1 141 ? 15.862  -0.660  -6.541  1.00 24.74  ? 141 GLN A OE1 1 
ATOM   1115 N  NE2 . GLN A 1 141 ? 14.491  -2.323  -7.257  1.00 19.68  ? 141 GLN A NE2 1 
ATOM   1116 N  N   . THR A 1 142 ? 10.072  1.441   -7.758  1.00 9.99   ? 142 THR A N   1 
ATOM   1117 C  CA  . THR A 1 142 ? 8.750   1.436   -8.412  1.00 6.08   ? 142 THR A CA  1 
ATOM   1118 C  C   . THR A 1 142 ? 8.340   2.859   -8.678  1.00 14.33  ? 142 THR A C   1 
ATOM   1119 O  O   . THR A 1 142 ? 7.415   3.400   -8.104  1.00 9.44   ? 142 THR A O   1 
ATOM   1120 C  CB  . THR A 1 142 ? 7.650   0.820   -7.538  1.00 13.11  ? 142 THR A CB  1 
ATOM   1121 O  OG1 . THR A 1 142 ? 7.509   1.408   -6.243  1.00 16.72  ? 142 THR A OG1 1 
ATOM   1122 C  CG2 . THR A 1 142 ? 8.077   -0.614  -7.406  1.00 8.55   ? 142 THR A CG2 1 
ATOM   1123 N  N   . PRO A 1 143 ? 9.072   3.464   -9.552  1.00 16.08  ? 143 PRO A N   1 
ATOM   1124 C  CA  . PRO A 1 143 ? 8.921   4.854   -9.934  1.00 4.71   ? 143 PRO A CA  1 
ATOM   1125 C  C   . PRO A 1 143 ? 7.529   5.274   -10.513 1.00 2.02   ? 143 PRO A C   1 
ATOM   1126 O  O   . PRO A 1 143 ? 6.958   6.368   -10.263 1.00 8.82   ? 143 PRO A O   1 
ATOM   1127 C  CB  . PRO A 1 143 ? 10.065  5.085   -10.925 1.00 15.33  ? 143 PRO A CB  1 
ATOM   1128 C  CG  . PRO A 1 143 ? 10.492  3.707   -11.429 1.00 15.78  ? 143 PRO A CG  1 
ATOM   1129 C  CD  . PRO A 1 143 ? 10.062  2.727   -10.344 1.00 16.22  ? 143 PRO A CD  1 
ATOM   1130 N  N   . ASN A 1 144 ? 6.950   4.433   -11.351 1.00 5.10   ? 144 ASN A N   1 
ATOM   1131 C  CA  . ASN A 1 144 ? 5.694   4.862   -11.919 1.00 5.16   ? 144 ASN A CA  1 
ATOM   1132 C  C   . ASN A 1 144 ? 4.628   4.973   -10.861 1.00 21.42  ? 144 ASN A C   1 
ATOM   1133 O  O   . ASN A 1 144 ? 3.860   5.871   -10.859 1.00 10.42  ? 144 ASN A O   1 
ATOM   1134 C  CB  . ASN A 1 144 ? 5.103   3.895   -12.949 1.00 15.73  ? 144 ASN A CB  1 
ATOM   1135 C  CG  . ASN A 1 144 ? 5.983   3.447   -14.138 1.00 31.65  ? 144 ASN A CG  1 
ATOM   1136 O  OD1 . ASN A 1 144 ? 6.553   4.262   -14.895 1.00 31.50  ? 144 ASN A OD1 1 
ATOM   1137 N  ND2 . ASN A 1 144 ? 5.983   2.127   -14.376 1.00 79.38  ? 144 ASN A ND2 1 
ATOM   1138 N  N   . ARG A 1 145 ? 4.550   4.009   -9.999  1.00 6.34   ? 145 ARG A N   1 
ATOM   1139 C  CA  . ARG A 1 145 ? 3.607   4.054   -8.907  1.00 10.55  ? 145 ARG A CA  1 
ATOM   1140 C  C   . ARG A 1 145 ? 3.961   5.169   -7.928  1.00 17.54  ? 145 ARG A C   1 
ATOM   1141 O  O   . ARG A 1 145 ? 3.149   6.032   -7.537  1.00 13.83  ? 145 ARG A O   1 
ATOM   1142 C  CB  . ARG A 1 145 ? 3.588   2.756   -8.133  1.00 13.44  ? 145 ARG A CB  1 
ATOM   1143 C  CG  . ARG A 1 145 ? 2.352   2.749   -7.197  1.00 14.02  ? 145 ARG A CG  1 
ATOM   1144 C  CD  . ARG A 1 145 ? 2.442   1.735   -6.137  1.00 14.85  ? 145 ARG A CD  1 
ATOM   1145 N  NE  . ARG A 1 145 ? 1.436   1.807   -5.110  1.00 10.89  ? 145 ARG A NE  1 
ATOM   1146 C  CZ  . ARG A 1 145 ? 1.102   0.657   -4.573  1.00 14.80  ? 145 ARG A CZ  1 
ATOM   1147 N  NH1 . ARG A 1 145 ? 1.685   -0.435  -5.042  1.00 10.82  ? 145 ARG A NH1 1 
ATOM   1148 N  NH2 . ARG A 1 145 ? 0.217   0.595   -3.579  1.00 4.95   ? 145 ARG A NH2 1 
ATOM   1149 N  N   . ALA A 1 146 ? 5.223   5.143   -7.524  1.00 8.59   ? 146 ALA A N   1 
ATOM   1150 C  CA  . ALA A 1 146 ? 5.687   6.188   -6.609  1.00 6.86   ? 146 ALA A CA  1 
ATOM   1151 C  C   . ALA A 1 146 ? 5.327   7.573   -7.161  1.00 11.22  ? 146 ALA A C   1 
ATOM   1152 O  O   . ALA A 1 146 ? 4.805   8.426   -6.434  1.00 11.90  ? 146 ALA A O   1 
ATOM   1153 C  CB  . ALA A 1 146 ? 7.164   6.056   -6.300  1.00 10.55  ? 146 ALA A CB  1 
ATOM   1154 N  N   . LYS A 1 147 ? 5.511   7.770   -8.460  1.00 7.49   ? 147 LYS A N   1 
ATOM   1155 C  CA  . LYS A 1 147 ? 5.166   9.063   -9.048  1.00 13.21  ? 147 LYS A CA  1 
ATOM   1156 C  C   . LYS A 1 147 ? 3.726   9.488   -8.823  1.00 13.62  ? 147 LYS A C   1 
ATOM   1157 O  O   . LYS A 1 147 ? 3.437   10.677  -8.520  1.00 11.72  ? 147 LYS A O   1 
ATOM   1158 C  CB  . LYS A 1 147 ? 5.446   9.175   -10.543 1.00 14.24  ? 147 LYS A CB  1 
ATOM   1159 C  CG  . LYS A 1 147 ? 6.944   9.170   -10.730 1.00 33.51  ? 147 LYS A CG  1 
ATOM   1160 C  CD  . LYS A 1 147 ? 7.383   9.238   -12.185 1.00 28.06  ? 147 LYS A CD  1 
ATOM   1161 C  CE  . LYS A 1 147 ? 8.654   8.429   -12.470 1.00 100.00 ? 147 LYS A CE  1 
ATOM   1162 N  NZ  . LYS A 1 147 ? 8.554   7.426   -13.558 1.00 68.67  ? 147 LYS A NZ  1 
ATOM   1163 N  N   . ARG A 1 148 ? 2.856   8.510   -8.975  1.00 6.89   ? 148 ARG A N   1 
ATOM   1164 C  CA  . ARG A 1 148 ? 1.452   8.780   -8.815  1.00 7.11   ? 148 ARG A CA  1 
ATOM   1165 C  C   . ARG A 1 148 ? 1.135   9.143   -7.383  1.00 8.69   ? 148 ARG A C   1 
ATOM   1166 O  O   . ARG A 1 148 ? 0.341   10.057  -7.149  1.00 10.62  ? 148 ARG A O   1 
ATOM   1167 C  CB  . ARG A 1 148 ? 0.525   7.614   -9.198  1.00 3.08   ? 148 ARG A CB  1 
ATOM   1168 C  CG  . ARG A 1 148 ? 0.489   7.288   -10.710 1.00 6.91   ? 148 ARG A CG  1 
ATOM   1169 C  CD  . ARG A 1 148 ? -0.655  6.358   -11.108 1.00 19.44  ? 148 ARG A CD  1 
ATOM   1170 N  NE  . ARG A 1 148 ? -0.365  4.950   -10.786 1.00 15.80  ? 148 ARG A NE  1 
ATOM   1171 C  CZ  . ARG A 1 148 ? 0.458   4.065   -11.374 1.00 12.96  ? 148 ARG A CZ  1 
ATOM   1172 N  NH1 . ARG A 1 148 ? 1.232   4.269   -12.459 1.00 12.89  ? 148 ARG A NH1 1 
ATOM   1173 N  NH2 . ARG A 1 148 ? 0.485   2.853   -10.831 1.00 15.87  ? 148 ARG A NH2 1 
ATOM   1174 N  N   . VAL A 1 149 ? 1.729   8.448   -6.442  1.00 6.07   ? 149 VAL A N   1 
ATOM   1175 C  CA  . VAL A 1 149 ? 1.434   8.770   -5.028  1.00 7.73   ? 149 VAL A CA  1 
ATOM   1176 C  C   . VAL A 1 149 ? 1.956   10.122  -4.561  1.00 9.89   ? 149 VAL A C   1 
ATOM   1177 O  O   . VAL A 1 149 ? 1.331   10.876  -3.799  1.00 10.97  ? 149 VAL A O   1 
ATOM   1178 C  CB  . VAL A 1 149 ? 1.969   7.700   -4.112  1.00 20.69  ? 149 VAL A CB  1 
ATOM   1179 C  CG1 . VAL A 1 149 ? 1.837   8.117   -2.637  1.00 16.76  ? 149 VAL A CG1 1 
ATOM   1180 C  CG2 . VAL A 1 149 ? 1.268   6.359   -4.409  1.00 9.38   ? 149 VAL A CG2 1 
ATOM   1181 N  N   . ILE A 1 150 ? 3.142   10.362  -5.047  1.00 11.34  ? 150 ILE A N   1 
ATOM   1182 C  CA  . ILE A 1 150 ? 3.871   11.597  -4.807  1.00 4.56   ? 150 ILE A CA  1 
ATOM   1183 C  C   . ILE A 1 150 ? 3.079   12.780  -5.318  1.00 15.31  ? 150 ILE A C   1 
ATOM   1184 O  O   . ILE A 1 150 ? 2.994   13.786  -4.643  1.00 11.84  ? 150 ILE A O   1 
ATOM   1185 C  CB  . ILE A 1 150 ? 5.316   11.543  -5.324  1.00 10.48  ? 150 ILE A CB  1 
ATOM   1186 C  CG1 . ILE A 1 150 ? 6.112   10.622  -4.395  1.00 13.36  ? 150 ILE A CG1 1 
ATOM   1187 C  CG2 . ILE A 1 150 ? 6.021   12.905  -5.289  1.00 14.00  ? 150 ILE A CG2 1 
ATOM   1188 C  CD1 . ILE A 1 150 ? 7.517   10.406  -4.912  1.00 7.53   ? 150 ILE A CD1 1 
ATOM   1189 N  N   . THR A 1 151 ? 2.515   12.627  -6.519  1.00 7.45   ? 151 THR A N   1 
ATOM   1190 C  CA  . THR A 1 151 ? 1.724   13.709  -7.112  1.00 16.62  ? 151 THR A CA  1 
ATOM   1191 C  C   . THR A 1 151 ? 0.484   14.009  -6.332  1.00 8.63   ? 151 THR A C   1 
ATOM   1192 O  O   . THR A 1 151 ? 0.001   15.168  -6.287  1.00 8.02   ? 151 THR A O   1 
ATOM   1193 C  CB  . THR A 1 151 ? 1.213   13.322  -8.473  1.00 22.33  ? 151 THR A CB  1 
ATOM   1194 O  OG1 . THR A 1 151 ? 2.401   13.338  -9.175  1.00 23.28  ? 151 THR A OG1 1 
ATOM   1195 C  CG2 . THR A 1 151 ? 0.143   14.245  -9.069  1.00 21.39  ? 151 THR A CG2 1 
ATOM   1196 N  N   . THR A 1 152 ? -0.021  12.897  -5.808  1.00 9.18   ? 152 THR A N   1 
ATOM   1197 C  CA  . THR A 1 152 ? -1.202  12.940  -5.022  1.00 13.21  ? 152 THR A CA  1 
ATOM   1198 C  C   . THR A 1 152 ? -0.892  13.750  -3.746  1.00 11.51  ? 152 THR A C   1 
ATOM   1199 O  O   . THR A 1 152 ? -1.640  14.649  -3.302  1.00 11.58  ? 152 THR A O   1 
ATOM   1200 C  CB  . THR A 1 152 ? -1.659  11.489  -4.716  1.00 11.65  ? 152 THR A CB  1 
ATOM   1201 O  OG1 . THR A 1 152 ? -1.936  10.868  -5.930  1.00 10.32  ? 152 THR A OG1 1 
ATOM   1202 C  CG2 . THR A 1 152 ? -2.969  11.555  -3.961  1.00 8.71   ? 152 THR A CG2 1 
ATOM   1203 N  N   . PHE A 1 153 ? 0.239   13.427  -3.130  1.00 4.01   ? 153 PHE A N   1 
ATOM   1204 C  CA  . PHE A 1 153 ? 0.595   14.169  -1.934  1.00 11.09  ? 153 PHE A CA  1 
ATOM   1205 C  C   . PHE A 1 153 ? 0.881   15.608  -2.273  1.00 14.04  ? 153 PHE A C   1 
ATOM   1206 O  O   . PHE A 1 153 ? 0.576   16.539  -1.522  1.00 17.55  ? 153 PHE A O   1 
ATOM   1207 C  CB  . PHE A 1 153 ? 1.931   13.665  -1.361  1.00 8.01   ? 153 PHE A CB  1 
ATOM   1208 C  CG  . PHE A 1 153 ? 1.807   12.453  -0.467  1.00 17.74  ? 153 PHE A CG  1 
ATOM   1209 C  CD1 . PHE A 1 153 ? 2.571   11.312  -0.727  1.00 19.46  ? 153 PHE A CD1 1 
ATOM   1210 C  CD2 . PHE A 1 153 ? 0.987   12.478  0.669   1.00 18.23  ? 153 PHE A CD2 1 
ATOM   1211 C  CE1 . PHE A 1 153 ? 2.482   10.204  0.123   1.00 19.02  ? 153 PHE A CE1 1 
ATOM   1212 C  CE2 . PHE A 1 153 ? 0.894   11.382  1.537   1.00 17.89  ? 153 PHE A CE2 1 
ATOM   1213 C  CZ  . PHE A 1 153 ? 1.664   10.247  1.256   1.00 16.29  ? 153 PHE A CZ  1 
ATOM   1214 N  N   . ARG A 1 154 ? 1.533   15.787  -3.420  1.00 12.08  ? 154 ARG A N   1 
ATOM   1215 C  CA  . ARG A 1 154 ? 1.911   17.118  -3.775  1.00 14.22  ? 154 ARG A CA  1 
ATOM   1216 C  C   . ARG A 1 154 ? 0.749   18.035  -4.085  1.00 16.57  ? 154 ARG A C   1 
ATOM   1217 O  O   . ARG A 1 154 ? 0.805   19.226  -3.765  1.00 22.24  ? 154 ARG A O   1 
ATOM   1218 C  CB  . ARG A 1 154 ? 2.809   17.156  -4.986  1.00 18.86  ? 154 ARG A CB  1 
ATOM   1219 C  CG  . ARG A 1 154 ? 3.438   18.541  -5.110  1.00 22.38  ? 154 ARG A CG  1 
ATOM   1220 C  CD  . ARG A 1 154 ? 4.157   18.724  -6.448  1.00 14.66  ? 154 ARG A CD  1 
ATOM   1221 N  NE  . ARG A 1 154 ? 4.296   17.464  -7.171  1.00 100.00 ? 154 ARG A NE  1 
ATOM   1222 C  CZ  . ARG A 1 154 ? 3.928   17.250  -8.445  1.00 100.00 ? 154 ARG A CZ  1 
ATOM   1223 N  NH1 . ARG A 1 154 ? 3.407   18.217  -9.209  1.00 100.00 ? 154 ARG A NH1 1 
ATOM   1224 N  NH2 . ARG A 1 154 ? 4.116   16.033  -8.991  1.00 100.00 ? 154 ARG A NH2 1 
ATOM   1225 N  N   . THR A 1 155 ? -0.269  17.473  -4.759  1.00 15.31  ? 155 THR A N   1 
ATOM   1226 C  CA  . THR A 1 155 ? -1.407  18.238  -5.195  1.00 4.82   ? 155 THR A CA  1 
ATOM   1227 C  C   . THR A 1 155 ? -2.655  18.102  -4.410  1.00 19.68  ? 155 THR A C   1 
ATOM   1228 O  O   . THR A 1 155 ? -3.493  18.969  -4.482  1.00 19.45  ? 155 THR A O   1 
ATOM   1229 C  CB  . THR A 1 155 ? -1.815  18.047  -6.673  1.00 14.64  ? 155 THR A CB  1 
ATOM   1230 O  OG1 . THR A 1 155 ? -2.337  16.767  -6.894  1.00 14.44  ? 155 THR A OG1 1 
ATOM   1231 C  CG2 . THR A 1 155 ? -0.562  18.200  -7.491  1.00 14.81  ? 155 THR A CG2 1 
ATOM   1232 N  N   . GLY A 1 156 ? -2.851  17.041  -3.703  1.00 9.90   ? 156 GLY A N   1 
ATOM   1233 C  CA  . GLY A 1 156 ? -4.125  16.965  -3.060  1.00 11.54  ? 156 GLY A CA  1 
ATOM   1234 C  C   . GLY A 1 156 ? -5.267  16.719  -4.091  1.00 14.53  ? 156 GLY A C   1 
ATOM   1235 O  O   . GLY A 1 156 ? -6.413  16.952  -3.776  1.00 15.12  ? 156 GLY A O   1 
ATOM   1236 N  N   . THR A 1 157 ? -5.042  16.286  -5.354  1.00 9.79   ? 157 THR A N   1 
ATOM   1237 C  CA  . THR A 1 157 ? -6.144  16.000  -6.292  1.00 10.00  ? 157 THR A CA  1 
ATOM   1238 C  C   . THR A 1 157 ? -5.895  14.577  -6.817  1.00 20.26  ? 157 THR A C   1 
ATOM   1239 O  O   . THR A 1 157 ? -4.819  14.078  -6.587  1.00 7.62   ? 157 THR A O   1 
ATOM   1240 C  CB  . THR A 1 157 ? -5.937  16.810  -7.584  1.00 19.41  ? 157 THR A CB  1 
ATOM   1241 O  OG1 . THR A 1 157 ? -4.706  16.392  -8.154  1.00 18.10  ? 157 THR A OG1 1 
ATOM   1242 C  CG2 . THR A 1 157 ? -5.850  18.284  -7.274  1.00 21.98  ? 157 THR A CG2 1 
ATOM   1243 N  N   . TRP A 1 158 ? -6.803  13.956  -7.574  1.00 11.10  ? 158 TRP A N   1 
ATOM   1244 C  CA  . TRP A 1 158 ? -6.594  12.637  -8.148  1.00 8.20   ? 158 TRP A CA  1 
ATOM   1245 C  C   . TRP A 1 158 ? -6.068  12.743  -9.582  1.00 20.40  ? 158 TRP A C   1 
ATOM   1246 O  O   . TRP A 1 158 ? -6.243  11.859  -10.378 1.00 15.18  ? 158 TRP A O   1 
ATOM   1247 C  CB  . TRP A 1 158 ? -7.957  11.961  -8.352  1.00 11.18  ? 158 TRP A CB  1 
ATOM   1248 C  CG  . TRP A 1 158 ? -8.514  11.669  -7.026  1.00 14.97  ? 158 TRP A CG  1 
ATOM   1249 C  CD1 . TRP A 1 158 ? -9.539  12.337  -6.468  1.00 10.86  ? 158 TRP A CD1 1 
ATOM   1250 C  CD2 . TRP A 1 158 ? -8.095  10.662  -6.072  1.00 21.76  ? 158 TRP A CD2 1 
ATOM   1251 N  NE1 . TRP A 1 158 ? -9.819  11.825  -5.230  1.00 10.52  ? 158 TRP A NE1 1 
ATOM   1252 C  CE2 . TRP A 1 158 ? -8.936  10.779  -4.951  1.00 20.68  ? 158 TRP A CE2 1 
ATOM   1253 C  CE3 . TRP A 1 158 ? -7.102  9.695   -6.030  1.00 18.48  ? 158 TRP A CE3 1 
ATOM   1254 C  CZ2 . TRP A 1 158 ? -8.827  9.916   -3.839  1.00 20.09  ? 158 TRP A CZ2 1 
ATOM   1255 C  CZ3 . TRP A 1 158 ? -7.031  8.828   -4.939  1.00 16.62  ? 158 TRP A CZ3 1 
ATOM   1256 C  CH2 . TRP A 1 158 ? -7.861  8.939   -3.838  1.00 7.25   ? 158 TRP A CH2 1 
ATOM   1257 N  N   . ASP A 1 159 ? -5.425  13.835  -9.969  1.00 16.51  ? 159 ASP A N   1 
ATOM   1258 C  CA  . ASP A 1 159 ? -4.989  13.899  -11.348 1.00 9.78   ? 159 ASP A CA  1 
ATOM   1259 C  C   . ASP A 1 159 ? -4.128  12.772  -11.877 1.00 18.98  ? 159 ASP A C   1 
ATOM   1260 O  O   . ASP A 1 159 ? -4.255  12.394  -13.036 1.00 16.65  ? 159 ASP A O   1 
ATOM   1261 C  CB  . ASP A 1 159 ? -4.374  15.268  -11.722 1.00 16.08  ? 159 ASP A CB  1 
ATOM   1262 C  CG  . ASP A 1 159 ? -5.273  16.460  -11.447 1.00 40.34  ? 159 ASP A CG  1 
ATOM   1263 O  OD1 . ASP A 1 159 ? -6.500  16.405  -11.408 1.00 39.70  ? 159 ASP A OD1 1 
ATOM   1264 O  OD2 . ASP A 1 159 ? -4.592  17.564  -11.222 1.00 74.82  ? 159 ASP A OD2 1 
ATOM   1265 N  N   . ALA A 1 160 ? -3.231  12.257  -11.054 1.00 19.23  ? 160 ALA A N   1 
ATOM   1266 C  CA  . ALA A 1 160 ? -2.312  11.208  -11.492 1.00 6.58   ? 160 ALA A CA  1 
ATOM   1267 C  C   . ALA A 1 160 ? -3.058  9.923   -11.721 1.00 11.45  ? 160 ALA A C   1 
ATOM   1268 O  O   . ALA A 1 160 ? -2.487  9.026   -12.260 1.00 20.50  ? 160 ALA A O   1 
ATOM   1269 C  CB  . ALA A 1 160 ? -1.299  10.913  -10.378 1.00 14.97  ? 160 ALA A CB  1 
ATOM   1270 N  N   . TYR A 1 161 ? -4.306  9.862   -11.255 1.00 11.32  ? 161 TYR A N   1 
ATOM   1271 C  CA  . TYR A 1 161 ? -5.080  8.677   -11.368 1.00 9.47   ? 161 TYR A CA  1 
ATOM   1272 C  C   . TYR A 1 161 ? -6.083  8.932   -12.429 1.00 38.96  ? 161 TYR A C   1 
ATOM   1273 O  O   . TYR A 1 161 ? -6.874  8.049   -12.753 1.00 25.51  ? 161 TYR A O   1 
ATOM   1274 C  CB  . TYR A 1 161 ? -5.712  8.244   -10.032 1.00 6.38   ? 161 TYR A CB  1 
ATOM   1275 C  CG  . TYR A 1 161 ? -4.615  7.592   -9.224  1.00 10.17  ? 161 TYR A CG  1 
ATOM   1276 C  CD1 . TYR A 1 161 ? -3.794  8.407   -8.446  1.00 10.08  ? 161 TYR A CD1 1 
ATOM   1277 C  CD2 . TYR A 1 161 ? -4.346  6.221   -9.221  1.00 5.01   ? 161 TYR A CD2 1 
ATOM   1278 C  CE1 . TYR A 1 161 ? -2.753  7.932   -7.652  1.00 5.44   ? 161 TYR A CE1 1 
ATOM   1279 C  CE2 . TYR A 1 161 ? -3.314  5.732   -8.413  1.00 4.45   ? 161 TYR A CE2 1 
ATOM   1280 C  CZ  . TYR A 1 161 ? -2.515  6.559   -7.623  1.00 2.79   ? 161 TYR A CZ  1 
ATOM   1281 O  OH  . TYR A 1 161 ? -1.464  6.053   -6.812  1.00 8.68   ? 161 TYR A OH  1 
ATOM   1282 N  N   . LYS A 1 162 ? -5.967  10.167  -12.950 1.00 57.29  ? 162 LYS A N   1 
ATOM   1283 C  CA  . LYS A 1 162 ? -6.760  10.710  -14.049 1.00 52.70  ? 162 LYS A CA  1 
ATOM   1284 C  C   . LYS A 1 162 ? -8.261  10.583  -13.799 1.00 49.35  ? 162 LYS A C   1 
ATOM   1285 O  O   . LYS A 1 162 ? -8.809  11.070  -12.800 1.00 100.00 ? 162 LYS A O   1 
ATOM   1286 C  CB  . LYS A 1 162 ? -6.317  10.120  -15.388 1.00 44.40  ? 162 LYS A CB  1 
ATOM   1287 C  CG  . LYS A 1 162 ? -7.320  9.166   -16.005 1.00 27.77  ? 162 LYS A CG  1 
ATOM   1288 C  CD  . LYS A 1 162 ? -6.668  8.297   -17.085 1.00 94.77  ? 162 LYS A CD  1 
ATOM   1289 C  CE  . LYS A 1 162 ? -6.627  6.805   -16.752 1.00 100.00 ? 162 LYS A CE  1 
ATOM   1290 N  NZ  . LYS A 1 162 ? -5.408  6.367   -16.037 1.00 82.63  ? 162 LYS A NZ  1 
HETATM 1291 CL CL  . CL  B 2 .   ? 5.788   1.403   -10.502 0.50 25.97  ? 173 CL  A CL  1 
HETATM 1292 CL CL  . CL  C 2 .   ? -7.894  -13.644 6.249   1.00 45.49  ? 178 CL  A CL  1 
HETATM 1293 C  C1  . BME D 3 .   ? -11.198 0.891   10.866  1.00 38.07  ? 168 BME A C1  1 
HETATM 1294 C  C2  . BME D 3 .   ? -10.509 1.802   9.819   1.00 67.81  ? 168 BME A C2  1 
HETATM 1295 O  O1  . BME D 3 .   ? -12.198 0.080   10.248  1.00 49.84  ? 168 BME A O1  1 
HETATM 1296 S  S2  . BME D 3 .   ? -9.363  2.941   10.638  1.00 70.00  ? 168 BME A S2  1 
HETATM 1297 C  C1  . BME E 3 .   ? 0.201   -5.899  1.797   1.00 73.82  ? 169 BME A C1  1 
HETATM 1298 C  C2  . BME E 3 .   ? 0.338   -5.149  0.440   1.00 83.92  ? 169 BME A C2  1 
HETATM 1299 O  O1  . BME E 3 .   ? -0.897  -5.402  2.559   1.00 86.08  ? 169 BME A O1  1 
HETATM 1300 S  S2  . BME E 3 .   ? 1.636   -5.754  -0.701  1.00 85.76  ? 169 BME A S2  1 
HETATM 1301 C  C1  . BME F 3 .   ? -11.413 6.550   3.924   1.00 27.32  ? 170 BME A C1  1 
HETATM 1302 C  C2  . BME F 3 .   ? -11.031 5.170   4.446   1.00 63.99  ? 170 BME A C2  1 
HETATM 1303 O  O1  . BME F 3 .   ? -10.248 7.155   3.388   1.00 40.04  ? 170 BME A O1  1 
HETATM 1304 S  S2  . BME F 3 .   ? -12.138 4.780   5.776   1.00 66.07  ? 170 BME A S2  1 
HETATM 1305 C  C1  . 4FA G 4 .   ? 2.470   9.226   5.550   1.00 17.85  ? 409 4FA A C1  1 
HETATM 1306 C  C2  . 4FA G 4 .   ? 2.299   7.859   5.726   1.00 10.29  ? 409 4FA A C2  1 
HETATM 1307 C  C3  . 4FA G 4 .   ? 1.770   10.160  6.311   1.00 21.63  ? 409 4FA A C3  1 
HETATM 1308 C  C4  . 4FA G 4 .   ? 3.425   9.654   4.518   1.00 34.44  ? 409 4FA A C4  1 
HETATM 1309 C  C5  . 4FA G 4 .   ? 1.390   7.413   6.682   1.00 29.63  ? 409 4FA A C5  1 
HETATM 1310 C  C6  . 4FA G 4 .   ? 0.866   9.700   7.274   1.00 22.06  ? 409 4FA A C6  1 
HETATM 1311 C  C7  . 4FA G 4 .   ? 0.682   8.331   7.457   1.00 17.38  ? 409 4FA A C7  1 
HETATM 1312 F  F8  . 4FA G 4 .   ? -0.201  7.915   8.380   1.00 54.62  ? 409 4FA A F8  1 
HETATM 1313 C  C13 . 4FA G 4 .   ? 4.563   8.702   4.469   1.00 36.20  ? 409 4FA A C13 1 
HETATM 1314 O  O14 . 4FA G 4 .   ? 5.536   9.429   3.746   1.00 24.78  ? 409 4FA A O14 1 
HETATM 1315 O  O   . HOH H 5 .   ? -5.534  -7.307  -0.661  1.00 6.55   ? 171 HOH A O   1 
HETATM 1316 O  O   . HOH H 5 .   ? 9.185   0.157   -3.710  1.00 36.29  ? 172 HOH A O   1 
HETATM 1317 O  O   . HOH H 5 .   ? 11.776  -2.392  -10.780 1.00 18.99  ? 174 HOH A O   1 
HETATM 1318 O  O   . HOH H 5 .   ? -2.931  12.474  -8.193  1.00 20.30  ? 175 HOH A O   1 
HETATM 1319 O  O   . HOH H 5 .   ? -3.482  -22.805 -1.572  1.00 23.27  ? 176 HOH A O   1 
HETATM 1320 O  O   . HOH H 5 .   ? -13.521 -10.593 7.788   1.00 18.77  ? 177 HOH A O   1 
HETATM 1321 O  O   . HOH H 5 .   ? -6.718  -9.173  -2.457  1.00 10.51  ? 179 HOH A O   1 
HETATM 1322 O  O   . HOH H 5 .   ? 3.813   7.525   -12.905 1.00 29.75  ? 180 HOH A O   1 
HETATM 1323 O  O   . HOH H 5 .   ? -9.127  16.666  6.936   1.00 30.45  ? 181 HOH A O   1 
HETATM 1324 O  O   . HOH H 5 .   ? -6.172  -9.577  5.126   1.00 24.40  ? 182 HOH A O   1 
HETATM 1325 O  O   . HOH H 5 .   ? -11.729 -13.732 6.494   1.00 30.23  ? 183 HOH A O   1 
HETATM 1326 O  O   . HOH H 5 .   ? -11.810 -5.056  8.160   1.00 36.36  ? 185 HOH A O   1 
HETATM 1327 O  O   . HOH H 5 .   ? -12.880 -4.564  -1.703  1.00 30.25  ? 186 HOH A O   1 
HETATM 1328 O  O   . HOH H 5 .   ? -15.566 7.288   -7.031  1.00 46.04  ? 187 HOH A O   1 
HETATM 1329 O  O   . HOH H 5 .   ? 17.383  4.589   -10.543 1.00 35.30  ? 188 HOH A O   1 
HETATM 1330 O  O   . HOH H 5 .   ? 7.700   -14.847 -1.377  1.00 28.40  ? 190 HOH A O   1 
HETATM 1331 O  O   . HOH H 5 .   ? 9.716   -15.638 -3.157  1.00 44.15  ? 191 HOH A O   1 
HETATM 1332 O  O   . HOH H 5 .   ? -2.796  16.492  13.758  1.00 18.36  ? 193 HOH A O   1 
HETATM 1333 O  O   . HOH H 5 .   ? -11.252 6.911   -0.028  1.00 15.98  ? 195 HOH A O   1 
HETATM 1334 O  O   . HOH H 5 .   ? -9.406  -22.850 -5.547  1.00 31.56  ? 196 HOH A O   1 
HETATM 1335 O  O   . HOH H 5 .   ? 0.842   -21.961 7.798   1.00 23.64  ? 198 HOH A O   1 
HETATM 1336 O  O   . HOH H 5 .   ? -10.414 9.640   3.216   1.00 23.29  ? 199 HOH A O   1 
HETATM 1337 O  O   . HOH H 5 .   ? -2.132  -13.762 4.572   1.00 37.94  ? 200 HOH A O   1 
HETATM 1338 O  O   . HOH H 5 .   ? -8.133  -6.284  8.801   1.00 34.21  ? 201 HOH A O   1 
HETATM 1339 O  O   . HOH H 5 .   ? 3.084   -8.321  -2.436  1.00 27.46  ? 203 HOH A O   1 
HETATM 1340 O  O   . HOH H 5 .   ? 2.340   -6.205  -4.464  1.00 31.84  ? 204 HOH A O   1 
HETATM 1341 O  O   . HOH H 5 .   ? 3.618   -1.245  -7.029  1.00 40.14  ? 207 HOH A O   1 
HETATM 1342 O  O   . HOH H 5 .   ? 2.659   3.590   -2.262  1.00 11.31  ? 208 HOH A O   1 
HETATM 1343 O  O   . HOH H 5 .   ? -7.569  18.079  -1.420  1.00 42.42  ? 210 HOH A O   1 
HETATM 1344 O  O   . HOH H 5 .   ? 1.146   6.577   -14.004 1.00 23.01  ? 211 HOH A O   1 
HETATM 1345 O  O   . HOH H 5 .   ? -0.605  18.239  6.736   1.00 14.73  ? 213 HOH A O   1 
HETATM 1346 O  O   . HOH H 5 .   ? 2.560   22.942  -4.040  1.00 35.24  ? 217 HOH A O   1 
HETATM 1347 O  O   . HOH H 5 .   ? 12.945  18.670  0.134   1.00 27.02  ? 218 HOH A O   1 
HETATM 1348 O  O   . HOH H 5 .   ? 14.831  16.702  0.893   1.00 30.74  ? 219 HOH A O   1 
HETATM 1349 O  O   . HOH H 5 .   ? -16.355 6.938   -4.558  1.00 27.52  ? 223 HOH A O   1 
HETATM 1350 O  O   . HOH H 5 .   ? -8.483  9.805   13.512  1.00 27.70  ? 226 HOH A O   1 
HETATM 1351 O  O   . HOH H 5 .   ? 1.014   -6.286  -6.645  1.00 29.87  ? 229 HOH A O   1 
HETATM 1352 O  O   . HOH H 5 .   ? -9.129  15.558  -8.559  1.00 45.22  ? 231 HOH A O   1 
HETATM 1353 O  O   . HOH H 5 .   ? 5.034   23.571  -1.615  1.00 33.57  ? 235 HOH A O   1 
HETATM 1354 O  O   . HOH H 5 .   ? -0.260  21.955  -3.937  1.00 35.79  ? 238 HOH A O   1 
HETATM 1355 O  O   . HOH H 5 .   ? -10.943 -14.125 4.013   1.00 34.93  ? 239 HOH A O   1 
HETATM 1356 O  O   . HOH H 5 .   ? -15.967 -9.904  -1.348  1.00 25.86  ? 240 HOH A O   1 
HETATM 1357 O  O   . HOH H 5 .   ? -2.945  -3.314  11.485  1.00 57.39  ? 242 HOH A O   1 
HETATM 1358 O  O   . HOH H 5 .   ? 14.258  13.837  -6.414  1.00 41.39  ? 251 HOH A O   1 
HETATM 1359 O  O   . HOH H 5 .   ? 5.516   12.280  13.592  1.00 31.03  ? 253 HOH A O   1 
HETATM 1360 O  O   . HOH H 5 .   ? 2.035   -3.731  -2.588  1.00 33.71  ? 256 HOH A O   1 
HETATM 1361 O  O   . HOH H 5 .   ? -14.277 -18.405 0.842   1.00 53.07  ? 259 HOH A O   1 
HETATM 1362 O  O   . HOH H 5 .   ? 4.933   -8.731  -10.351 1.00 35.49  ? 269 HOH A O   1 
HETATM 1363 O  O   . HOH H 5 .   ? 12.452  3.738   0.540   1.00 15.13  ? 270 HOH A O   1 
HETATM 1364 O  O   . HOH H 5 .   ? -9.057  17.773  -4.705  1.00 31.59  ? 273 HOH A O   1 
HETATM 1365 O  O   . HOH H 5 .   ? -1.697  -3.984  4.559   1.00 41.49  ? 274 HOH A O   1 
HETATM 1366 O  O   . HOH H 5 .   ? -3.737  -26.030 -1.037  1.00 29.99  ? 278 HOH A O   1 
HETATM 1367 O  O   . HOH H 5 .   ? 0.730   -14.520 5.252   1.00 28.87  ? 281 HOH A O   1 
HETATM 1368 O  O   . HOH H 5 .   ? -5.152  -12.656 6.451   1.00 26.67  ? 282 HOH A O   1 
HETATM 1369 O  O   . HOH H 5 .   ? -3.678  20.343  9.375   1.00 23.77  ? 291 HOH A O   1 
HETATM 1370 O  O   . HOH H 5 .   ? 7.071   23.174  -0.167  1.00 16.47  ? 293 HOH A O   1 
HETATM 1371 O  O   . HOH H 5 .   ? -13.546 11.961  -7.575  1.00 39.08  ? 296 HOH A O   1 
HETATM 1372 O  O   . HOH H 5 .   ? 6.366   14.914  12.324  1.00 40.18  ? 301 HOH A O   1 
HETATM 1373 O  O   . HOH H 5 .   ? -3.888  13.691  16.364  1.00 54.63  ? 302 HOH A O   1 
HETATM 1374 O  O   . HOH H 5 .   ? 2.837   24.009  -0.020  1.00 29.60  ? 311 HOH A O   1 
HETATM 1375 O  O   . HOH H 5 .   ? -15.690 -8.430  0.614   1.00 64.28  ? 320 HOH A O   1 
# 
loop_
_pdbx_poly_seq_scheme.asym_id 
_pdbx_poly_seq_scheme.entity_id 
_pdbx_poly_seq_scheme.seq_id 
_pdbx_poly_seq_scheme.mon_id 
_pdbx_poly_seq_scheme.ndb_seq_num 
_pdbx_poly_seq_scheme.pdb_seq_num 
_pdbx_poly_seq_scheme.auth_seq_num 
_pdbx_poly_seq_scheme.pdb_mon_id 
_pdbx_poly_seq_scheme.auth_mon_id 
_pdbx_poly_seq_scheme.pdb_strand_id 
_pdbx_poly_seq_scheme.pdb_ins_code 
_pdbx_poly_seq_scheme.hetero 
A 1 1   MET 1   1   1   MET MET A . n 
A 1 2   ASN 2   2   2   ASN ASN A . n 
A 1 3   ILE 3   3   3   ILE ILE A . n 
A 1 4   PHE 4   4   4   PHE PHE A . n 
A 1 5   GLU 5   5   5   GLU GLU A . n 
A 1 6   MET 6   6   6   MET MET A . n 
A 1 7   LEU 7   7   7   LEU LEU A . n 
A 1 8   ARG 8   8   8   ARG ARG A . n 
A 1 9   ILE 9   9   9   ILE ILE A . n 
A 1 10  ASP 10  10  10  ASP ASP A . n 
A 1 11  GLU 11  11  11  GLU GLU A . n 
A 1 12  GLY 12  12  12  GLY GLY A . n 
A 1 13  LEU 13  13  13  LEU LEU A . n 
A 1 14  ARG 14  14  14  ARG ARG A . n 
A 1 15  LEU 15  15  15  LEU LEU A . n 
A 1 16  LYS 16  16  16  LYS LYS A . n 
A 1 17  ILE 17  17  17  ILE ILE A . n 
A 1 18  TYR 18  18  18  TYR TYR A . n 
A 1 19  LYS 19  19  19  LYS LYS A . n 
A 1 20  ASP 20  20  20  ASP ASP A . n 
A 1 21  THR 21  21  21  THR THR A . n 
A 1 22  GLU 22  22  22  GLU GLU A . n 
A 1 23  GLY 23  23  23  GLY GLY A . n 
A 1 24  TYR 24  24  24  TYR TYR A . n 
A 1 25  TYR 25  25  25  TYR TYR A . n 
A 1 26  THR 26  26  26  THR THR A . n 
A 1 27  ILE 27  27  27  ILE ILE A . n 
A 1 28  GLY 28  28  28  GLY GLY A . n 
A 1 29  ILE 29  29  29  ILE ILE A . n 
A 1 30  GLY 30  30  30  GLY GLY A . n 
A 1 31  HIS 31  31  31  HIS HIS A . n 
A 1 32  LEU 32  32  32  LEU LEU A . n 
A 1 33  LEU 33  33  33  LEU LEU A . n 
A 1 34  THR 34  34  34  THR THR A . n 
A 1 35  LYS 35  35  35  LYS LYS A . n 
A 1 36  SER 36  36  36  SER SER A . n 
A 1 37  PRO 37  37  37  PRO PRO A . n 
A 1 38  SER 38  38  38  SER SER A . n 
A 1 39  LEU 39  39  39  LEU LEU A . n 
A 1 40  ASN 40  40  40  ASN ASN A . n 
A 1 41  ALA 41  41  41  ALA ALA A . n 
A 1 42  ALA 42  42  42  ALA ALA A . n 
A 1 43  LYS 43  43  43  LYS LYS A . n 
A 1 44  SER 44  44  44  SER SER A . n 
A 1 45  GLU 45  45  45  GLU GLU A . n 
A 1 46  LEU 46  46  46  LEU LEU A . n 
A 1 47  ASP 47  47  47  ASP ASP A . n 
A 1 48  LYS 48  48  48  LYS LYS A . n 
A 1 49  ALA 49  49  49  ALA ALA A . n 
A 1 50  ILE 50  50  50  ILE ILE A . n 
A 1 51  GLY 51  51  51  GLY GLY A . n 
A 1 52  ARG 52  52  52  ARG ARG A . n 
A 1 53  ASN 53  53  53  ASN ASN A . n 
A 1 54  CYS 54  54  54  CYS CYS A . n 
A 1 55  ASN 55  55  55  ASN ASN A . n 
A 1 56  GLY 56  56  56  GLY GLY A . n 
A 1 57  VAL 57  57  57  VAL VAL A . n 
A 1 58  ILE 58  58  58  ILE ILE A . n 
A 1 59  THR 59  59  59  THR THR A . n 
A 1 60  LYS 60  60  60  LYS LYS A . n 
A 1 61  ASP 61  61  61  ASP ASP A . n 
A 1 62  GLU 62  62  62  GLU GLU A . n 
A 1 63  ALA 63  63  63  ALA ALA A . n 
A 1 64  GLU 64  64  64  GLU GLU A . n 
A 1 65  LYS 65  65  65  LYS LYS A . n 
A 1 66  LEU 66  66  66  LEU LEU A . n 
A 1 67  PHE 67  67  67  PHE PHE A . n 
A 1 68  ASN 68  68  68  ASN ASN A . n 
A 1 69  GLN 69  69  69  GLN GLN A . n 
A 1 70  ASP 70  70  70  ASP ASP A . n 
A 1 71  VAL 71  71  71  VAL VAL A . n 
A 1 72  ASP 72  72  72  ASP ASP A . n 
A 1 73  ALA 73  73  73  ALA ALA A . n 
A 1 74  ALA 74  74  74  ALA ALA A . n 
A 1 75  VAL 75  75  75  VAL VAL A . n 
A 1 76  ARG 76  76  76  ARG ARG A . n 
A 1 77  GLY 77  77  77  GLY GLY A . n 
A 1 78  ILE 78  78  78  ILE ILE A . n 
A 1 79  LEU 79  79  79  LEU LEU A . n 
A 1 80  ARG 80  80  80  ARG ARG A . n 
A 1 81  ASN 81  81  81  ASN ASN A . n 
A 1 82  ALA 82  82  82  ALA ALA A . n 
A 1 83  LYS 83  83  83  LYS LYS A . n 
A 1 84  LEU 84  84  84  LEU LEU A . n 
A 1 85  LYS 85  85  85  LYS LYS A . n 
A 1 86  PRO 86  86  86  PRO PRO A . n 
A 1 87  VAL 87  87  87  VAL VAL A . n 
A 1 88  TYR 88  88  88  TYR TYR A . n 
A 1 89  ASP 89  89  89  ASP ASP A . n 
A 1 90  SER 90  90  90  SER SER A . n 
A 1 91  LEU 91  91  91  LEU LEU A . n 
A 1 92  ASP 92  92  92  ASP ASP A . n 
A 1 93  ALA 93  93  93  ALA ALA A . n 
A 1 94  VAL 94  94  94  VAL VAL A . n 
A 1 95  ARG 95  95  95  ARG ARG A . n 
A 1 96  ARG 96  96  96  ARG ARG A . n 
A 1 97  CYS 97  97  97  CYS CYS A . n 
A 1 98  ALA 98  98  98  ALA ALA A . n 
A 1 99  ALA 99  99  99  ALA ALA A . n 
A 1 100 ILE 100 100 100 ILE ILE A . n 
A 1 101 ASN 101 101 101 ASN ASN A . n 
A 1 102 GLN 102 102 102 GLN GLN A . n 
A 1 103 VAL 103 103 103 VAL VAL A . n 
A 1 104 PHE 104 104 104 PHE PHE A . n 
A 1 105 GLN 105 105 105 GLN GLN A . n 
A 1 106 MET 106 106 106 MET MET A . n 
A 1 107 GLY 107 107 107 GLY GLY A . n 
A 1 108 GLU 108 108 108 GLU GLU A . n 
A 1 109 THR 109 109 109 THR THR A . n 
A 1 110 GLY 110 110 110 GLY GLY A . n 
A 1 111 VAL 111 111 111 VAL VAL A . n 
A 1 112 ALA 112 112 112 ALA ALA A . n 
A 1 113 GLY 113 113 113 GLY GLY A . n 
A 1 114 PHE 114 114 114 PHE PHE A . n 
A 1 115 THR 115 115 115 THR THR A . n 
A 1 116 ASN 116 116 116 ASN ASN A . n 
A 1 117 SER 117 117 117 SER SER A . n 
A 1 118 LEU 118 118 118 LEU LEU A . n 
A 1 119 ARG 119 119 119 ARG ARG A . n 
A 1 120 MET 120 120 120 MET MET A . n 
A 1 121 LEU 121 121 121 LEU LEU A . n 
A 1 122 GLN 122 122 122 GLN GLN A . n 
A 1 123 GLN 123 123 123 GLN GLN A . n 
A 1 124 LYS 124 124 124 LYS LYS A . n 
A 1 125 ARG 125 125 125 ARG ARG A . n 
A 1 126 TRP 126 126 126 TRP TRP A . n 
A 1 127 ASP 127 127 127 ASP ASP A . n 
A 1 128 GLU 128 128 128 GLU GLU A . n 
A 1 129 ALA 129 129 129 ALA ALA A . n 
A 1 130 ALA 130 130 130 ALA ALA A . n 
A 1 131 VAL 131 131 131 VAL VAL A . n 
A 1 132 ASN 132 132 132 ASN ASN A . n 
A 1 133 LEU 133 133 133 LEU LEU A . n 
A 1 134 ALA 134 134 134 ALA ALA A . n 
A 1 135 LYS 135 135 135 LYS LYS A . n 
A 1 136 SER 136 136 136 SER SER A . n 
A 1 137 ARG 137 137 137 ARG ARG A . n 
A 1 138 TRP 138 138 138 TRP TRP A . n 
A 1 139 TYR 139 139 139 TYR TYR A . n 
A 1 140 ASN 140 140 140 ASN ASN A . n 
A 1 141 GLN 141 141 141 GLN GLN A . n 
A 1 142 THR 142 142 142 THR THR A . n 
A 1 143 PRO 143 143 143 PRO PRO A . n 
A 1 144 ASN 144 144 144 ASN ASN A . n 
A 1 145 ARG 145 145 145 ARG ARG A . n 
A 1 146 ALA 146 146 146 ALA ALA A . n 
A 1 147 LYS 147 147 147 LYS LYS A . n 
A 1 148 ARG 148 148 148 ARG ARG A . n 
A 1 149 VAL 149 149 149 VAL VAL A . n 
A 1 150 ILE 150 150 150 ILE ILE A . n 
A 1 151 THR 151 151 151 THR THR A . n 
A 1 152 THR 152 152 152 THR THR A . n 
A 1 153 PHE 153 153 153 PHE PHE A . n 
A 1 154 ARG 154 154 154 ARG ARG A . n 
A 1 155 THR 155 155 155 THR THR A . n 
A 1 156 GLY 156 156 156 GLY GLY A . n 
A 1 157 THR 157 157 157 THR THR A . n 
A 1 158 TRP 158 158 158 TRP TRP A . n 
A 1 159 ASP 159 159 159 ASP ASP A . n 
A 1 160 ALA 160 160 160 ALA ALA A . n 
A 1 161 TYR 161 161 161 TYR TYR A . n 
A 1 162 LYS 162 162 162 LYS LYS A . n 
A 1 163 ASN 163 163 ?   ?   ?   A . n 
A 1 164 LEU 164 164 ?   ?   ?   A . n 
# 
loop_
_pdbx_nonpoly_scheme.asym_id 
_pdbx_nonpoly_scheme.entity_id 
_pdbx_nonpoly_scheme.mon_id 
_pdbx_nonpoly_scheme.ndb_seq_num 
_pdbx_nonpoly_scheme.pdb_seq_num 
_pdbx_nonpoly_scheme.auth_seq_num 
_pdbx_nonpoly_scheme.pdb_mon_id 
_pdbx_nonpoly_scheme.auth_mon_id 
_pdbx_nonpoly_scheme.pdb_strand_id 
_pdbx_nonpoly_scheme.pdb_ins_code 
B 2 CL  1  173 173 CL  SOL A . 
C 2 CL  1  178 178 CL  SOL A . 
D 3 BME 1  168 168 BME BME A . 
E 3 BME 1  169 169 BME BME A . 
F 3 BME 1  170 170 BME BME A . 
G 4 4FA 1  409 409 4FA FLP A . 
H 5 HOH 1  171 171 HOH SOL A . 
H 5 HOH 2  172 172 HOH SOL A . 
H 5 HOH 3  174 174 HOH SOL A . 
H 5 HOH 4  175 175 HOH SOL A . 
H 5 HOH 5  176 176 HOH SOL A . 
H 5 HOH 6  177 177 HOH SOL A . 
H 5 HOH 7  179 179 HOH SOL A . 
H 5 HOH 8  180 180 HOH SOL A . 
H 5 HOH 9  181 181 HOH SOL A . 
H 5 HOH 10 182 182 HOH SOL A . 
H 5 HOH 11 183 183 HOH SOL A . 
H 5 HOH 12 185 185 HOH SOL A . 
H 5 HOH 13 186 186 HOH SOL A . 
H 5 HOH 14 187 187 HOH SOL A . 
H 5 HOH 15 188 188 HOH SOL A . 
H 5 HOH 16 190 190 HOH SOL A . 
H 5 HOH 17 191 191 HOH SOL A . 
H 5 HOH 18 193 193 HOH SOL A . 
H 5 HOH 19 195 195 HOH SOL A . 
H 5 HOH 20 196 196 HOH SOL A . 
H 5 HOH 21 198 198 HOH SOL A . 
H 5 HOH 22 199 199 HOH SOL A . 
H 5 HOH 23 200 200 HOH SOL A . 
H 5 HOH 24 201 201 HOH SOL A . 
H 5 HOH 25 203 203 HOH SOL A . 
H 5 HOH 26 204 204 HOH SOL A . 
H 5 HOH 27 207 207 HOH SOL A . 
H 5 HOH 28 208 208 HOH SOL A . 
H 5 HOH 29 210 210 HOH SOL A . 
H 5 HOH 30 211 211 HOH SOL A . 
H 5 HOH 31 213 213 HOH SOL A . 
H 5 HOH 32 217 217 HOH SOL A . 
H 5 HOH 33 218 218 HOH SOL A . 
H 5 HOH 34 219 219 HOH SOL A . 
H 5 HOH 35 223 223 HOH SOL A . 
H 5 HOH 36 226 226 HOH SOL A . 
H 5 HOH 37 229 229 HOH SOL A . 
H 5 HOH 38 231 231 HOH SOL A . 
H 5 HOH 39 235 235 HOH SOL A . 
H 5 HOH 40 238 238 HOH SOL A . 
H 5 HOH 41 239 239 HOH SOL A . 
H 5 HOH 42 240 240 HOH SOL A . 
H 5 HOH 43 242 242 HOH SOL A . 
H 5 HOH 44 251 251 HOH SOL A . 
H 5 HOH 45 253 253 HOH SOL A . 
H 5 HOH 46 256 256 HOH SOL A . 
H 5 HOH 47 259 259 HOH SOL A . 
H 5 HOH 48 269 269 HOH SOL A . 
H 5 HOH 49 270 270 HOH SOL A . 
H 5 HOH 50 273 273 HOH SOL A . 
H 5 HOH 51 274 274 HOH SOL A . 
H 5 HOH 52 278 278 HOH SOL A . 
H 5 HOH 53 281 281 HOH SOL A . 
H 5 HOH 54 282 282 HOH SOL A . 
H 5 HOH 55 291 291 HOH SOL A . 
H 5 HOH 56 293 293 HOH SOL A . 
H 5 HOH 57 296 296 HOH SOL A . 
H 5 HOH 58 301 301 HOH SOL A . 
H 5 HOH 59 302 302 HOH SOL A . 
H 5 HOH 60 311 311 HOH SOL A . 
H 5 HOH 61 320 320 HOH SOL A . 
# 
_pdbx_struct_assembly.id                   1 
_pdbx_struct_assembly.details              author_defined_assembly 
_pdbx_struct_assembly.method_details       ? 
_pdbx_struct_assembly.oligomeric_details   monomeric 
_pdbx_struct_assembly.oligomeric_count     1 
# 
_pdbx_struct_assembly_gen.assembly_id       1 
_pdbx_struct_assembly_gen.oper_expression   1 
_pdbx_struct_assembly_gen.asym_id_list      A,B,C,D,E,F,G,H 
# 
_pdbx_struct_oper_list.id                   1 
_pdbx_struct_oper_list.type                 'identity operation' 
_pdbx_struct_oper_list.name                 1_555 
_pdbx_struct_oper_list.symmetry_operation   x,y,z 
_pdbx_struct_oper_list.matrix[1][1]         1.0000000000 
_pdbx_struct_oper_list.matrix[1][2]         0.0000000000 
_pdbx_struct_oper_list.matrix[1][3]         0.0000000000 
_pdbx_struct_oper_list.vector[1]            0.0000000000 
_pdbx_struct_oper_list.matrix[2][1]         0.0000000000 
_pdbx_struct_oper_list.matrix[2][2]         1.0000000000 
_pdbx_struct_oper_list.matrix[2][3]         0.0000000000 
_pdbx_struct_oper_list.vector[2]            0.0000000000 
_pdbx_struct_oper_list.matrix[3][1]         0.0000000000 
_pdbx_struct_oper_list.matrix[3][2]         0.0000000000 
_pdbx_struct_oper_list.matrix[3][3]         1.0000000000 
_pdbx_struct_oper_list.vector[3]            0.0000000000 
# 
loop_
_pdbx_audit_revision_history.ordinal 
_pdbx_audit_revision_history.data_content_type 
_pdbx_audit_revision_history.major_revision 
_pdbx_audit_revision_history.minor_revision 
_pdbx_audit_revision_history.revision_date 
1 'Structure model' 1 0 2004-04-13 
2 'Structure model' 1 1 2008-04-29 
3 'Structure model' 1 2 2011-07-13 
4 'Structure model' 1 3 2021-10-27 
5 'Structure model' 1 4 2023-08-16 
# 
_pdbx_audit_revision_details.ordinal             1 
_pdbx_audit_revision_details.revision_ordinal    1 
_pdbx_audit_revision_details.data_content_type   'Structure model' 
_pdbx_audit_revision_details.provider            repository 
_pdbx_audit_revision_details.type                'Initial release' 
_pdbx_audit_revision_details.description         ? 
_pdbx_audit_revision_details.details             ? 
# 
loop_
_pdbx_audit_revision_group.ordinal 
_pdbx_audit_revision_group.revision_ordinal 
_pdbx_audit_revision_group.data_content_type 
_pdbx_audit_revision_group.group 
1 2 'Structure model' 'Version format compliance' 
2 3 'Structure model' 'Version format compliance' 
3 4 'Structure model' 'Database references'       
4 4 'Structure model' 'Derived calculations'      
5 5 'Structure model' 'Data collection'           
6 5 'Structure model' 'Refinement description'    
# 
loop_
_pdbx_audit_revision_category.ordinal 
_pdbx_audit_revision_category.revision_ordinal 
_pdbx_audit_revision_category.data_content_type 
_pdbx_audit_revision_category.category 
1 4 'Structure model' database_2                    
2 4 'Structure model' struct_ref_seq_dif            
3 4 'Structure model' struct_site                   
4 5 'Structure model' chem_comp_atom                
5 5 'Structure model' chem_comp_bond                
6 5 'Structure model' pdbx_initial_refinement_model 
# 
loop_
_pdbx_audit_revision_item.ordinal 
_pdbx_audit_revision_item.revision_ordinal 
_pdbx_audit_revision_item.data_content_type 
_pdbx_audit_revision_item.item 
1 4 'Structure model' '_database_2.pdbx_DOI'                
2 4 'Structure model' '_database_2.pdbx_database_accession' 
3 4 'Structure model' '_struct_ref_seq_dif.details'         
4 4 'Structure model' '_struct_site.pdbx_auth_asym_id'      
5 4 'Structure model' '_struct_site.pdbx_auth_comp_id'      
6 4 'Structure model' '_struct_site.pdbx_auth_seq_id'       
# 
loop_
_software.name 
_software.classification 
_software.version 
_software.citation_id 
_software.pdbx_ordinal 
San  'data collection' 'Diego Multiwire' ? 1 
San  'data reduction'  'Diego Mutiwire'  ? 2 
TNT  refinement        .                 ? 3 
SDMS 'data reduction'  .                 ? 4 
SDMS 'data scaling'    .                 ? 5 
TNT  phasing           .                 ? 6 
# 
_pdbx_validate_rmsd_bond.id                        1 
_pdbx_validate_rmsd_bond.PDB_model_num             1 
_pdbx_validate_rmsd_bond.auth_atom_id_1            CD 
_pdbx_validate_rmsd_bond.auth_asym_id_1            A 
_pdbx_validate_rmsd_bond.auth_comp_id_1            GLU 
_pdbx_validate_rmsd_bond.auth_seq_id_1             128 
_pdbx_validate_rmsd_bond.PDB_ins_code_1            ? 
_pdbx_validate_rmsd_bond.label_alt_id_1            ? 
_pdbx_validate_rmsd_bond.auth_atom_id_2            OE2 
_pdbx_validate_rmsd_bond.auth_asym_id_2            A 
_pdbx_validate_rmsd_bond.auth_comp_id_2            GLU 
_pdbx_validate_rmsd_bond.auth_seq_id_2             128 
_pdbx_validate_rmsd_bond.PDB_ins_code_2            ? 
_pdbx_validate_rmsd_bond.label_alt_id_2            ? 
_pdbx_validate_rmsd_bond.bond_value                1.329 
_pdbx_validate_rmsd_bond.bond_target_value         1.252 
_pdbx_validate_rmsd_bond.bond_deviation            0.077 
_pdbx_validate_rmsd_bond.bond_standard_deviation   0.011 
_pdbx_validate_rmsd_bond.linker_flag               N 
# 
loop_
_pdbx_validate_rmsd_angle.id 
_pdbx_validate_rmsd_angle.PDB_model_num 
_pdbx_validate_rmsd_angle.auth_atom_id_1 
_pdbx_validate_rmsd_angle.auth_asym_id_1 
_pdbx_validate_rmsd_angle.auth_comp_id_1 
_pdbx_validate_rmsd_angle.auth_seq_id_1 
_pdbx_validate_rmsd_angle.PDB_ins_code_1 
_pdbx_validate_rmsd_angle.label_alt_id_1 
_pdbx_validate_rmsd_angle.auth_atom_id_2 
_pdbx_validate_rmsd_angle.auth_asym_id_2 
_pdbx_validate_rmsd_angle.auth_comp_id_2 
_pdbx_validate_rmsd_angle.auth_seq_id_2 
_pdbx_validate_rmsd_angle.PDB_ins_code_2 
_pdbx_validate_rmsd_angle.label_alt_id_2 
_pdbx_validate_rmsd_angle.auth_atom_id_3 
_pdbx_validate_rmsd_angle.auth_asym_id_3 
_pdbx_validate_rmsd_angle.auth_comp_id_3 
_pdbx_validate_rmsd_angle.auth_seq_id_3 
_pdbx_validate_rmsd_angle.PDB_ins_code_3 
_pdbx_validate_rmsd_angle.label_alt_id_3 
_pdbx_validate_rmsd_angle.angle_value 
_pdbx_validate_rmsd_angle.angle_target_value 
_pdbx_validate_rmsd_angle.angle_deviation 
_pdbx_validate_rmsd_angle.angle_standard_deviation 
_pdbx_validate_rmsd_angle.linker_flag 
1  1 CB A ASP 10  ? ? CG A ASP 10  ? ? OD1 A ASP 10  ? ? 123.78 118.30 5.48  0.90 N 
2  1 CB A ASP 10  ? ? CG A ASP 10  ? ? OD2 A ASP 10  ? ? 111.77 118.30 -6.53 0.90 N 
3  1 CB A ASP 47  ? ? CG A ASP 47  ? ? OD1 A ASP 47  ? ? 126.51 118.30 8.21  0.90 N 
4  1 CB A ASP 47  ? ? CG A ASP 47  ? ? OD2 A ASP 47  ? ? 112.65 118.30 -5.65 0.90 N 
5  1 CB A ASP 72  ? ? CG A ASP 72  ? ? OD2 A ASP 72  ? ? 112.45 118.30 -5.85 0.90 N 
6  1 NE A ARG 76  ? ? CZ A ARG 76  ? ? NH1 A ARG 76  ? ? 123.52 120.30 3.22  0.50 N 
7  1 NE A ARG 80  ? ? CZ A ARG 80  ? ? NH1 A ARG 80  ? ? 123.59 120.30 3.29  0.50 N 
8  1 CB A ASP 89  ? ? CG A ASP 89  ? ? OD2 A ASP 89  ? ? 111.41 118.30 -6.89 0.90 N 
9  1 CB A ALA 98  ? ? CA A ALA 98  ? ? C   A ALA 98  ? ? 100.31 110.10 -9.79 1.50 N 
10 1 CB A ALA 112 ? ? CA A ALA 112 ? ? C   A ALA 112 ? ? 122.14 110.10 12.04 1.50 N 
11 1 NE A ARG 125 ? ? CZ A ARG 125 ? ? NH1 A ARG 125 ? ? 124.16 120.30 3.86  0.50 N 
12 1 CB A ASP 127 ? ? CG A ASP 127 ? ? OD1 A ASP 127 ? ? 125.97 118.30 7.67  0.90 N 
13 1 CB A ASP 127 ? ? CG A ASP 127 ? ? OD2 A ASP 127 ? ? 109.60 118.30 -8.70 0.90 N 
14 1 CA A THR 142 ? ? CB A THR 142 ? ? CG2 A THR 142 ? ? 103.29 112.40 -9.11 1.40 N 
15 1 CD A ARG 145 ? ? NE A ARG 145 ? ? CZ  A ARG 145 ? ? 115.20 123.60 -8.40 1.40 N 
16 1 NE A ARG 148 ? ? CZ A ARG 148 ? ? NH1 A ARG 148 ? ? 127.14 120.30 6.84  0.50 N 
17 1 NE A ARG 148 ? ? CZ A ARG 148 ? ? NH2 A ARG 148 ? ? 115.74 120.30 -4.56 0.50 N 
18 1 CB A ASP 159 ? ? CG A ASP 159 ? ? OD1 A ASP 159 ? ? 124.19 118.30 5.89  0.90 N 
19 1 CB A ASP 159 ? ? CG A ASP 159 ? ? OD2 A ASP 159 ? ? 112.52 118.30 -5.78 0.90 N 
# 
_pdbx_validate_torsion.id              1 
_pdbx_validate_torsion.PDB_model_num   1 
_pdbx_validate_torsion.auth_comp_id    THR 
_pdbx_validate_torsion.auth_asym_id    A 
_pdbx_validate_torsion.auth_seq_id     109 
_pdbx_validate_torsion.PDB_ins_code    ? 
_pdbx_validate_torsion.label_alt_id    ? 
_pdbx_validate_torsion.phi             -70.19 
_pdbx_validate_torsion.psi             -72.33 
# 
loop_
_pdbx_unobs_or_zero_occ_residues.id 
_pdbx_unobs_or_zero_occ_residues.PDB_model_num 
_pdbx_unobs_or_zero_occ_residues.polymer_flag 
_pdbx_unobs_or_zero_occ_residues.occupancy_flag 
_pdbx_unobs_or_zero_occ_residues.auth_asym_id 
_pdbx_unobs_or_zero_occ_residues.auth_comp_id 
_pdbx_unobs_or_zero_occ_residues.auth_seq_id 
_pdbx_unobs_or_zero_occ_residues.PDB_ins_code 
_pdbx_unobs_or_zero_occ_residues.label_asym_id 
_pdbx_unobs_or_zero_occ_residues.label_comp_id 
_pdbx_unobs_or_zero_occ_residues.label_seq_id 
1 1 Y 1 A ASN 163 ? A ASN 163 
2 1 Y 1 A LEU 164 ? A LEU 164 
# 
loop_
_chem_comp_atom.comp_id 
_chem_comp_atom.atom_id 
_chem_comp_atom.type_symbol 
_chem_comp_atom.pdbx_aromatic_flag 
_chem_comp_atom.pdbx_stereo_config 
_chem_comp_atom.pdbx_ordinal 
4FA C1   C  Y N 1   
4FA C2   C  Y N 2   
4FA C3   C  Y N 3   
4FA C4   C  N N 4   
4FA C5   C  Y N 5   
4FA C6   C  Y N 6   
4FA C7   C  Y N 7   
4FA F8   F  N N 8   
4FA C13  C  N N 9   
4FA O14  O  N N 10  
4FA HC2  H  N N 11  
4FA HC3  H  N N 12  
4FA HC41 H  N N 13  
4FA HC42 H  N N 14  
4FA HC5  H  N N 15  
4FA HC6  H  N N 16  
4FA H131 H  N N 17  
4FA H132 H  N N 18  
4FA H14  H  N N 19  
ALA N    N  N N 20  
ALA CA   C  N S 21  
ALA C    C  N N 22  
ALA O    O  N N 23  
ALA CB   C  N N 24  
ALA OXT  O  N N 25  
ALA H    H  N N 26  
ALA H2   H  N N 27  
ALA HA   H  N N 28  
ALA HB1  H  N N 29  
ALA HB2  H  N N 30  
ALA HB3  H  N N 31  
ALA HXT  H  N N 32  
ARG N    N  N N 33  
ARG CA   C  N S 34  
ARG C    C  N N 35  
ARG O    O  N N 36  
ARG CB   C  N N 37  
ARG CG   C  N N 38  
ARG CD   C  N N 39  
ARG NE   N  N N 40  
ARG CZ   C  N N 41  
ARG NH1  N  N N 42  
ARG NH2  N  N N 43  
ARG OXT  O  N N 44  
ARG H    H  N N 45  
ARG H2   H  N N 46  
ARG HA   H  N N 47  
ARG HB2  H  N N 48  
ARG HB3  H  N N 49  
ARG HG2  H  N N 50  
ARG HG3  H  N N 51  
ARG HD2  H  N N 52  
ARG HD3  H  N N 53  
ARG HE   H  N N 54  
ARG HH11 H  N N 55  
ARG HH12 H  N N 56  
ARG HH21 H  N N 57  
ARG HH22 H  N N 58  
ARG HXT  H  N N 59  
ASN N    N  N N 60  
ASN CA   C  N S 61  
ASN C    C  N N 62  
ASN O    O  N N 63  
ASN CB   C  N N 64  
ASN CG   C  N N 65  
ASN OD1  O  N N 66  
ASN ND2  N  N N 67  
ASN OXT  O  N N 68  
ASN H    H  N N 69  
ASN H2   H  N N 70  
ASN HA   H  N N 71  
ASN HB2  H  N N 72  
ASN HB3  H  N N 73  
ASN HD21 H  N N 74  
ASN HD22 H  N N 75  
ASN HXT  H  N N 76  
ASP N    N  N N 77  
ASP CA   C  N S 78  
ASP C    C  N N 79  
ASP O    O  N N 80  
ASP CB   C  N N 81  
ASP CG   C  N N 82  
ASP OD1  O  N N 83  
ASP OD2  O  N N 84  
ASP OXT  O  N N 85  
ASP H    H  N N 86  
ASP H2   H  N N 87  
ASP HA   H  N N 88  
ASP HB2  H  N N 89  
ASP HB3  H  N N 90  
ASP HD2  H  N N 91  
ASP HXT  H  N N 92  
BME C1   C  N N 93  
BME C2   C  N N 94  
BME O1   O  N N 95  
BME S2   S  N N 96  
BME H11  H  N N 97  
BME H12  H  N N 98  
BME H21  H  N N 99  
BME H22  H  N N 100 
BME HO1  H  N N 101 
BME HS2  H  N N 102 
CL  CL   CL N N 103 
CYS N    N  N N 104 
CYS CA   C  N R 105 
CYS C    C  N N 106 
CYS O    O  N N 107 
CYS CB   C  N N 108 
CYS SG   S  N N 109 
CYS OXT  O  N N 110 
CYS H    H  N N 111 
CYS H2   H  N N 112 
CYS HA   H  N N 113 
CYS HB2  H  N N 114 
CYS HB3  H  N N 115 
CYS HG   H  N N 116 
CYS HXT  H  N N 117 
GLN N    N  N N 118 
GLN CA   C  N S 119 
GLN C    C  N N 120 
GLN O    O  N N 121 
GLN CB   C  N N 122 
GLN CG   C  N N 123 
GLN CD   C  N N 124 
GLN OE1  O  N N 125 
GLN NE2  N  N N 126 
GLN OXT  O  N N 127 
GLN H    H  N N 128 
GLN H2   H  N N 129 
GLN HA   H  N N 130 
GLN HB2  H  N N 131 
GLN HB3  H  N N 132 
GLN HG2  H  N N 133 
GLN HG3  H  N N 134 
GLN HE21 H  N N 135 
GLN HE22 H  N N 136 
GLN HXT  H  N N 137 
GLU N    N  N N 138 
GLU CA   C  N S 139 
GLU C    C  N N 140 
GLU O    O  N N 141 
GLU CB   C  N N 142 
GLU CG   C  N N 143 
GLU CD   C  N N 144 
GLU OE1  O  N N 145 
GLU OE2  O  N N 146 
GLU OXT  O  N N 147 
GLU H    H  N N 148 
GLU H2   H  N N 149 
GLU HA   H  N N 150 
GLU HB2  H  N N 151 
GLU HB3  H  N N 152 
GLU HG2  H  N N 153 
GLU HG3  H  N N 154 
GLU HE2  H  N N 155 
GLU HXT  H  N N 156 
GLY N    N  N N 157 
GLY CA   C  N N 158 
GLY C    C  N N 159 
GLY O    O  N N 160 
GLY OXT  O  N N 161 
GLY H    H  N N 162 
GLY H2   H  N N 163 
GLY HA2  H  N N 164 
GLY HA3  H  N N 165 
GLY HXT  H  N N 166 
HIS N    N  N N 167 
HIS CA   C  N S 168 
HIS C    C  N N 169 
HIS O    O  N N 170 
HIS CB   C  N N 171 
HIS CG   C  Y N 172 
HIS ND1  N  Y N 173 
HIS CD2  C  Y N 174 
HIS CE1  C  Y N 175 
HIS NE2  N  Y N 176 
HIS OXT  O  N N 177 
HIS H    H  N N 178 
HIS H2   H  N N 179 
HIS HA   H  N N 180 
HIS HB2  H  N N 181 
HIS HB3  H  N N 182 
HIS HD1  H  N N 183 
HIS HD2  H  N N 184 
HIS HE1  H  N N 185 
HIS HE2  H  N N 186 
HIS HXT  H  N N 187 
HOH O    O  N N 188 
HOH H1   H  N N 189 
HOH H2   H  N N 190 
ILE N    N  N N 191 
ILE CA   C  N S 192 
ILE C    C  N N 193 
ILE O    O  N N 194 
ILE CB   C  N S 195 
ILE CG1  C  N N 196 
ILE CG2  C  N N 197 
ILE CD1  C  N N 198 
ILE OXT  O  N N 199 
ILE H    H  N N 200 
ILE H2   H  N N 201 
ILE HA   H  N N 202 
ILE HB   H  N N 203 
ILE HG12 H  N N 204 
ILE HG13 H  N N 205 
ILE HG21 H  N N 206 
ILE HG22 H  N N 207 
ILE HG23 H  N N 208 
ILE HD11 H  N N 209 
ILE HD12 H  N N 210 
ILE HD13 H  N N 211 
ILE HXT  H  N N 212 
LEU N    N  N N 213 
LEU CA   C  N S 214 
LEU C    C  N N 215 
LEU O    O  N N 216 
LEU CB   C  N N 217 
LEU CG   C  N N 218 
LEU CD1  C  N N 219 
LEU CD2  C  N N 220 
LEU OXT  O  N N 221 
LEU H    H  N N 222 
LEU H2   H  N N 223 
LEU HA   H  N N 224 
LEU HB2  H  N N 225 
LEU HB3  H  N N 226 
LEU HG   H  N N 227 
LEU HD11 H  N N 228 
LEU HD12 H  N N 229 
LEU HD13 H  N N 230 
LEU HD21 H  N N 231 
LEU HD22 H  N N 232 
LEU HD23 H  N N 233 
LEU HXT  H  N N 234 
LYS N    N  N N 235 
LYS CA   C  N S 236 
LYS C    C  N N 237 
LYS O    O  N N 238 
LYS CB   C  N N 239 
LYS CG   C  N N 240 
LYS CD   C  N N 241 
LYS CE   C  N N 242 
LYS NZ   N  N N 243 
LYS OXT  O  N N 244 
LYS H    H  N N 245 
LYS H2   H  N N 246 
LYS HA   H  N N 247 
LYS HB2  H  N N 248 
LYS HB3  H  N N 249 
LYS HG2  H  N N 250 
LYS HG3  H  N N 251 
LYS HD2  H  N N 252 
LYS HD3  H  N N 253 
LYS HE2  H  N N 254 
LYS HE3  H  N N 255 
LYS HZ1  H  N N 256 
LYS HZ2  H  N N 257 
LYS HZ3  H  N N 258 
LYS HXT  H  N N 259 
MET N    N  N N 260 
MET CA   C  N S 261 
MET C    C  N N 262 
MET O    O  N N 263 
MET CB   C  N N 264 
MET CG   C  N N 265 
MET SD   S  N N 266 
MET CE   C  N N 267 
MET OXT  O  N N 268 
MET H    H  N N 269 
MET H2   H  N N 270 
MET HA   H  N N 271 
MET HB2  H  N N 272 
MET HB3  H  N N 273 
MET HG2  H  N N 274 
MET HG3  H  N N 275 
MET HE1  H  N N 276 
MET HE2  H  N N 277 
MET HE3  H  N N 278 
MET HXT  H  N N 279 
PHE N    N  N N 280 
PHE CA   C  N S 281 
PHE C    C  N N 282 
PHE O    O  N N 283 
PHE CB   C  N N 284 
PHE CG   C  Y N 285 
PHE CD1  C  Y N 286 
PHE CD2  C  Y N 287 
PHE CE1  C  Y N 288 
PHE CE2  C  Y N 289 
PHE CZ   C  Y N 290 
PHE OXT  O  N N 291 
PHE H    H  N N 292 
PHE H2   H  N N 293 
PHE HA   H  N N 294 
PHE HB2  H  N N 295 
PHE HB3  H  N N 296 
PHE HD1  H  N N 297 
PHE HD2  H  N N 298 
PHE HE1  H  N N 299 
PHE HE2  H  N N 300 
PHE HZ   H  N N 301 
PHE HXT  H  N N 302 
PRO N    N  N N 303 
PRO CA   C  N S 304 
PRO C    C  N N 305 
PRO O    O  N N 306 
PRO CB   C  N N 307 
PRO CG   C  N N 308 
PRO CD   C  N N 309 
PRO OXT  O  N N 310 
PRO H    H  N N 311 
PRO HA   H  N N 312 
PRO HB2  H  N N 313 
PRO HB3  H  N N 314 
PRO HG2  H  N N 315 
PRO HG3  H  N N 316 
PRO HD2  H  N N 317 
PRO HD3  H  N N 318 
PRO HXT  H  N N 319 
SER N    N  N N 320 
SER CA   C  N S 321 
SER C    C  N N 322 
SER O    O  N N 323 
SER CB   C  N N 324 
SER OG   O  N N 325 
SER OXT  O  N N 326 
SER H    H  N N 327 
SER H2   H  N N 328 
SER HA   H  N N 329 
SER HB2  H  N N 330 
SER HB3  H  N N 331 
SER HG   H  N N 332 
SER HXT  H  N N 333 
THR N    N  N N 334 
THR CA   C  N S 335 
THR C    C  N N 336 
THR O    O  N N 337 
THR CB   C  N R 338 
THR OG1  O  N N 339 
THR CG2  C  N N 340 
THR OXT  O  N N 341 
THR H    H  N N 342 
THR H2   H  N N 343 
THR HA   H  N N 344 
THR HB   H  N N 345 
THR HG1  H  N N 346 
THR HG21 H  N N 347 
THR HG22 H  N N 348 
THR HG23 H  N N 349 
THR HXT  H  N N 350 
TRP N    N  N N 351 
TRP CA   C  N S 352 
TRP C    C  N N 353 
TRP O    O  N N 354 
TRP CB   C  N N 355 
TRP CG   C  Y N 356 
TRP CD1  C  Y N 357 
TRP CD2  C  Y N 358 
TRP NE1  N  Y N 359 
TRP CE2  C  Y N 360 
TRP CE3  C  Y N 361 
TRP CZ2  C  Y N 362 
TRP CZ3  C  Y N 363 
TRP CH2  C  Y N 364 
TRP OXT  O  N N 365 
TRP H    H  N N 366 
TRP H2   H  N N 367 
TRP HA   H  N N 368 
TRP HB2  H  N N 369 
TRP HB3  H  N N 370 
TRP HD1  H  N N 371 
TRP HE1  H  N N 372 
TRP HE3  H  N N 373 
TRP HZ2  H  N N 374 
TRP HZ3  H  N N 375 
TRP HH2  H  N N 376 
TRP HXT  H  N N 377 
TYR N    N  N N 378 
TYR CA   C  N S 379 
TYR C    C  N N 380 
TYR O    O  N N 381 
TYR CB   C  N N 382 
TYR CG   C  Y N 383 
TYR CD1  C  Y N 384 
TYR CD2  C  Y N 385 
TYR CE1  C  Y N 386 
TYR CE2  C  Y N 387 
TYR CZ   C  Y N 388 
TYR OH   O  N N 389 
TYR OXT  O  N N 390 
TYR H    H  N N 391 
TYR H2   H  N N 392 
TYR HA   H  N N 393 
TYR HB2  H  N N 394 
TYR HB3  H  N N 395 
TYR HD1  H  N N 396 
TYR HD2  H  N N 397 
TYR HE1  H  N N 398 
TYR HE2  H  N N 399 
TYR HH   H  N N 400 
TYR HXT  H  N N 401 
VAL N    N  N N 402 
VAL CA   C  N S 403 
VAL C    C  N N 404 
VAL O    O  N N 405 
VAL CB   C  N N 406 
VAL CG1  C  N N 407 
VAL CG2  C  N N 408 
VAL OXT  O  N N 409 
VAL H    H  N N 410 
VAL H2   H  N N 411 
VAL HA   H  N N 412 
VAL HB   H  N N 413 
VAL HG11 H  N N 414 
VAL HG12 H  N N 415 
VAL HG13 H  N N 416 
VAL HG21 H  N N 417 
VAL HG22 H  N N 418 
VAL HG23 H  N N 419 
VAL HXT  H  N N 420 
# 
loop_
_chem_comp_bond.comp_id 
_chem_comp_bond.atom_id_1 
_chem_comp_bond.atom_id_2 
_chem_comp_bond.value_order 
_chem_comp_bond.pdbx_aromatic_flag 
_chem_comp_bond.pdbx_stereo_config 
_chem_comp_bond.pdbx_ordinal 
4FA C1  C2   doub Y N 1   
4FA C1  C3   sing Y N 2   
4FA C1  C4   sing N N 3   
4FA C2  C5   sing Y N 4   
4FA C2  HC2  sing N N 5   
4FA C3  C6   doub Y N 6   
4FA C3  HC3  sing N N 7   
4FA C4  C13  sing N N 8   
4FA C4  HC41 sing N N 9   
4FA C4  HC42 sing N N 10  
4FA C5  C7   doub Y N 11  
4FA C5  HC5  sing N N 12  
4FA C6  C7   sing Y N 13  
4FA C6  HC6  sing N N 14  
4FA C7  F8   sing N N 15  
4FA C13 O14  sing N N 16  
4FA C13 H131 sing N N 17  
4FA C13 H132 sing N N 18  
4FA O14 H14  sing N N 19  
ALA N   CA   sing N N 20  
ALA N   H    sing N N 21  
ALA N   H2   sing N N 22  
ALA CA  C    sing N N 23  
ALA CA  CB   sing N N 24  
ALA CA  HA   sing N N 25  
ALA C   O    doub N N 26  
ALA C   OXT  sing N N 27  
ALA CB  HB1  sing N N 28  
ALA CB  HB2  sing N N 29  
ALA CB  HB3  sing N N 30  
ALA OXT HXT  sing N N 31  
ARG N   CA   sing N N 32  
ARG N   H    sing N N 33  
ARG N   H2   sing N N 34  
ARG CA  C    sing N N 35  
ARG CA  CB   sing N N 36  
ARG CA  HA   sing N N 37  
ARG C   O    doub N N 38  
ARG C   OXT  sing N N 39  
ARG CB  CG   sing N N 40  
ARG CB  HB2  sing N N 41  
ARG CB  HB3  sing N N 42  
ARG CG  CD   sing N N 43  
ARG CG  HG2  sing N N 44  
ARG CG  HG3  sing N N 45  
ARG CD  NE   sing N N 46  
ARG CD  HD2  sing N N 47  
ARG CD  HD3  sing N N 48  
ARG NE  CZ   sing N N 49  
ARG NE  HE   sing N N 50  
ARG CZ  NH1  sing N N 51  
ARG CZ  NH2  doub N N 52  
ARG NH1 HH11 sing N N 53  
ARG NH1 HH12 sing N N 54  
ARG NH2 HH21 sing N N 55  
ARG NH2 HH22 sing N N 56  
ARG OXT HXT  sing N N 57  
ASN N   CA   sing N N 58  
ASN N   H    sing N N 59  
ASN N   H2   sing N N 60  
ASN CA  C    sing N N 61  
ASN CA  CB   sing N N 62  
ASN CA  HA   sing N N 63  
ASN C   O    doub N N 64  
ASN C   OXT  sing N N 65  
ASN CB  CG   sing N N 66  
ASN CB  HB2  sing N N 67  
ASN CB  HB3  sing N N 68  
ASN CG  OD1  doub N N 69  
ASN CG  ND2  sing N N 70  
ASN ND2 HD21 sing N N 71  
ASN ND2 HD22 sing N N 72  
ASN OXT HXT  sing N N 73  
ASP N   CA   sing N N 74  
ASP N   H    sing N N 75  
ASP N   H2   sing N N 76  
ASP CA  C    sing N N 77  
ASP CA  CB   sing N N 78  
ASP CA  HA   sing N N 79  
ASP C   O    doub N N 80  
ASP C   OXT  sing N N 81  
ASP CB  CG   sing N N 82  
ASP CB  HB2  sing N N 83  
ASP CB  HB3  sing N N 84  
ASP CG  OD1  doub N N 85  
ASP CG  OD2  sing N N 86  
ASP OD2 HD2  sing N N 87  
ASP OXT HXT  sing N N 88  
BME C1  C2   sing N N 89  
BME C1  O1   sing N N 90  
BME C1  H11  sing N N 91  
BME C1  H12  sing N N 92  
BME C2  S2   sing N N 93  
BME C2  H21  sing N N 94  
BME C2  H22  sing N N 95  
BME O1  HO1  sing N N 96  
BME S2  HS2  sing N N 97  
CYS N   CA   sing N N 98  
CYS N   H    sing N N 99  
CYS N   H2   sing N N 100 
CYS CA  C    sing N N 101 
CYS CA  CB   sing N N 102 
CYS CA  HA   sing N N 103 
CYS C   O    doub N N 104 
CYS C   OXT  sing N N 105 
CYS CB  SG   sing N N 106 
CYS CB  HB2  sing N N 107 
CYS CB  HB3  sing N N 108 
CYS SG  HG   sing N N 109 
CYS OXT HXT  sing N N 110 
GLN N   CA   sing N N 111 
GLN N   H    sing N N 112 
GLN N   H2   sing N N 113 
GLN CA  C    sing N N 114 
GLN CA  CB   sing N N 115 
GLN CA  HA   sing N N 116 
GLN C   O    doub N N 117 
GLN C   OXT  sing N N 118 
GLN CB  CG   sing N N 119 
GLN CB  HB2  sing N N 120 
GLN CB  HB3  sing N N 121 
GLN CG  CD   sing N N 122 
GLN CG  HG2  sing N N 123 
GLN CG  HG3  sing N N 124 
GLN CD  OE1  doub N N 125 
GLN CD  NE2  sing N N 126 
GLN NE2 HE21 sing N N 127 
GLN NE2 HE22 sing N N 128 
GLN OXT HXT  sing N N 129 
GLU N   CA   sing N N 130 
GLU N   H    sing N N 131 
GLU N   H2   sing N N 132 
GLU CA  C    sing N N 133 
GLU CA  CB   sing N N 134 
GLU CA  HA   sing N N 135 
GLU C   O    doub N N 136 
GLU C   OXT  sing N N 137 
GLU CB  CG   sing N N 138 
GLU CB  HB2  sing N N 139 
GLU CB  HB3  sing N N 140 
GLU CG  CD   sing N N 141 
GLU CG  HG2  sing N N 142 
GLU CG  HG3  sing N N 143 
GLU CD  OE1  doub N N 144 
GLU CD  OE2  sing N N 145 
GLU OE2 HE2  sing N N 146 
GLU OXT HXT  sing N N 147 
GLY N   CA   sing N N 148 
GLY N   H    sing N N 149 
GLY N   H2   sing N N 150 
GLY CA  C    sing N N 151 
GLY CA  HA2  sing N N 152 
GLY CA  HA3  sing N N 153 
GLY C   O    doub N N 154 
GLY C   OXT  sing N N 155 
GLY OXT HXT  sing N N 156 
HIS N   CA   sing N N 157 
HIS N   H    sing N N 158 
HIS N   H2   sing N N 159 
HIS CA  C    sing N N 160 
HIS CA  CB   sing N N 161 
HIS CA  HA   sing N N 162 
HIS C   O    doub N N 163 
HIS C   OXT  sing N N 164 
HIS CB  CG   sing N N 165 
HIS CB  HB2  sing N N 166 
HIS CB  HB3  sing N N 167 
HIS CG  ND1  sing Y N 168 
HIS CG  CD2  doub Y N 169 
HIS ND1 CE1  doub Y N 170 
HIS ND1 HD1  sing N N 171 
HIS CD2 NE2  sing Y N 172 
HIS CD2 HD2  sing N N 173 
HIS CE1 NE2  sing Y N 174 
HIS CE1 HE1  sing N N 175 
HIS NE2 HE2  sing N N 176 
HIS OXT HXT  sing N N 177 
HOH O   H1   sing N N 178 
HOH O   H2   sing N N 179 
ILE N   CA   sing N N 180 
ILE N   H    sing N N 181 
ILE N   H2   sing N N 182 
ILE CA  C    sing N N 183 
ILE CA  CB   sing N N 184 
ILE CA  HA   sing N N 185 
ILE C   O    doub N N 186 
ILE C   OXT  sing N N 187 
ILE CB  CG1  sing N N 188 
ILE CB  CG2  sing N N 189 
ILE CB  HB   sing N N 190 
ILE CG1 CD1  sing N N 191 
ILE CG1 HG12 sing N N 192 
ILE CG1 HG13 sing N N 193 
ILE CG2 HG21 sing N N 194 
ILE CG2 HG22 sing N N 195 
ILE CG2 HG23 sing N N 196 
ILE CD1 HD11 sing N N 197 
ILE CD1 HD12 sing N N 198 
ILE CD1 HD13 sing N N 199 
ILE OXT HXT  sing N N 200 
LEU N   CA   sing N N 201 
LEU N   H    sing N N 202 
LEU N   H2   sing N N 203 
LEU CA  C    sing N N 204 
LEU CA  CB   sing N N 205 
LEU CA  HA   sing N N 206 
LEU C   O    doub N N 207 
LEU C   OXT  sing N N 208 
LEU CB  CG   sing N N 209 
LEU CB  HB2  sing N N 210 
LEU CB  HB3  sing N N 211 
LEU CG  CD1  sing N N 212 
LEU CG  CD2  sing N N 213 
LEU CG  HG   sing N N 214 
LEU CD1 HD11 sing N N 215 
LEU CD1 HD12 sing N N 216 
LEU CD1 HD13 sing N N 217 
LEU CD2 HD21 sing N N 218 
LEU CD2 HD22 sing N N 219 
LEU CD2 HD23 sing N N 220 
LEU OXT HXT  sing N N 221 
LYS N   CA   sing N N 222 
LYS N   H    sing N N 223 
LYS N   H2   sing N N 224 
LYS CA  C    sing N N 225 
LYS CA  CB   sing N N 226 
LYS CA  HA   sing N N 227 
LYS C   O    doub N N 228 
LYS C   OXT  sing N N 229 
LYS CB  CG   sing N N 230 
LYS CB  HB2  sing N N 231 
LYS CB  HB3  sing N N 232 
LYS CG  CD   sing N N 233 
LYS CG  HG2  sing N N 234 
LYS CG  HG3  sing N N 235 
LYS CD  CE   sing N N 236 
LYS CD  HD2  sing N N 237 
LYS CD  HD3  sing N N 238 
LYS CE  NZ   sing N N 239 
LYS CE  HE2  sing N N 240 
LYS CE  HE3  sing N N 241 
LYS NZ  HZ1  sing N N 242 
LYS NZ  HZ2  sing N N 243 
LYS NZ  HZ3  sing N N 244 
LYS OXT HXT  sing N N 245 
MET N   CA   sing N N 246 
MET N   H    sing N N 247 
MET N   H2   sing N N 248 
MET CA  C    sing N N 249 
MET CA  CB   sing N N 250 
MET CA  HA   sing N N 251 
MET C   O    doub N N 252 
MET C   OXT  sing N N 253 
MET CB  CG   sing N N 254 
MET CB  HB2  sing N N 255 
MET CB  HB3  sing N N 256 
MET CG  SD   sing N N 257 
MET CG  HG2  sing N N 258 
MET CG  HG3  sing N N 259 
MET SD  CE   sing N N 260 
MET CE  HE1  sing N N 261 
MET CE  HE2  sing N N 262 
MET CE  HE3  sing N N 263 
MET OXT HXT  sing N N 264 
PHE N   CA   sing N N 265 
PHE N   H    sing N N 266 
PHE N   H2   sing N N 267 
PHE CA  C    sing N N 268 
PHE CA  CB   sing N N 269 
PHE CA  HA   sing N N 270 
PHE C   O    doub N N 271 
PHE C   OXT  sing N N 272 
PHE CB  CG   sing N N 273 
PHE CB  HB2  sing N N 274 
PHE CB  HB3  sing N N 275 
PHE CG  CD1  doub Y N 276 
PHE CG  CD2  sing Y N 277 
PHE CD1 CE1  sing Y N 278 
PHE CD1 HD1  sing N N 279 
PHE CD2 CE2  doub Y N 280 
PHE CD2 HD2  sing N N 281 
PHE CE1 CZ   doub Y N 282 
PHE CE1 HE1  sing N N 283 
PHE CE2 CZ   sing Y N 284 
PHE CE2 HE2  sing N N 285 
PHE CZ  HZ   sing N N 286 
PHE OXT HXT  sing N N 287 
PRO N   CA   sing N N 288 
PRO N   CD   sing N N 289 
PRO N   H    sing N N 290 
PRO CA  C    sing N N 291 
PRO CA  CB   sing N N 292 
PRO CA  HA   sing N N 293 
PRO C   O    doub N N 294 
PRO C   OXT  sing N N 295 
PRO CB  CG   sing N N 296 
PRO CB  HB2  sing N N 297 
PRO CB  HB3  sing N N 298 
PRO CG  CD   sing N N 299 
PRO CG  HG2  sing N N 300 
PRO CG  HG3  sing N N 301 
PRO CD  HD2  sing N N 302 
PRO CD  HD3  sing N N 303 
PRO OXT HXT  sing N N 304 
SER N   CA   sing N N 305 
SER N   H    sing N N 306 
SER N   H2   sing N N 307 
SER CA  C    sing N N 308 
SER CA  CB   sing N N 309 
SER CA  HA   sing N N 310 
SER C   O    doub N N 311 
SER C   OXT  sing N N 312 
SER CB  OG   sing N N 313 
SER CB  HB2  sing N N 314 
SER CB  HB3  sing N N 315 
SER OG  HG   sing N N 316 
SER OXT HXT  sing N N 317 
THR N   CA   sing N N 318 
THR N   H    sing N N 319 
THR N   H2   sing N N 320 
THR CA  C    sing N N 321 
THR CA  CB   sing N N 322 
THR CA  HA   sing N N 323 
THR C   O    doub N N 324 
THR C   OXT  sing N N 325 
THR CB  OG1  sing N N 326 
THR CB  CG2  sing N N 327 
THR CB  HB   sing N N 328 
THR OG1 HG1  sing N N 329 
THR CG2 HG21 sing N N 330 
THR CG2 HG22 sing N N 331 
THR CG2 HG23 sing N N 332 
THR OXT HXT  sing N N 333 
TRP N   CA   sing N N 334 
TRP N   H    sing N N 335 
TRP N   H2   sing N N 336 
TRP CA  C    sing N N 337 
TRP CA  CB   sing N N 338 
TRP CA  HA   sing N N 339 
TRP C   O    doub N N 340 
TRP C   OXT  sing N N 341 
TRP CB  CG   sing N N 342 
TRP CB  HB2  sing N N 343 
TRP CB  HB3  sing N N 344 
TRP CG  CD1  doub Y N 345 
TRP CG  CD2  sing Y N 346 
TRP CD1 NE1  sing Y N 347 
TRP CD1 HD1  sing N N 348 
TRP CD2 CE2  doub Y N 349 
TRP CD2 CE3  sing Y N 350 
TRP NE1 CE2  sing Y N 351 
TRP NE1 HE1  sing N N 352 
TRP CE2 CZ2  sing Y N 353 
TRP CE3 CZ3  doub Y N 354 
TRP CE3 HE3  sing N N 355 
TRP CZ2 CH2  doub Y N 356 
TRP CZ2 HZ2  sing N N 357 
TRP CZ3 CH2  sing Y N 358 
TRP CZ3 HZ3  sing N N 359 
TRP CH2 HH2  sing N N 360 
TRP OXT HXT  sing N N 361 
TYR N   CA   sing N N 362 
TYR N   H    sing N N 363 
TYR N   H2   sing N N 364 
TYR CA  C    sing N N 365 
TYR CA  CB   sing N N 366 
TYR CA  HA   sing N N 367 
TYR C   O    doub N N 368 
TYR C   OXT  sing N N 369 
TYR CB  CG   sing N N 370 
TYR CB  HB2  sing N N 371 
TYR CB  HB3  sing N N 372 
TYR CG  CD1  doub Y N 373 
TYR CG  CD2  sing Y N 374 
TYR CD1 CE1  sing Y N 375 
TYR CD1 HD1  sing N N 376 
TYR CD2 CE2  doub Y N 377 
TYR CD2 HD2  sing N N 378 
TYR CE1 CZ   doub Y N 379 
TYR CE1 HE1  sing N N 380 
TYR CE2 CZ   sing Y N 381 
TYR CE2 HE2  sing N N 382 
TYR CZ  OH   sing N N 383 
TYR OH  HH   sing N N 384 
TYR OXT HXT  sing N N 385 
VAL N   CA   sing N N 386 
VAL N   H    sing N N 387 
VAL N   H2   sing N N 388 
VAL CA  C    sing N N 389 
VAL CA  CB   sing N N 390 
VAL CA  HA   sing N N 391 
VAL C   O    doub N N 392 
VAL C   OXT  sing N N 393 
VAL CB  CG1  sing N N 394 
VAL CB  CG2  sing N N 395 
VAL CB  HB   sing N N 396 
VAL CG1 HG11 sing N N 397 
VAL CG1 HG12 sing N N 398 
VAL CG1 HG13 sing N N 399 
VAL CG2 HG21 sing N N 400 
VAL CG2 HG22 sing N N 401 
VAL CG2 HG23 sing N N 402 
VAL OXT HXT  sing N N 403 
# 
loop_
_pdbx_entity_nonpoly.entity_id 
_pdbx_entity_nonpoly.name 
_pdbx_entity_nonpoly.comp_id 
2 'CHLORIDE ION'              CL  
3 BETA-MERCAPTOETHANOL        BME 
4 '4-FLUOROPHENETHYL ALCOHOL' 4FA 
5 water                       HOH 
# 
_pdbx_initial_refinement_model.id               1 
_pdbx_initial_refinement_model.entity_id_list   ? 
_pdbx_initial_refinement_model.type             'experimental model' 
_pdbx_initial_refinement_model.source_name      PDB 
_pdbx_initial_refinement_model.accession_code   1LGU 
_pdbx_initial_refinement_model.details          'PDB entry 1LGU' 
# 
